data_3SWO
#
_entry.id   3SWO
#
_cell.length_a   149.670
_cell.length_b   66.870
_cell.length_c   167.460
_cell.angle_alpha   90.00
_cell.angle_beta   107.71
_cell.angle_gamma   90.00
#
_symmetry.space_group_name_H-M   'C 1 2 1'
#
loop_
_entity.id
_entity.type
_entity.pdbx_description
1 polymer 'Glutaryl-CoA dehydrogenase'
2 non-polymer 'DIHYDROFLAVINE-ADENINE DINUCLEOTIDE'
3 non-polymer 1,2-ETHANEDIOL
4 non-polymer 'UNKNOWN ATOM OR ION'
5 water water
#
_entity_poly.entity_id   1
_entity_poly.type   'polypeptide(L)'
_entity_poly.pdbx_seq_one_letter_code
;GSMTLTAPSKKSTYAPLELFDTDRLLDQDERDIAATVRQFVDTRLKPNVEGWFESATLPSELAKEFGNLGVLGMHLQGYG
CAGTNAVSYGLACMELEAGDSGFRSFVSVQGSLSMFSIYRYGSEEQKNEWLPRLAAGDAIGCFGLTEPDFGSNPAGMRTR
ARRDGSDWILNGTKMWITNGNLADVATVWAQTDDGIRGFLVPTDTPGFTANEIHRKLSLRASVTSELVLDNVRLPASAQL
PLAEGLSAPLSCLNEARFGIVFGALGAARDSLETTIAYTQSREVFDKPLSNYQLTQEKLANMTVELGKGMLLAIHLGRIK
DAEGVRPEQISLGKLNNVREAIAIARECRTLLGGSGITLEYSPLRHANNLESVLTYEGTSEMHLLSIGKALTGKAAFRS
;
_entity_poly.pdbx_strand_id   A,B,C,D
#
loop_
_chem_comp.id
_chem_comp.type
_chem_comp.name
_chem_comp.formula
EDO non-polymer 1,2-ETHANEDIOL 'C2 H6 O2'
FDA non-polymer 'DIHYDROFLAVINE-ADENINE DINUCLEOTIDE' 'C27 H35 N9 O15 P2'
UNX non-polymer 'UNKNOWN ATOM OR ION' ?
#
# COMPACT_ATOMS: atom_id res chain seq x y z
N LYS A 11 33.98 -3.64 -6.17
CA LYS A 11 32.81 -3.12 -6.95
C LYS A 11 31.90 -2.12 -6.19
N SER A 12 31.80 -0.89 -6.70
CA SER A 12 31.13 0.21 -5.97
C SER A 12 29.61 0.21 -6.17
N THR A 13 29.14 -0.30 -7.31
CA THR A 13 27.69 -0.30 -7.57
C THR A 13 27.26 -1.58 -8.30
N TYR A 14 26.01 -1.95 -8.08
CA TYR A 14 25.38 -3.09 -8.70
C TYR A 14 24.11 -2.66 -9.39
N ALA A 15 23.84 -3.18 -10.57
CA ALA A 15 22.53 -3.07 -11.18
C ALA A 15 21.53 -3.85 -10.31
N PRO A 16 20.23 -3.53 -10.38
CA PRO A 16 19.25 -4.20 -9.49
C PRO A 16 19.34 -5.72 -9.53
N LEU A 17 19.31 -6.34 -10.71
CA LEU A 17 19.37 -7.80 -10.76
C LEU A 17 20.74 -8.36 -10.50
N GLU A 18 21.79 -7.57 -10.73
CA GLU A 18 23.15 -7.97 -10.35
CA GLU A 18 23.14 -7.96 -10.38
C GLU A 18 23.26 -8.12 -8.86
N LEU A 19 22.55 -7.27 -8.12
CA LEU A 19 22.57 -7.36 -6.66
C LEU A 19 21.97 -8.68 -6.19
N PHE A 20 20.88 -9.11 -6.81
CA PHE A 20 20.29 -10.41 -6.56
C PHE A 20 21.14 -11.55 -7.09
N ASP A 21 21.93 -11.27 -8.11
CA ASP A 21 22.73 -12.26 -8.84
C ASP A 21 21.82 -13.31 -9.46
N THR A 22 20.84 -12.88 -10.25
CA THR A 22 20.01 -13.81 -10.99
C THR A 22 20.75 -14.49 -12.17
N ASP A 23 21.81 -13.87 -12.70
CA ASP A 23 22.58 -14.51 -13.77
C ASP A 23 23.13 -15.86 -13.35
N ARG A 24 23.43 -16.10 -12.07
CA ARG A 24 23.94 -17.39 -11.63
C ARG A 24 22.96 -18.53 -11.84
N LEU A 25 21.68 -18.20 -12.03
CA LEU A 25 20.61 -19.16 -12.29
C LEU A 25 20.42 -19.55 -13.75
N LEU A 26 21.20 -18.92 -14.62
CA LEU A 26 21.05 -19.07 -16.05
C LEU A 26 22.32 -19.67 -16.62
N ASP A 27 22.22 -20.51 -17.64
CA ASP A 27 23.43 -21.00 -18.27
C ASP A 27 23.94 -20.06 -19.36
N GLN A 28 25.10 -20.36 -19.94
CA GLN A 28 25.69 -19.43 -20.90
C GLN A 28 24.83 -19.23 -22.13
N ASP A 29 24.21 -20.30 -22.63
CA ASP A 29 23.38 -20.20 -23.81
C ASP A 29 22.18 -19.28 -23.57
N GLU A 30 21.59 -19.40 -22.37
CA GLU A 30 20.46 -18.55 -21.99
C GLU A 30 20.90 -17.09 -21.87
N ARG A 31 22.04 -16.83 -21.23
CA ARG A 31 22.54 -15.46 -21.11
CA ARG A 31 22.53 -15.46 -21.11
C ARG A 31 22.90 -14.90 -22.48
N ASP A 32 23.41 -15.75 -23.39
CA ASP A 32 23.75 -15.29 -24.74
C ASP A 32 22.49 -14.87 -25.52
N ILE A 33 21.41 -15.61 -25.34
CA ILE A 33 20.12 -15.26 -25.97
C ILE A 33 19.63 -13.92 -25.45
N ALA A 34 19.64 -13.74 -24.13
CA ALA A 34 19.25 -12.44 -23.59
C ALA A 34 20.09 -11.33 -24.20
N ALA A 35 21.40 -11.51 -24.25
CA ALA A 35 22.27 -10.45 -24.76
C ALA A 35 22.03 -10.18 -26.25
N THR A 36 21.76 -11.22 -27.01
CA THR A 36 21.49 -11.09 -28.44
C THR A 36 20.21 -10.30 -28.69
N VAL A 37 19.16 -10.61 -27.95
CA VAL A 37 17.91 -9.90 -28.13
C VAL A 37 18.05 -8.47 -27.62
N ARG A 38 18.74 -8.26 -26.50
CA ARG A 38 18.94 -6.90 -25.98
C ARG A 38 19.69 -6.04 -27.00
N GLN A 39 20.68 -6.60 -27.68
CA GLN A 39 21.45 -5.81 -28.63
CA GLN A 39 21.46 -5.86 -28.68
C GLN A 39 20.59 -5.48 -29.87
N PHE A 40 19.75 -6.42 -30.30
CA PHE A 40 18.77 -6.18 -31.36
C PHE A 40 17.80 -5.04 -30.97
N VAL A 41 17.25 -5.12 -29.76
CA VAL A 41 16.34 -4.09 -29.29
C VAL A 41 17.06 -2.73 -29.29
N ASP A 42 18.27 -2.70 -28.73
CA ASP A 42 19.04 -1.45 -28.61
C ASP A 42 19.36 -0.82 -29.96
N THR A 43 19.72 -1.63 -30.93
CA THR A 43 20.20 -1.09 -32.20
C THR A 43 19.09 -0.87 -33.20
N ARG A 44 18.13 -1.78 -33.28
CA ARG A 44 17.10 -1.72 -34.31
C ARG A 44 15.79 -1.06 -33.88
N LEU A 45 15.38 -1.26 -32.64
CA LEU A 45 14.04 -0.86 -32.20
C LEU A 45 14.07 0.44 -31.40
N LYS A 46 14.96 0.57 -30.44
CA LYS A 46 14.98 1.74 -29.58
C LYS A 46 15.11 3.06 -30.30
N PRO A 47 15.88 3.14 -31.41
CA PRO A 47 15.97 4.47 -32.07
C PRO A 47 14.66 4.96 -32.70
N ASN A 48 13.71 4.05 -32.86
CA ASN A 48 12.46 4.33 -33.55
C ASN A 48 11.23 4.33 -32.62
N VAL A 49 11.38 3.86 -31.38
CA VAL A 49 10.21 3.59 -30.57
C VAL A 49 9.40 4.87 -30.21
N GLU A 50 10.08 5.98 -29.96
CA GLU A 50 9.37 7.21 -29.59
CA GLU A 50 9.39 7.22 -29.60
C GLU A 50 8.44 7.61 -30.75
N GLY A 51 8.95 7.62 -31.97
CA GLY A 51 8.13 7.95 -33.13
C GLY A 51 7.02 6.98 -33.39
N TRP A 52 7.30 5.69 -33.20
CA TRP A 52 6.26 4.67 -33.39
C TRP A 52 5.13 4.84 -32.36
N PHE A 53 5.48 5.14 -31.13
CA PHE A 53 4.45 5.31 -30.09
C PHE A 53 3.62 6.58 -30.35
N GLU A 54 4.29 7.72 -30.60
CA GLU A 54 3.57 8.94 -30.89
C GLU A 54 2.63 8.80 -32.07
N SER A 55 3.11 8.20 -33.15
CA SER A 55 2.33 8.05 -34.38
C SER A 55 1.34 6.89 -34.33
N ALA A 56 1.44 6.08 -33.29
CA ALA A 56 0.63 4.87 -33.14
C ALA A 56 0.78 3.88 -34.31
N THR A 57 2.04 3.54 -34.57
CA THR A 57 2.36 2.56 -35.61
C THR A 57 3.38 1.52 -35.13
N LEU A 58 3.30 0.30 -35.67
CA LEU A 58 4.37 -0.71 -35.49
C LEU A 58 4.48 -1.37 -36.86
N PRO A 59 5.54 -1.03 -37.61
CA PRO A 59 5.64 -1.47 -39.02
C PRO A 59 5.59 -2.97 -39.22
N SER A 60 4.84 -3.42 -40.23
CA SER A 60 4.67 -4.84 -40.48
CA SER A 60 4.66 -4.85 -40.52
C SER A 60 5.98 -5.52 -40.87
N GLU A 61 6.91 -4.76 -41.46
CA GLU A 61 8.30 -5.25 -41.75
C GLU A 61 9.01 -5.86 -40.55
N LEU A 62 8.61 -5.43 -39.35
CA LEU A 62 9.20 -6.05 -38.17
C LEU A 62 8.90 -7.52 -38.08
N ALA A 63 7.78 -8.03 -38.64
CA ALA A 63 7.55 -9.47 -38.62
C ALA A 63 8.74 -10.26 -39.16
N LYS A 64 9.24 -9.87 -40.33
CA LYS A 64 10.36 -10.57 -40.92
C LYS A 64 11.67 -10.41 -40.12
N GLU A 65 11.86 -9.24 -39.54
CA GLU A 65 13.02 -8.98 -38.67
C GLU A 65 12.97 -9.85 -37.41
N PHE A 66 11.81 -9.94 -36.78
CA PHE A 66 11.67 -10.84 -35.63
C PHE A 66 11.87 -12.29 -36.08
N GLY A 67 11.35 -12.66 -37.27
CA GLY A 67 11.52 -14.01 -37.76
C GLY A 67 12.97 -14.36 -37.95
N ASN A 68 13.73 -13.45 -38.59
CA ASN A 68 15.15 -13.67 -38.83
C ASN A 68 15.93 -13.76 -37.53
N LEU A 69 15.51 -12.98 -36.54
CA LEU A 69 16.09 -13.00 -35.18
C LEU A 69 15.91 -14.37 -34.52
N GLY A 70 14.83 -15.05 -34.84
CA GLY A 70 14.58 -16.40 -34.35
C GLY A 70 13.51 -16.49 -33.28
N VAL A 71 12.84 -15.40 -32.96
CA VAL A 71 11.98 -15.36 -31.77
C VAL A 71 10.56 -15.85 -32.01
N LEU A 72 10.16 -16.02 -33.27
CA LEU A 72 8.75 -16.35 -33.61
C LEU A 72 8.57 -17.86 -33.56
N GLY A 73 7.79 -18.31 -32.56
CA GLY A 73 7.69 -19.73 -32.31
C GLY A 73 8.96 -20.34 -31.75
N MET A 74 9.75 -19.55 -31.02
CA MET A 74 11.09 -19.99 -30.64
C MET A 74 11.11 -21.26 -29.78
N HIS A 75 10.09 -21.48 -28.94
CA HIS A 75 10.06 -22.65 -28.06
C HIS A 75 9.48 -23.88 -28.76
N LEU A 76 8.88 -23.69 -29.95
CA LEU A 76 8.33 -24.81 -30.71
C LEU A 76 9.45 -25.54 -31.47
N GLN A 77 9.14 -26.78 -31.87
CA GLN A 77 10.08 -27.64 -32.61
CA GLN A 77 10.08 -27.64 -32.59
C GLN A 77 9.64 -27.88 -34.03
N GLY A 78 10.58 -27.88 -34.97
CA GLY A 78 10.24 -28.11 -36.35
C GLY A 78 9.79 -26.86 -37.05
N TYR A 79 9.47 -26.96 -38.35
CA TYR A 79 8.92 -25.86 -39.12
C TYR A 79 9.80 -24.63 -39.19
N GLY A 80 11.09 -24.81 -39.00
CA GLY A 80 12.03 -23.68 -38.98
C GLY A 80 12.05 -22.92 -37.66
N CYS A 81 11.36 -23.44 -36.65
CA CYS A 81 11.39 -22.84 -35.32
C CYS A 81 12.71 -23.14 -34.60
N ALA A 82 13.09 -22.26 -33.67
CA ALA A 82 14.38 -22.34 -32.99
C ALA A 82 14.54 -23.55 -32.06
N GLY A 83 13.43 -24.05 -31.50
CA GLY A 83 13.48 -25.16 -30.57
C GLY A 83 14.24 -24.89 -29.29
N THR A 84 14.13 -23.68 -28.76
CA THR A 84 14.74 -23.37 -27.48
C THR A 84 13.91 -23.90 -26.32
N ASN A 85 14.50 -23.91 -25.14
CA ASN A 85 13.73 -24.15 -23.92
C ASN A 85 12.81 -22.98 -23.55
N ALA A 86 11.98 -23.18 -22.52
CA ALA A 86 11.02 -22.14 -22.13
C ALA A 86 11.72 -21.00 -21.47
N VAL A 87 12.73 -21.24 -20.63
CA VAL A 87 13.46 -20.13 -20.00
C VAL A 87 14.02 -19.18 -21.04
N SER A 88 14.54 -19.71 -22.15
CA SER A 88 15.08 -18.83 -23.21
C SER A 88 14.00 -18.00 -23.88
N TYR A 89 12.83 -18.57 -24.13
CA TYR A 89 11.69 -17.81 -24.66
C TYR A 89 11.36 -16.70 -23.66
N GLY A 90 11.29 -17.00 -22.38
CA GLY A 90 11.06 -15.99 -21.37
C GLY A 90 12.05 -14.84 -21.41
N LEU A 91 13.33 -15.17 -21.49
CA LEU A 91 14.36 -14.13 -21.54
C LEU A 91 14.21 -13.26 -22.80
N ALA A 92 13.89 -13.85 -23.95
CA ALA A 92 13.67 -13.10 -25.16
C ALA A 92 12.48 -12.14 -24.98
N CYS A 93 11.40 -12.60 -24.38
CA CYS A 93 10.24 -11.76 -24.12
C CYS A 93 10.64 -10.61 -23.18
N MET A 94 11.41 -10.89 -22.14
CA MET A 94 11.89 -9.87 -21.22
C MET A 94 12.62 -8.79 -21.98
N GLU A 95 13.52 -9.17 -22.87
CA GLU A 95 14.31 -8.18 -23.61
C GLU A 95 13.46 -7.41 -24.60
N LEU A 96 12.52 -8.09 -25.25
CA LEU A 96 11.66 -7.38 -26.20
C LEU A 96 10.84 -6.30 -25.47
N GLU A 97 10.24 -6.68 -24.34
CA GLU A 97 9.39 -5.77 -23.57
C GLU A 97 10.17 -4.61 -22.92
N ALA A 98 11.43 -4.85 -22.54
CA ALA A 98 12.30 -3.78 -22.11
C ALA A 98 12.39 -2.72 -23.20
N GLY A 99 12.37 -3.13 -24.47
CA GLY A 99 12.15 -2.20 -25.56
C GLY A 99 10.82 -1.54 -25.48
N ASP A 100 9.77 -2.32 -25.68
CA ASP A 100 8.39 -1.85 -25.59
C ASP A 100 7.48 -3.06 -25.57
N SER A 101 6.41 -2.99 -24.78
CA SER A 101 5.43 -4.08 -24.72
C SER A 101 4.81 -4.38 -26.07
N GLY A 102 4.72 -3.45 -26.99
CA GLY A 102 4.20 -3.77 -28.33
C GLY A 102 5.09 -4.74 -29.08
N PHE A 103 6.40 -4.71 -28.84
CA PHE A 103 7.31 -5.66 -29.48
C PHE A 103 7.03 -7.06 -28.93
N ARG A 104 6.95 -7.19 -27.60
CA ARG A 104 6.67 -8.48 -26.99
C ARG A 104 5.28 -8.98 -27.34
N SER A 105 4.28 -8.11 -27.38
CA SER A 105 2.91 -8.48 -27.75
C SER A 105 2.86 -9.11 -29.15
N PHE A 106 3.61 -8.53 -30.09
CA PHE A 106 3.62 -9.07 -31.45
C PHE A 106 4.06 -10.53 -31.38
N VAL A 107 5.15 -10.75 -30.66
CA VAL A 107 5.76 -12.07 -30.58
C VAL A 107 4.87 -13.05 -29.79
N SER A 108 4.26 -12.62 -28.70
CA SER A 108 3.28 -13.43 -27.94
C SER A 108 2.19 -13.95 -28.84
N VAL A 109 1.62 -13.06 -29.63
CA VAL A 109 0.53 -13.43 -30.53
C VAL A 109 1.02 -14.38 -31.61
N GLN A 110 2.11 -14.02 -32.26
CA GLN A 110 2.57 -14.83 -33.39
C GLN A 110 2.89 -16.25 -32.94
N GLY A 111 3.65 -16.40 -31.86
CA GLY A 111 4.14 -17.72 -31.44
C GLY A 111 3.19 -18.47 -30.54
N SER A 112 3.00 -17.96 -29.34
CA SER A 112 2.23 -18.64 -28.30
C SER A 112 0.74 -18.70 -28.51
N LEU A 113 0.17 -17.82 -29.34
CA LEU A 113 -1.26 -17.84 -29.62
C LEU A 113 -1.53 -18.43 -31.01
N SER A 114 -1.12 -17.74 -32.08
CA SER A 114 -1.39 -18.20 -33.45
C SER A 114 -0.66 -19.51 -33.79
N MET A 115 0.67 -19.50 -33.79
CA MET A 115 1.39 -20.71 -34.14
C MET A 115 1.04 -21.85 -33.22
N PHE A 116 1.04 -21.62 -31.92
CA PHE A 116 0.75 -22.70 -30.97
C PHE A 116 -0.65 -23.31 -31.20
N SER A 117 -1.64 -22.49 -31.49
CA SER A 117 -2.98 -23.02 -31.78
C SER A 117 -2.93 -24.06 -32.90
N ILE A 118 -2.18 -23.78 -33.94
CA ILE A 118 -2.03 -24.66 -35.09
C ILE A 118 -1.14 -25.87 -34.75
N TYR A 119 -0.01 -25.61 -34.09
CA TYR A 119 0.92 -26.64 -33.66
C TYR A 119 0.27 -27.69 -32.76
N ARG A 120 -0.53 -27.26 -31.81
CA ARG A 120 -1.18 -28.16 -30.86
C ARG A 120 -2.44 -28.80 -31.43
N TYR A 121 -3.30 -28.03 -32.09
CA TYR A 121 -4.65 -28.48 -32.42
C TYR A 121 -4.90 -28.68 -33.90
N GLY A 122 -3.93 -28.37 -34.74
CA GLY A 122 -4.14 -28.38 -36.17
C GLY A 122 -3.93 -29.73 -36.80
N SER A 123 -4.40 -29.85 -38.04
CA SER A 123 -4.06 -30.99 -38.88
C SER A 123 -2.65 -30.82 -39.43
N GLU A 124 -2.11 -31.91 -39.97
CA GLU A 124 -0.81 -31.87 -40.66
CA GLU A 124 -0.79 -31.81 -40.56
C GLU A 124 -0.80 -30.84 -41.77
N GLU A 125 -1.91 -30.78 -42.52
CA GLU A 125 -2.05 -29.86 -43.66
C GLU A 125 -1.93 -28.40 -43.18
N GLN A 126 -2.59 -28.08 -42.07
CA GLN A 126 -2.57 -26.70 -41.52
C GLN A 126 -1.18 -26.34 -41.06
N LYS A 127 -0.51 -27.26 -40.38
CA LYS A 127 0.84 -27.03 -39.91
C LYS A 127 1.78 -26.76 -41.06
N ASN A 128 1.70 -27.59 -42.09
CA ASN A 128 2.58 -27.42 -43.24
C ASN A 128 2.28 -26.13 -43.99
N GLU A 129 1.01 -25.74 -44.07
CA GLU A 129 0.61 -24.56 -44.83
C GLU A 129 1.11 -23.27 -44.14
N TRP A 130 0.99 -23.22 -42.81
CA TRP A 130 1.17 -21.97 -42.06
C TRP A 130 2.44 -21.88 -41.21
N LEU A 131 2.86 -22.95 -40.53
CA LEU A 131 3.88 -22.76 -39.53
C LEU A 131 5.23 -22.27 -40.05
N PRO A 132 5.70 -22.79 -41.19
CA PRO A 132 7.01 -22.27 -41.66
C PRO A 132 6.99 -20.75 -41.98
N ARG A 133 5.92 -20.29 -42.61
CA ARG A 133 5.81 -18.87 -42.90
C ARG A 133 5.66 -18.04 -41.65
N LEU A 134 4.90 -18.53 -40.68
CA LEU A 134 4.73 -17.79 -39.44
C LEU A 134 6.04 -17.70 -38.67
N ALA A 135 6.77 -18.82 -38.60
CA ALA A 135 8.09 -18.83 -37.96
C ALA A 135 9.06 -17.84 -38.59
N ALA A 136 8.99 -17.71 -39.93
CA ALA A 136 9.91 -16.84 -40.66
C ALA A 136 9.46 -15.39 -40.58
N GLY A 137 8.21 -15.14 -40.20
CA GLY A 137 7.62 -13.82 -40.28
C GLY A 137 7.24 -13.39 -41.69
N ASP A 138 7.10 -14.38 -42.57
CA ASP A 138 6.58 -14.17 -43.94
C ASP A 138 5.05 -14.11 -44.00
N ALA A 139 4.39 -14.60 -42.95
CA ALA A 139 2.97 -14.46 -42.72
C ALA A 139 2.80 -13.99 -41.29
N ILE A 140 1.63 -13.40 -41.00
CA ILE A 140 1.27 -12.89 -39.69
C ILE A 140 -0.04 -13.55 -39.25
N GLY A 141 -0.09 -14.01 -38.00
CA GLY A 141 -1.27 -14.59 -37.41
C GLY A 141 -1.90 -13.73 -36.34
N CYS A 142 -3.16 -13.99 -36.05
CA CYS A 142 -3.87 -13.39 -34.92
C CYS A 142 -4.79 -14.40 -34.26
N PHE A 143 -5.27 -14.04 -33.09
CA PHE A 143 -5.98 -14.96 -32.19
C PHE A 143 -7.22 -14.25 -31.70
N GLY A 144 -8.36 -14.65 -32.22
CA GLY A 144 -9.64 -14.02 -31.95
C GLY A 144 -10.45 -14.76 -30.93
N LEU A 145 -10.24 -14.43 -29.65
CA LEU A 145 -11.03 -15.00 -28.56
C LEU A 145 -12.04 -13.98 -27.98
N THR A 146 -11.52 -12.87 -27.49
CA THR A 146 -12.29 -11.78 -26.88
C THR A 146 -13.34 -11.21 -27.79
N GLU A 147 -14.50 -10.92 -27.21
CA GLU A 147 -15.59 -10.25 -27.92
C GLU A 147 -15.91 -8.94 -27.20
N PRO A 148 -16.61 -8.00 -27.85
CA PRO A 148 -16.97 -6.81 -27.12
C PRO A 148 -17.67 -7.06 -25.77
N ASP A 149 -18.52 -8.08 -25.70
CA ASP A 149 -19.30 -8.36 -24.48
C ASP A 149 -18.65 -9.40 -23.57
N PHE A 150 -17.56 -10.05 -24.00
CA PHE A 150 -17.00 -11.21 -23.26
C PHE A 150 -15.49 -11.24 -23.36
N GLY A 151 -14.82 -10.95 -22.25
CA GLY A 151 -13.36 -10.92 -22.18
C GLY A 151 -12.87 -11.82 -21.05
N SER A 152 -13.12 -11.41 -19.80
CA SER A 152 -12.79 -12.25 -18.66
C SER A 152 -13.59 -13.55 -18.62
N ASN A 153 -14.78 -13.57 -19.26
CA ASN A 153 -15.64 -14.75 -19.35
C ASN A 153 -15.82 -15.27 -20.78
N PRO A 154 -14.75 -15.84 -21.36
CA PRO A 154 -14.88 -16.36 -22.72
C PRO A 154 -15.82 -17.53 -22.86
N ALA A 155 -16.12 -18.25 -21.77
CA ALA A 155 -17.18 -19.26 -21.83
C ALA A 155 -18.52 -18.73 -22.36
N GLY A 156 -18.77 -17.42 -22.21
CA GLY A 156 -20.01 -16.80 -22.65
C GLY A 156 -20.03 -16.30 -24.11
N MET A 157 -18.96 -16.59 -24.85
CA MET A 157 -18.82 -16.07 -26.22
C MET A 157 -20.02 -16.37 -27.09
N ARG A 158 -20.35 -15.41 -27.94
CA ARG A 158 -21.50 -15.53 -28.84
C ARG A 158 -21.16 -15.69 -30.33
N THR A 159 -19.90 -15.56 -30.74
CA THR A 159 -19.52 -15.86 -32.11
C THR A 159 -19.90 -17.31 -32.32
N ARG A 160 -20.51 -17.63 -33.47
CA ARG A 160 -21.04 -18.95 -33.69
C ARG A 160 -20.63 -19.48 -35.03
N ALA A 161 -20.36 -20.78 -35.06
CA ALA A 161 -20.09 -21.54 -36.26
C ALA A 161 -21.21 -22.57 -36.38
N ARG A 162 -21.88 -22.54 -37.54
CA ARG A 162 -22.94 -23.50 -37.83
CA ARG A 162 -22.98 -23.44 -37.87
C ARG A 162 -22.60 -24.30 -39.05
N ARG A 163 -22.97 -25.58 -39.04
CA ARG A 163 -22.68 -26.45 -40.17
C ARG A 163 -23.63 -26.16 -41.33
N ASP A 164 -23.11 -26.26 -42.55
CA ASP A 164 -23.93 -26.25 -43.76
C ASP A 164 -23.37 -27.38 -44.61
N GLY A 165 -24.03 -28.54 -44.58
CA GLY A 165 -23.45 -29.75 -45.13
C GLY A 165 -22.12 -30.04 -44.51
N SER A 166 -21.10 -30.18 -45.34
CA SER A 166 -19.75 -30.48 -44.89
C SER A 166 -19.02 -29.22 -44.43
N ASP A 167 -19.52 -28.04 -44.84
CA ASP A 167 -18.93 -26.65 -44.70
C ASP A 167 -19.39 -26.04 -43.34
N TRP A 168 -18.81 -24.89 -43.03
CA TRP A 168 -19.15 -24.08 -41.88
C TRP A 168 -19.50 -22.64 -42.28
N ILE A 169 -20.37 -22.02 -41.50
CA ILE A 169 -20.68 -20.60 -41.61
CA ILE A 169 -20.72 -20.60 -41.60
C ILE A 169 -20.46 -19.95 -40.25
N LEU A 170 -19.62 -18.93 -40.21
CA LEU A 170 -19.29 -18.21 -38.99
C LEU A 170 -19.86 -16.80 -39.00
N ASN A 171 -20.38 -16.39 -37.84
CA ASN A 171 -20.89 -15.05 -37.62
C ASN A 171 -20.51 -14.58 -36.22
N GLY A 172 -19.96 -13.37 -36.11
CA GLY A 172 -19.70 -12.81 -34.79
C GLY A 172 -18.72 -11.68 -34.86
N THR A 173 -18.44 -11.07 -33.71
CA THR A 173 -17.47 -9.99 -33.62
C THR A 173 -16.46 -10.31 -32.52
N LYS A 174 -15.19 -10.15 -32.83
CA LYS A 174 -14.10 -10.23 -31.88
C LYS A 174 -13.54 -8.82 -31.69
N MET A 175 -12.98 -8.58 -30.51
CA MET A 175 -12.52 -7.23 -30.17
C MET A 175 -11.19 -7.27 -29.42
N TRP A 176 -10.40 -6.20 -29.60
CA TRP A 176 -9.09 -6.06 -28.96
C TRP A 176 -8.10 -7.11 -29.52
N ILE A 177 -8.15 -7.40 -30.82
CA ILE A 177 -7.37 -8.49 -31.39
C ILE A 177 -6.04 -7.98 -31.95
N THR A 178 -4.96 -8.28 -31.26
CA THR A 178 -3.63 -7.84 -31.68
C THR A 178 -3.30 -8.41 -33.03
N ASN A 179 -2.77 -7.58 -33.90
CA ASN A 179 -2.40 -7.92 -35.27
C ASN A 179 -3.56 -8.24 -36.17
N GLY A 180 -4.80 -7.93 -35.76
CA GLY A 180 -5.94 -8.31 -36.61
C GLY A 180 -5.82 -7.76 -38.00
N ASN A 181 -5.45 -6.48 -38.14
CA ASN A 181 -5.40 -5.82 -39.46
C ASN A 181 -4.18 -6.20 -40.28
N LEU A 182 -3.17 -6.82 -39.66
CA LEU A 182 -1.98 -7.27 -40.37
C LEU A 182 -2.02 -8.74 -40.76
N ALA A 183 -2.91 -9.51 -40.13
CA ALA A 183 -2.85 -10.95 -40.21
C ALA A 183 -3.26 -11.47 -41.56
N ASP A 184 -2.58 -12.54 -41.94
CA ASP A 184 -2.97 -13.39 -43.08
C ASP A 184 -3.96 -14.47 -42.67
N VAL A 185 -3.87 -14.91 -41.42
CA VAL A 185 -4.72 -15.97 -40.88
C VAL A 185 -5.13 -15.61 -39.46
N ALA A 186 -6.38 -15.90 -39.11
CA ALA A 186 -6.92 -15.69 -37.77
C ALA A 186 -7.38 -17.01 -37.22
N THR A 187 -6.96 -17.33 -36.00
CA THR A 187 -7.54 -18.42 -35.24
C THR A 187 -8.74 -17.83 -34.52
N VAL A 188 -9.93 -18.27 -34.93
CA VAL A 188 -11.16 -17.70 -34.42
C VAL A 188 -11.88 -18.78 -33.62
N TRP A 189 -12.22 -18.44 -32.39
CA TRP A 189 -12.92 -19.32 -31.45
C TRP A 189 -14.41 -19.00 -31.51
N ALA A 190 -15.24 -20.05 -31.66
CA ALA A 190 -16.68 -19.91 -31.82
C ALA A 190 -17.42 -20.99 -31.06
N GLN A 191 -18.63 -20.65 -30.64
CA GLN A 191 -19.56 -21.62 -30.08
C GLN A 191 -20.20 -22.42 -31.22
N THR A 192 -20.44 -23.71 -30.98
CA THR A 192 -21.16 -24.58 -31.91
C THR A 192 -22.20 -25.37 -31.12
N ASP A 193 -23.02 -26.14 -31.83
CA ASP A 193 -23.98 -27.02 -31.15
C ASP A 193 -23.31 -28.01 -30.21
N ASP A 194 -22.04 -28.34 -30.44
CA ASP A 194 -21.32 -29.33 -29.64
C ASP A 194 -20.26 -28.71 -28.72
N GLY A 195 -20.25 -27.39 -28.62
CA GLY A 195 -19.30 -26.71 -27.76
C GLY A 195 -18.33 -25.84 -28.54
N ILE A 196 -17.41 -25.22 -27.80
CA ILE A 196 -16.49 -24.26 -28.40
C ILE A 196 -15.50 -24.96 -29.32
N ARG A 197 -15.29 -24.40 -30.52
CA ARG A 197 -14.38 -24.93 -31.51
C ARG A 197 -13.52 -23.79 -32.07
N GLY A 198 -12.44 -24.17 -32.71
CA GLY A 198 -11.51 -23.22 -33.32
C GLY A 198 -11.39 -23.43 -34.83
N PHE A 199 -11.26 -22.31 -35.55
CA PHE A 199 -11.20 -22.29 -37.00
C PHE A 199 -10.03 -21.41 -37.47
N LEU A 200 -9.32 -21.83 -38.50
CA LEU A 200 -8.37 -20.99 -39.20
C LEU A 200 -9.10 -20.26 -40.31
N VAL A 201 -9.16 -18.94 -40.20
CA VAL A 201 -9.89 -18.09 -41.13
C VAL A 201 -8.85 -17.25 -41.90
N PRO A 202 -8.64 -17.57 -43.19
CA PRO A 202 -7.82 -16.67 -44.01
C PRO A 202 -8.49 -15.31 -44.03
N THR A 203 -7.69 -14.27 -43.82
CA THR A 203 -8.28 -12.95 -43.62
C THR A 203 -8.82 -12.28 -44.89
N ASP A 204 -8.60 -12.90 -46.05
CA ASP A 204 -9.22 -12.47 -47.31
C ASP A 204 -10.51 -13.23 -47.62
N THR A 205 -11.04 -13.98 -46.66
CA THR A 205 -12.29 -14.70 -46.88
C THR A 205 -13.41 -13.65 -46.95
N PRO A 206 -14.28 -13.72 -47.96
CA PRO A 206 -15.40 -12.81 -47.95
C PRO A 206 -16.24 -12.93 -46.70
N GLY A 207 -16.57 -11.77 -46.13
CA GLY A 207 -17.31 -11.73 -44.88
C GLY A 207 -16.45 -11.42 -43.68
N PHE A 208 -15.13 -11.54 -43.84
CA PHE A 208 -14.17 -11.25 -42.74
C PHE A 208 -13.59 -9.84 -42.92
N THR A 209 -13.82 -8.96 -41.94
CA THR A 209 -13.28 -7.61 -41.96
C THR A 209 -12.56 -7.32 -40.64
N ALA A 210 -11.39 -6.68 -40.77
CA ALA A 210 -10.64 -6.17 -39.61
C ALA A 210 -10.64 -4.64 -39.63
N ASN A 211 -11.03 -4.07 -38.51
CA ASN A 211 -11.07 -2.62 -38.34
C ASN A 211 -10.09 -2.18 -37.22
N GLU A 212 -9.15 -1.30 -37.56
CA GLU A 212 -8.12 -0.95 -36.60
C GLU A 212 -8.67 -0.02 -35.54
N ILE A 213 -8.22 -0.24 -34.31
CA ILE A 213 -8.59 0.59 -33.14
C ILE A 213 -7.55 1.69 -33.00
N HIS A 214 -8.04 2.91 -32.89
CA HIS A 214 -7.20 4.12 -32.76
C HIS A 214 -7.48 4.76 -31.41
N ARG A 215 -6.77 5.85 -31.12
CA ARG A 215 -6.95 6.61 -29.87
C ARG A 215 -6.72 5.77 -28.62
N LYS A 216 -5.78 4.84 -28.72
CA LYS A 216 -5.24 4.17 -27.55
C LYS A 216 -4.23 5.06 -26.83
N LEU A 217 -4.21 4.98 -25.50
CA LEU A 217 -3.13 5.57 -24.70
C LEU A 217 -2.10 4.55 -24.29
N SER A 218 -2.44 3.26 -24.48
CA SER A 218 -1.60 2.11 -24.12
C SER A 218 -1.38 1.30 -25.37
N LEU A 219 -0.19 0.75 -25.55
CA LEU A 219 0.10 -0.14 -26.70
C LEU A 219 -0.16 0.57 -28.03
N ARG A 220 0.25 1.83 -28.09
CA ARG A 220 0.18 2.58 -29.34
C ARG A 220 1.12 2.00 -30.39
N ALA A 221 2.25 1.42 -29.99
CA ALA A 221 3.19 0.81 -30.94
C ALA A 221 2.84 -0.67 -31.09
N SER A 222 1.62 -0.88 -31.58
CA SER A 222 1.03 -2.22 -31.74
C SER A 222 -0.23 -2.03 -32.56
N VAL A 223 -0.61 -3.04 -33.34
CA VAL A 223 -1.87 -3.08 -34.08
C VAL A 223 -2.89 -3.83 -33.30
N THR A 224 -4.02 -3.22 -33.01
CA THR A 224 -5.12 -3.85 -32.28
C THR A 224 -6.40 -3.61 -33.07
N SER A 225 -7.23 -4.64 -33.21
CA SER A 225 -8.35 -4.61 -34.15
C SER A 225 -9.67 -5.15 -33.63
N GLU A 226 -10.74 -4.70 -34.26
CA GLU A 226 -12.02 -5.38 -34.22
C GLU A 226 -12.10 -6.32 -35.43
N LEU A 227 -12.59 -7.54 -35.23
CA LEU A 227 -12.86 -8.46 -36.33
C LEU A 227 -14.37 -8.65 -36.44
N VAL A 228 -14.92 -8.46 -37.63
CA VAL A 228 -16.34 -8.70 -37.86
C VAL A 228 -16.46 -9.81 -38.89
N LEU A 229 -17.18 -10.86 -38.53
CA LEU A 229 -17.42 -12.01 -39.40
C LEU A 229 -18.91 -12.03 -39.73
N ASP A 230 -19.23 -11.81 -41.00
CA ASP A 230 -20.61 -11.80 -41.49
C ASP A 230 -20.70 -12.85 -42.59
N ASN A 231 -21.36 -13.96 -42.27
CA ASN A 231 -21.62 -15.05 -43.25
C ASN A 231 -20.32 -15.52 -43.88
N VAL A 232 -19.33 -15.76 -43.02
CA VAL A 232 -18.04 -16.29 -43.44
C VAL A 232 -18.16 -17.81 -43.66
N ARG A 233 -18.01 -18.23 -44.91
CA ARG A 233 -18.09 -19.64 -45.28
C ARG A 233 -16.70 -20.25 -45.31
N LEU A 234 -16.56 -21.41 -44.67
CA LEU A 234 -15.29 -22.16 -44.63
C LEU A 234 -15.51 -23.63 -44.90
N PRO A 235 -14.51 -24.30 -45.47
CA PRO A 235 -14.58 -25.74 -45.66
C PRO A 235 -14.38 -26.49 -44.34
N ALA A 236 -14.80 -27.75 -44.33
CA ALA A 236 -14.56 -28.61 -43.19
C ALA A 236 -13.10 -28.59 -42.72
N SER A 237 -12.19 -28.52 -43.66
CA SER A 237 -10.75 -28.53 -43.38
C SER A 237 -10.25 -27.31 -42.60
N ALA A 238 -11.04 -26.23 -42.54
CA ALA A 238 -10.63 -25.05 -41.79
C ALA A 238 -10.73 -25.19 -40.26
N GLN A 239 -11.51 -26.15 -39.78
CA GLN A 239 -11.55 -26.40 -38.35
C GLN A 239 -10.22 -26.93 -37.86
N LEU A 240 -9.79 -26.46 -36.69
CA LEU A 240 -8.68 -27.08 -35.96
C LEU A 240 -9.23 -28.39 -35.40
N PRO A 241 -8.80 -29.55 -35.94
CA PRO A 241 -9.52 -30.78 -35.60
C PRO A 241 -9.49 -31.22 -34.14
N LEU A 242 -8.41 -30.89 -33.44
CA LEU A 242 -8.24 -31.40 -32.10
C LEU A 242 -8.71 -30.45 -31.00
N ALA A 243 -9.14 -29.23 -31.36
CA ALA A 243 -9.57 -28.26 -30.34
C ALA A 243 -11.03 -28.46 -29.97
N GLU A 244 -11.26 -28.80 -28.72
CA GLU A 244 -12.63 -28.95 -28.21
C GLU A 244 -12.76 -28.29 -26.84
N GLY A 245 -13.73 -27.41 -26.70
CA GLY A 245 -14.00 -26.74 -25.45
C GLY A 245 -13.10 -25.56 -25.18
N LEU A 246 -13.43 -24.86 -24.10
CA LEU A 246 -12.66 -23.70 -23.67
C LEU A 246 -11.20 -24.07 -23.30
N SER A 247 -10.93 -25.30 -22.92
CA SER A 247 -9.57 -25.73 -22.66
C SER A 247 -8.61 -25.42 -23.80
N ALA A 248 -9.06 -25.48 -25.05
CA ALA A 248 -8.14 -25.26 -26.16
C ALA A 248 -7.64 -23.80 -26.23
N PRO A 249 -8.53 -22.79 -26.32
CA PRO A 249 -7.99 -21.42 -26.29
C PRO A 249 -7.23 -21.15 -24.98
N LEU A 250 -7.66 -21.72 -23.86
CA LEU A 250 -6.97 -21.42 -22.59
C LEU A 250 -5.57 -21.99 -22.58
N SER A 251 -5.36 -23.13 -23.21
CA SER A 251 -4.02 -23.68 -23.32
C SER A 251 -3.10 -22.75 -24.09
N CYS A 252 -3.63 -22.04 -25.10
CA CYS A 252 -2.83 -21.07 -25.81
C CYS A 252 -2.49 -19.87 -24.92
N LEU A 253 -3.50 -19.37 -24.23
CA LEU A 253 -3.28 -18.29 -23.26
C LEU A 253 -2.22 -18.68 -22.22
N ASN A 254 -2.22 -19.93 -21.76
CA ASN A 254 -1.23 -20.30 -20.74
C ASN A 254 0.20 -20.27 -21.29
N GLU A 255 0.39 -20.51 -22.58
CA GLU A 255 1.71 -20.33 -23.19
C GLU A 255 2.10 -18.85 -23.25
N ALA A 256 1.18 -18.01 -23.69
CA ALA A 256 1.46 -16.60 -23.86
C ALA A 256 1.69 -15.95 -22.48
N ARG A 257 0.88 -16.32 -21.51
CA ARG A 257 1.00 -15.79 -20.17
C ARG A 257 2.39 -16.07 -19.60
N PHE A 258 2.94 -17.25 -19.88
CA PHE A 258 4.31 -17.53 -19.44
C PHE A 258 5.32 -16.54 -19.98
N GLY A 259 5.24 -16.19 -21.27
CA GLY A 259 6.09 -15.16 -21.81
C GLY A 259 5.94 -13.81 -21.10
N ILE A 260 4.71 -13.43 -20.78
CA ILE A 260 4.39 -12.18 -20.08
C ILE A 260 4.98 -12.14 -18.66
N VAL A 261 5.02 -13.28 -17.98
CA VAL A 261 5.64 -13.35 -16.63
C VAL A 261 7.07 -12.80 -16.69
N PHE A 262 7.81 -13.14 -17.75
CA PHE A 262 9.14 -12.58 -18.00
C PHE A 262 9.06 -11.18 -18.60
N GLY A 263 8.21 -11.00 -19.61
CA GLY A 263 8.18 -9.76 -20.33
C GLY A 263 7.97 -8.57 -19.43
N ALA A 264 7.00 -8.64 -18.52
CA ALA A 264 6.74 -7.47 -17.65
C ALA A 264 7.97 -7.01 -16.89
N LEU A 265 8.84 -7.97 -16.50
CA LEU A 265 10.09 -7.64 -15.79
C LEU A 265 11.04 -6.83 -16.66
N GLY A 266 10.96 -7.00 -17.96
CA GLY A 266 11.80 -6.21 -18.88
C GLY A 266 11.43 -4.73 -18.87
N ALA A 267 10.12 -4.47 -18.92
CA ALA A 267 9.65 -3.09 -18.82
C ALA A 267 10.06 -2.50 -17.48
N ALA A 268 9.90 -3.27 -16.41
CA ALA A 268 10.35 -2.82 -15.08
C ALA A 268 11.85 -2.53 -15.01
N ARG A 269 12.67 -3.47 -15.49
CA ARG A 269 14.10 -3.30 -15.45
C ARG A 269 14.55 -2.09 -16.25
N ASP A 270 14.00 -1.94 -17.45
CA ASP A 270 14.37 -0.82 -18.33
C ASP A 270 13.99 0.51 -17.64
N SER A 271 12.81 0.57 -17.07
CA SER A 271 12.38 1.74 -16.29
C SER A 271 13.35 2.04 -15.16
N LEU A 272 13.66 1.00 -14.38
CA LEU A 272 14.46 1.19 -13.19
C LEU A 272 15.92 1.55 -13.49
N GLU A 273 16.55 0.85 -14.42
CA GLU A 273 17.94 1.20 -14.77
C GLU A 273 18.02 2.60 -15.37
N THR A 274 17.10 2.98 -16.24
CA THR A 274 17.06 4.34 -16.80
C THR A 274 16.95 5.38 -15.69
N THR A 275 16.12 5.09 -14.71
CA THR A 275 15.87 6.01 -13.60
C THR A 275 17.05 6.08 -12.64
N ILE A 276 17.68 4.95 -12.33
CA ILE A 276 18.89 5.01 -11.47
C ILE A 276 19.91 5.93 -12.14
N ALA A 277 20.16 5.73 -13.43
CA ALA A 277 21.12 6.59 -14.16
C ALA A 277 20.73 8.07 -14.09
N TYR A 278 19.44 8.35 -14.23
CA TYR A 278 18.98 9.74 -14.14
C TYR A 278 19.26 10.32 -12.73
N THR A 279 18.99 9.54 -11.68
CA THR A 279 19.24 10.05 -10.33
C THR A 279 20.70 10.30 -10.03
N GLN A 280 21.59 9.56 -10.72
CA GLN A 280 23.01 9.81 -10.58
C GLN A 280 23.47 11.10 -11.24
N SER A 281 22.80 11.50 -12.30
CA SER A 281 23.24 12.67 -13.06
CA SER A 281 23.18 12.65 -13.13
C SER A 281 22.51 13.95 -12.71
N ARG A 282 21.32 13.83 -12.14
CA ARG A 282 20.51 15.00 -11.81
C ARG A 282 20.86 15.54 -10.45
N GLU A 283 21.33 16.78 -10.38
CA GLU A 283 21.64 17.46 -9.12
CA GLU A 283 21.62 17.43 -9.11
C GLU A 283 20.39 18.18 -8.63
N VAL A 284 20.06 18.00 -7.36
CA VAL A 284 19.03 18.80 -6.67
C VAL A 284 19.62 19.27 -5.34
N PHE A 285 19.48 20.55 -5.04
CA PHE A 285 20.03 21.13 -3.78
C PHE A 285 21.49 20.74 -3.58
N ASP A 286 22.24 20.84 -4.67
CA ASP A 286 23.73 20.77 -4.70
C ASP A 286 24.32 19.37 -4.55
N LYS A 287 23.49 18.33 -4.67
CA LYS A 287 23.98 16.93 -4.66
C LYS A 287 23.17 16.07 -5.65
N PRO A 288 23.76 14.97 -6.13
CA PRO A 288 23.00 14.06 -6.98
C PRO A 288 21.77 13.55 -6.24
N LEU A 289 20.68 13.43 -6.99
CA LEU A 289 19.40 12.98 -6.49
C LEU A 289 19.50 11.59 -5.80
N SER A 290 20.42 10.76 -6.30
CA SER A 290 20.70 9.45 -5.73
C SER A 290 21.20 9.49 -4.31
N ASN A 291 21.63 10.64 -3.83
CA ASN A 291 22.23 10.73 -2.49
C ASN A 291 21.20 10.84 -1.36
N TYR A 292 19.93 11.07 -1.70
CA TYR A 292 18.90 11.35 -0.71
C TYR A 292 18.19 10.13 -0.22
N GLN A 293 17.85 10.12 1.07
CA GLN A 293 17.13 8.95 1.62
C GLN A 293 15.83 8.64 0.87
N LEU A 294 15.04 9.66 0.52
CA LEU A 294 13.76 9.37 -0.16
C LEU A 294 14.00 8.68 -1.50
N THR A 295 15.07 9.07 -2.21
CA THR A 295 15.40 8.44 -3.49
C THR A 295 15.82 6.99 -3.26
N GLN A 296 16.73 6.79 -2.32
CA GLN A 296 17.25 5.43 -2.08
C GLN A 296 16.17 4.47 -1.61
N GLU A 297 15.22 4.99 -0.83
CA GLU A 297 14.04 4.21 -0.44
C GLU A 297 13.30 3.66 -1.65
N LYS A 298 12.99 4.53 -2.60
CA LYS A 298 12.31 4.12 -3.82
C LYS A 298 13.15 3.12 -4.60
N LEU A 299 14.41 3.45 -4.84
CA LEU A 299 15.26 2.56 -5.61
C LEU A 299 15.38 1.18 -4.99
N ALA A 300 15.55 1.13 -3.68
CA ALA A 300 15.66 -0.15 -3.00
C ALA A 300 14.34 -0.94 -3.03
N ASN A 301 13.21 -0.31 -2.77
CA ASN A 301 11.94 -1.02 -2.77
C ASN A 301 11.61 -1.55 -4.17
N MET A 302 11.91 -0.77 -5.20
CA MET A 302 11.67 -1.23 -6.56
C MET A 302 12.60 -2.38 -6.93
N THR A 303 13.85 -2.27 -6.53
CA THR A 303 14.82 -3.38 -6.77
C THR A 303 14.35 -4.66 -6.10
N VAL A 304 13.85 -4.56 -4.88
CA VAL A 304 13.40 -5.75 -4.18
C VAL A 304 12.27 -6.44 -4.99
N GLU A 305 11.31 -5.70 -5.49
CA GLU A 305 10.24 -6.31 -6.27
C GLU A 305 10.74 -6.86 -7.60
N LEU A 306 11.63 -6.13 -8.27
CA LEU A 306 12.14 -6.61 -9.56
C LEU A 306 12.86 -7.97 -9.37
N GLY A 307 13.71 -8.06 -8.37
CA GLY A 307 14.44 -9.31 -8.13
C GLY A 307 13.56 -10.45 -7.72
N LYS A 308 12.62 -10.19 -6.81
CA LYS A 308 11.66 -11.24 -6.46
C LYS A 308 10.91 -11.74 -7.68
N GLY A 309 10.51 -10.84 -8.56
CA GLY A 309 9.82 -11.21 -9.78
C GLY A 309 10.66 -12.06 -10.70
N MET A 310 11.93 -11.71 -10.82
CA MET A 310 12.87 -12.46 -11.65
C MET A 310 13.09 -13.87 -11.10
N LEU A 311 13.23 -13.99 -9.78
CA LEU A 311 13.33 -15.33 -9.18
C LEU A 311 12.08 -16.14 -9.48
N LEU A 312 10.90 -15.53 -9.38
CA LEU A 312 9.65 -16.22 -9.64
C LEU A 312 9.56 -16.65 -11.11
N ALA A 313 9.95 -15.76 -12.02
CA ALA A 313 9.92 -16.08 -13.45
C ALA A 313 10.82 -17.28 -13.74
N ILE A 314 12.07 -17.25 -13.29
CA ILE A 314 12.99 -18.33 -13.54
C ILE A 314 12.48 -19.63 -12.93
N HIS A 315 11.92 -19.55 -11.73
CA HIS A 315 11.35 -20.72 -11.05
C HIS A 315 10.29 -21.37 -11.93
N LEU A 316 9.34 -20.56 -12.40
CA LEU A 316 8.25 -21.06 -13.25
C LEU A 316 8.81 -21.62 -14.55
N GLY A 317 9.82 -20.98 -15.11
CA GLY A 317 10.43 -21.50 -16.34
C GLY A 317 11.09 -22.86 -16.15
N ARG A 318 11.79 -23.02 -15.04
CA ARG A 318 12.43 -24.29 -14.77
C ARG A 318 11.37 -25.39 -14.55
N ILE A 319 10.25 -25.09 -13.89
CA ILE A 319 9.14 -26.05 -13.76
C ILE A 319 8.59 -26.38 -15.15
N LYS A 320 8.40 -25.39 -16.01
CA LYS A 320 7.83 -25.61 -17.34
C LYS A 320 8.72 -26.53 -18.17
N ASP A 321 10.02 -26.31 -18.10
CA ASP A 321 10.98 -27.17 -18.85
C ASP A 321 11.15 -28.57 -18.23
N ALA A 322 10.71 -28.74 -16.99
CA ALA A 322 10.61 -30.04 -16.34
C ALA A 322 9.17 -30.56 -16.55
N GLU A 323 8.50 -31.04 -15.51
CA GLU A 323 7.23 -31.73 -15.72
C GLU A 323 6.07 -30.84 -16.16
N GLY A 324 6.23 -29.52 -16.05
CA GLY A 324 5.22 -28.59 -16.54
C GLY A 324 4.59 -27.77 -15.43
N VAL A 325 4.18 -26.56 -15.80
CA VAL A 325 3.62 -25.57 -14.90
C VAL A 325 2.10 -25.58 -15.01
N ARG A 326 1.41 -25.63 -13.86
CA ARG A 326 -0.05 -25.58 -13.86
C ARG A 326 -0.59 -24.17 -14.05
N PRO A 327 -1.84 -24.01 -14.52
CA PRO A 327 -2.32 -22.65 -14.78
C PRO A 327 -2.26 -21.77 -13.55
N GLU A 328 -2.59 -22.34 -12.39
CA GLU A 328 -2.60 -21.55 -11.17
C GLU A 328 -1.20 -21.12 -10.74
N GLN A 329 -0.18 -21.84 -11.16
CA GLN A 329 1.19 -21.46 -10.92
C GLN A 329 1.57 -20.31 -11.83
N ILE A 330 1.22 -20.37 -13.11
CA ILE A 330 1.40 -19.24 -14.01
CA ILE A 330 1.41 -19.25 -14.01
C ILE A 330 0.69 -18.00 -13.47
N SER A 331 -0.49 -18.20 -12.88
CA SER A 331 -1.23 -17.05 -12.29
C SER A 331 -0.42 -16.32 -11.22
N LEU A 332 0.37 -17.04 -10.44
CA LEU A 332 1.28 -16.39 -9.49
C LEU A 332 2.16 -15.39 -10.20
N GLY A 333 2.76 -15.83 -11.31
CA GLY A 333 3.68 -14.98 -12.04
C GLY A 333 3.02 -13.83 -12.75
N LYS A 334 1.89 -14.11 -13.38
CA LYS A 334 1.21 -13.09 -14.17
C LYS A 334 0.62 -12.02 -13.26
N LEU A 335 -0.06 -12.44 -12.20
CA LEU A 335 -0.57 -11.48 -11.21
C LEU A 335 0.57 -10.64 -10.64
N ASN A 336 1.60 -11.31 -10.13
CA ASN A 336 2.64 -10.59 -9.41
C ASN A 336 3.47 -9.71 -10.33
N ASN A 337 4.02 -10.29 -11.38
CA ASN A 337 5.07 -9.58 -12.11
C ASN A 337 4.50 -8.37 -12.87
N VAL A 338 3.29 -8.50 -13.40
CA VAL A 338 2.68 -7.37 -14.12
C VAL A 338 2.32 -6.23 -13.16
N ARG A 339 1.66 -6.56 -12.04
CA ARG A 339 1.28 -5.48 -11.11
C ARG A 339 2.48 -4.83 -10.45
N GLU A 340 3.50 -5.58 -10.12
CA GLU A 340 4.70 -4.97 -9.59
C GLU A 340 5.48 -4.17 -10.66
N ALA A 341 5.47 -4.63 -11.91
CA ALA A 341 6.14 -3.90 -12.98
C ALA A 341 5.47 -2.54 -13.19
N ILE A 342 4.14 -2.48 -13.18
CA ILE A 342 3.48 -1.19 -13.43
C ILE A 342 3.75 -0.25 -12.26
N ALA A 343 3.78 -0.77 -11.05
CA ALA A 343 4.14 0.06 -9.90
C ALA A 343 5.55 0.63 -10.02
N ILE A 344 6.49 -0.20 -10.47
CA ILE A 344 7.87 0.25 -10.67
C ILE A 344 7.91 1.37 -11.72
N ALA A 345 7.25 1.18 -12.87
CA ALA A 345 7.30 2.19 -13.91
C ALA A 345 6.72 3.53 -13.41
N ARG A 346 5.60 3.45 -12.72
CA ARG A 346 4.97 4.66 -12.17
C ARG A 346 5.86 5.38 -11.17
N GLU A 347 6.46 4.60 -10.26
CA GLU A 347 7.31 5.19 -9.22
CA GLU A 347 7.30 5.21 -9.22
C GLU A 347 8.57 5.82 -9.82
N CYS A 348 9.17 5.14 -10.77
CA CYS A 348 10.31 5.68 -11.53
C CYS A 348 9.96 7.06 -12.13
N ARG A 349 8.77 7.17 -12.71
CA ARG A 349 8.39 8.43 -13.33
C ARG A 349 8.47 9.56 -12.33
N THR A 350 8.06 9.33 -11.08
CA THR A 350 8.10 10.40 -10.05
C THR A 350 9.49 10.95 -9.87
N LEU A 351 10.49 10.09 -9.94
CA LEU A 351 11.88 10.48 -9.77
C LEU A 351 12.42 11.32 -10.92
N LEU A 352 11.83 11.16 -12.10
CA LEU A 352 12.28 11.92 -13.27
C LEU A 352 11.72 13.36 -13.27
N GLY A 353 10.71 13.66 -12.45
CA GLY A 353 10.12 14.98 -12.49
C GLY A 353 9.51 15.27 -13.86
N GLY A 354 9.55 16.55 -14.22
CA GLY A 354 9.01 17.00 -15.46
C GLY A 354 9.51 16.27 -16.68
N SER A 355 10.81 15.98 -16.69
CA SER A 355 11.37 15.28 -17.86
CA SER A 355 11.39 15.26 -17.84
C SER A 355 10.72 13.92 -18.10
N GLY A 356 10.11 13.37 -17.07
CA GLY A 356 9.45 12.07 -17.19
C GLY A 356 8.11 12.07 -17.85
N ILE A 357 7.55 13.23 -18.23
CA ILE A 357 6.21 13.25 -18.79
C ILE A 357 6.18 13.04 -20.30
N THR A 358 7.35 13.03 -20.93
CA THR A 358 7.47 12.88 -22.38
C THR A 358 7.89 11.46 -22.75
N LEU A 359 8.10 11.24 -24.04
CA LEU A 359 8.67 9.98 -24.52
C LEU A 359 10.17 9.86 -24.38
N GLU A 360 10.83 10.87 -23.82
CA GLU A 360 12.30 10.84 -23.74
C GLU A 360 12.84 9.66 -22.92
N TYR A 361 12.28 9.46 -21.72
CA TYR A 361 12.68 8.41 -20.80
C TYR A 361 11.55 7.40 -20.74
N SER A 362 11.86 6.11 -20.74
CA SER A 362 10.87 5.05 -20.91
C SER A 362 9.77 4.87 -19.85
N PRO A 363 9.97 5.28 -18.58
CA PRO A 363 8.95 4.88 -17.57
C PRO A 363 7.48 5.17 -17.88
N LEU A 364 7.13 6.37 -18.32
CA LEU A 364 5.70 6.66 -18.51
C LEU A 364 5.10 5.83 -19.67
N ARG A 365 5.86 5.64 -20.73
CA ARG A 365 5.44 4.75 -21.83
C ARG A 365 5.26 3.32 -21.31
N HIS A 366 6.23 2.82 -20.56
CA HIS A 366 6.10 1.49 -20.01
C HIS A 366 4.84 1.40 -19.12
N ALA A 367 4.63 2.40 -18.26
CA ALA A 367 3.48 2.32 -17.35
C ALA A 367 2.18 2.25 -18.14
N ASN A 368 2.07 3.11 -19.16
CA ASN A 368 0.87 3.07 -20.03
C ASN A 368 0.72 1.72 -20.73
N ASN A 369 1.79 1.20 -21.31
CA ASN A 369 1.71 -0.11 -22.00
C ASN A 369 1.25 -1.20 -21.00
N LEU A 370 1.79 -1.17 -19.78
CA LEU A 370 1.50 -2.20 -18.80
C LEU A 370 0.03 -2.16 -18.36
N GLU A 371 -0.70 -1.05 -18.62
CA GLU A 371 -2.15 -1.08 -18.39
C GLU A 371 -2.82 -2.21 -19.18
N SER A 372 -2.43 -2.35 -20.45
CA SER A 372 -2.97 -3.42 -21.29
C SER A 372 -2.53 -4.76 -20.76
N VAL A 373 -1.26 -4.87 -20.42
CA VAL A 373 -0.69 -6.13 -19.95
C VAL A 373 -1.36 -6.62 -18.65
N LEU A 374 -1.75 -5.69 -17.78
CA LEU A 374 -2.44 -5.98 -16.54
C LEU A 374 -3.80 -6.60 -16.80
N THR A 375 -4.43 -6.14 -17.87
CA THR A 375 -5.81 -6.52 -18.22
C THR A 375 -5.88 -7.76 -19.10
N TYR A 376 -5.04 -7.86 -20.14
CA TYR A 376 -5.16 -8.94 -21.09
C TYR A 376 -4.52 -10.26 -20.58
N GLU A 377 -4.87 -11.35 -21.26
CA GLU A 377 -4.40 -12.67 -20.88
CA GLU A 377 -4.46 -12.69 -20.89
C GLU A 377 -4.84 -12.98 -19.44
N GLY A 378 -6.03 -12.50 -19.09
CA GLY A 378 -6.59 -12.68 -17.75
C GLY A 378 -6.20 -11.50 -16.88
N THR A 379 -7.22 -10.79 -16.41
CA THR A 379 -7.01 -9.61 -15.59
C THR A 379 -6.33 -10.00 -14.28
N SER A 380 -5.76 -9.04 -13.57
CA SER A 380 -5.24 -9.30 -12.25
C SER A 380 -6.29 -10.03 -11.39
N GLU A 381 -7.54 -9.59 -11.43
CA GLU A 381 -8.57 -10.21 -10.58
C GLU A 381 -8.86 -11.66 -10.98
N MET A 382 -8.80 -11.97 -12.26
CA MET A 382 -9.01 -13.37 -12.68
C MET A 382 -7.90 -14.24 -12.14
N HIS A 383 -6.65 -13.76 -12.18
CA HIS A 383 -5.53 -14.54 -11.66
C HIS A 383 -5.56 -14.65 -10.12
N LEU A 384 -5.92 -13.56 -9.45
CA LEU A 384 -6.16 -13.55 -8.02
C LEU A 384 -7.16 -14.63 -7.61
N LEU A 385 -8.29 -14.69 -8.29
CA LEU A 385 -9.34 -15.67 -7.95
C LEU A 385 -8.96 -17.09 -8.35
N SER A 386 -8.12 -17.25 -9.37
CA SER A 386 -7.62 -18.59 -9.69
CA SER A 386 -7.60 -18.58 -9.71
C SER A 386 -6.72 -19.11 -8.59
N ILE A 387 -5.86 -18.24 -8.05
CA ILE A 387 -5.03 -18.58 -6.90
C ILE A 387 -5.90 -18.89 -5.67
N GLY A 388 -6.95 -18.08 -5.46
CA GLY A 388 -7.88 -18.32 -4.36
C GLY A 388 -8.55 -19.67 -4.43
N LYS A 389 -8.96 -20.06 -5.63
CA LYS A 389 -9.58 -21.38 -5.82
CA LYS A 389 -9.57 -21.38 -5.85
C LYS A 389 -8.60 -22.51 -5.54
N ALA A 390 -7.35 -22.36 -5.98
CA ALA A 390 -6.31 -23.36 -5.68
C ALA A 390 -6.05 -23.56 -4.21
N LEU A 391 -6.12 -22.49 -3.43
CA LEU A 391 -5.87 -22.54 -1.99
C LEU A 391 -7.06 -23.06 -1.19
N THR A 392 -8.29 -22.83 -1.67
CA THR A 392 -9.50 -23.13 -0.89
C THR A 392 -10.37 -24.26 -1.44
N GLY A 393 -10.24 -24.54 -2.73
CA GLY A 393 -11.16 -25.45 -3.37
C GLY A 393 -12.53 -24.88 -3.71
N LYS A 394 -12.69 -23.57 -3.53
CA LYS A 394 -13.97 -22.90 -3.79
C LYS A 394 -13.77 -21.88 -4.90
N ALA A 395 -14.53 -21.98 -5.98
CA ALA A 395 -14.52 -20.95 -7.02
C ALA A 395 -15.39 -19.77 -6.59
N ALA A 396 -14.82 -18.57 -6.74
CA ALA A 396 -15.47 -17.33 -6.32
C ALA A 396 -15.61 -16.34 -7.47
N PHE A 397 -15.56 -16.80 -8.70
CA PHE A 397 -15.80 -15.97 -9.89
C PHE A 397 -17.25 -15.55 -9.95
N ARG A 398 -18.15 -16.49 -9.72
CA ARG A 398 -19.57 -16.22 -9.59
C ARG A 398 -19.94 -16.07 -8.10
N THR B 13 7.08 25.06 15.76
CA THR B 13 6.51 23.70 15.38
C THR B 13 5.03 23.59 15.70
N TYR B 14 4.34 22.70 14.98
CA TYR B 14 2.95 22.41 15.16
C TYR B 14 2.71 20.95 15.56
N ALA B 15 1.79 20.71 16.51
CA ALA B 15 1.25 19.37 16.74
C ALA B 15 0.46 18.97 15.48
N PRO B 16 0.32 17.67 15.20
CA PRO B 16 -0.34 17.25 13.94
C PRO B 16 -1.70 17.92 13.68
N LEU B 17 -2.61 17.92 14.64
CA LEU B 17 -3.93 18.52 14.42
C LEU B 17 -3.85 20.04 14.47
N GLU B 18 -2.87 20.60 15.15
CA GLU B 18 -2.65 22.05 15.10
CA GLU B 18 -2.64 22.05 15.12
C GLU B 18 -2.30 22.51 13.70
N LEU B 19 -1.56 21.71 12.94
CA LEU B 19 -1.21 22.09 11.58
C LEU B 19 -2.46 22.15 10.72
N PHE B 20 -3.36 21.18 10.86
CA PHE B 20 -4.69 21.21 10.23
C PHE B 20 -5.59 22.35 10.76
N ASP B 21 -5.38 22.74 12.01
CA ASP B 21 -6.22 23.70 12.72
C ASP B 21 -7.65 23.19 12.79
N THR B 22 -7.81 22.00 13.35
CA THR B 22 -9.14 21.49 13.62
C THR B 22 -9.83 22.21 14.80
N ASP B 23 -9.08 22.82 15.72
CA ASP B 23 -9.70 23.54 16.83
C ASP B 23 -10.63 24.65 16.35
N ARG B 24 -10.36 25.20 15.17
CA ARG B 24 -11.21 26.30 14.66
C ARG B 24 -12.63 25.85 14.34
N LEU B 25 -12.82 24.52 14.22
CA LEU B 25 -14.10 23.93 13.92
C LEU B 25 -14.90 23.64 15.18
N LEU B 26 -14.33 23.89 16.36
CA LEU B 26 -14.93 23.50 17.65
C LEU B 26 -15.25 24.74 18.45
N ASP B 27 -16.36 24.72 19.19
CA ASP B 27 -16.70 25.85 20.05
C ASP B 27 -15.98 25.75 21.40
N GLN B 28 -16.15 26.76 22.25
CA GLN B 28 -15.33 26.81 23.46
C GLN B 28 -15.72 25.67 24.38
N ASP B 29 -17.01 25.40 24.50
CA ASP B 29 -17.47 24.34 25.40
C ASP B 29 -17.00 22.96 24.96
N GLU B 30 -16.99 22.73 23.66
CA GLU B 30 -16.43 21.50 23.12
C GLU B 30 -14.94 21.35 23.42
N ARG B 31 -14.17 22.42 23.17
CA ARG B 31 -12.73 22.40 23.47
C ARG B 31 -12.50 22.22 24.97
N ASP B 32 -13.36 22.80 25.80
CA ASP B 32 -13.22 22.68 27.26
C ASP B 32 -13.48 21.24 27.68
N ILE B 33 -14.48 20.59 27.07
CA ILE B 33 -14.73 19.18 27.36
C ILE B 33 -13.55 18.30 26.99
N ALA B 34 -12.98 18.52 25.81
CA ALA B 34 -11.80 17.76 25.42
C ALA B 34 -10.70 17.95 26.45
N ALA B 35 -10.45 19.19 26.86
CA ALA B 35 -9.37 19.45 27.82
C ALA B 35 -9.62 18.81 29.17
N THR B 36 -10.86 18.86 29.62
CA THR B 36 -11.27 18.28 30.90
C THR B 36 -11.06 16.78 30.89
N VAL B 37 -11.52 16.11 29.82
CA VAL B 37 -11.37 14.66 29.75
C VAL B 37 -9.89 14.29 29.61
N ARG B 38 -9.11 15.05 28.81
CA ARG B 38 -7.67 14.79 28.68
C ARG B 38 -6.95 14.90 30.04
N GLN B 39 -7.31 15.90 30.85
CA GLN B 39 -6.68 16.06 32.15
C GLN B 39 -7.04 14.91 33.08
N PHE B 40 -8.29 14.45 33.03
CA PHE B 40 -8.72 13.28 33.79
C PHE B 40 -7.96 12.02 33.38
N VAL B 41 -7.83 11.81 32.08
CA VAL B 41 -7.06 10.70 31.58
C VAL B 41 -5.63 10.75 32.07
N ASP B 42 -5.00 11.91 31.93
CA ASP B 42 -3.58 12.07 32.27
C ASP B 42 -3.34 11.83 33.76
N THR B 43 -4.25 12.30 34.61
CA THR B 43 -4.06 12.24 36.05
C THR B 43 -4.59 10.94 36.71
N ARG B 44 -5.74 10.47 36.28
CA ARG B 44 -6.41 9.33 36.93
C ARG B 44 -6.11 7.99 36.28
N LEU B 45 -5.86 7.97 34.97
CA LEU B 45 -5.80 6.71 34.23
C LEU B 45 -4.42 6.37 33.72
N LYS B 46 -3.74 7.33 33.13
CA LYS B 46 -2.41 7.03 32.57
C LYS B 46 -1.37 6.48 33.54
N PRO B 47 -1.37 6.92 34.81
CA PRO B 47 -0.35 6.37 35.71
C PRO B 47 -0.53 4.86 35.95
N ASN B 48 -1.71 4.33 35.68
CA ASN B 48 -2.07 2.94 36.00
C ASN B 48 -2.23 2.02 34.76
N VAL B 49 -2.27 2.59 33.56
CA VAL B 49 -2.69 1.81 32.40
C VAL B 49 -1.70 0.70 32.08
N GLU B 50 -0.40 0.93 32.25
CA GLU B 50 0.59 -0.11 31.97
CA GLU B 50 0.56 -0.13 31.94
C GLU B 50 0.31 -1.36 32.81
N GLY B 51 0.11 -1.18 34.12
CA GLY B 51 -0.19 -2.31 35.00
C GLY B 51 -1.54 -2.94 34.72
N TRP B 52 -2.54 -2.13 34.41
CA TRP B 52 -3.84 -2.66 34.04
C TRP B 52 -3.77 -3.55 32.81
N PHE B 53 -3.04 -3.08 31.79
CA PHE B 53 -2.88 -3.88 30.60
C PHE B 53 -2.11 -5.18 30.84
N GLU B 54 -0.97 -5.08 31.50
CA GLU B 54 -0.18 -6.27 31.79
C GLU B 54 -0.97 -7.32 32.56
N SER B 55 -1.69 -6.88 33.58
CA SER B 55 -2.44 -7.79 34.44
C SER B 55 -3.83 -8.11 33.93
N ALA B 56 -4.22 -7.54 32.80
CA ALA B 56 -5.54 -7.75 32.20
C ALA B 56 -6.70 -7.46 33.15
N THR B 57 -6.71 -6.22 33.63
CA THR B 57 -7.84 -5.78 34.42
CA THR B 57 -7.76 -5.76 34.51
C THR B 57 -8.21 -4.35 34.11
N LEU B 58 -9.49 -4.05 34.31
CA LEU B 58 -9.96 -2.69 34.29
C LEU B 58 -10.88 -2.61 35.51
N PRO B 59 -10.43 -1.95 36.58
CA PRO B 59 -11.17 -1.98 37.83
C PRO B 59 -12.61 -1.46 37.76
N SER B 60 -13.54 -2.18 38.38
CA SER B 60 -14.95 -1.78 38.41
CA SER B 60 -14.95 -1.79 38.42
C SER B 60 -15.16 -0.41 39.08
N GLU B 61 -14.24 -0.01 39.98
CA GLU B 61 -14.30 1.30 40.63
C GLU B 61 -14.26 2.48 39.63
N LEU B 62 -13.70 2.25 38.45
CA LEU B 62 -13.71 3.31 37.46
C LEU B 62 -15.11 3.65 37.02
N ALA B 63 -16.09 2.75 37.14
CA ALA B 63 -17.46 3.11 36.76
C ALA B 63 -17.92 4.41 37.42
N LYS B 64 -17.72 4.53 38.73
CA LYS B 64 -18.10 5.74 39.46
C LYS B 64 -17.26 6.96 39.05
N GLU B 65 -15.97 6.78 38.80
CA GLU B 65 -15.14 7.88 38.32
C GLU B 65 -15.63 8.40 36.97
N PHE B 66 -15.96 7.51 36.03
CA PHE B 66 -16.49 7.94 34.74
C PHE B 66 -17.86 8.61 34.94
N GLY B 67 -18.69 8.05 35.83
CA GLY B 67 -19.98 8.62 36.11
C GLY B 67 -19.84 10.04 36.65
N ASN B 68 -18.95 10.24 37.62
CA ASN B 68 -18.76 11.57 38.20
C ASN B 68 -18.19 12.57 37.18
N LEU B 69 -17.38 12.08 36.23
CA LEU B 69 -16.81 12.92 35.17
C LEU B 69 -17.89 13.42 34.24
N GLY B 70 -18.96 12.65 34.12
CA GLY B 70 -20.14 13.04 33.36
C GLY B 70 -20.26 12.40 32.00
N VAL B 71 -19.39 11.43 31.70
CA VAL B 71 -19.35 10.87 30.36
C VAL B 71 -20.30 9.69 30.08
N LEU B 72 -20.95 9.14 31.12
CA LEU B 72 -21.79 7.95 30.93
C LEU B 72 -23.19 8.40 30.52
N GLY B 73 -23.58 8.05 29.30
CA GLY B 73 -24.83 8.54 28.72
C GLY B 73 -24.82 10.03 28.43
N MET B 74 -23.63 10.61 28.18
CA MET B 74 -23.53 12.07 28.07
C MET B 74 -24.34 12.70 26.97
N HIS B 75 -24.63 11.98 25.89
CA HIS B 75 -25.44 12.50 24.77
C HIS B 75 -26.94 12.33 25.00
N LEU B 76 -27.33 11.64 26.05
CA LEU B 76 -28.75 11.43 26.34
C LEU B 76 -29.27 12.60 27.16
N GLN B 77 -30.57 12.80 27.11
CA GLN B 77 -31.27 13.87 27.88
C GLN B 77 -32.08 13.32 29.05
N GLY B 78 -31.92 13.94 30.20
CA GLY B 78 -32.66 13.56 31.40
C GLY B 78 -31.93 12.48 32.19
N TYR B 79 -32.55 12.02 33.27
CA TYR B 79 -32.01 10.91 34.06
C TYR B 79 -30.66 11.17 34.68
N GLY B 80 -30.29 12.44 34.86
CA GLY B 80 -28.96 12.78 35.37
C GLY B 80 -27.86 12.75 34.32
N CYS B 81 -28.24 12.54 33.08
CA CYS B 81 -27.28 12.57 31.96
C CYS B 81 -26.88 13.98 31.59
N ALA B 82 -25.72 14.12 30.97
CA ALA B 82 -25.14 15.45 30.74
C ALA B 82 -25.93 16.22 29.69
N GLY B 83 -26.57 15.52 28.76
CA GLY B 83 -27.30 16.16 27.66
C GLY B 83 -26.46 17.01 26.69
N THR B 84 -25.24 16.57 26.43
CA THR B 84 -24.36 17.24 25.48
C THR B 84 -24.74 16.94 24.05
N ASN B 85 -24.21 17.75 23.15
CA ASN B 85 -24.28 17.42 21.76
C ASN B 85 -23.42 16.18 21.38
N ALA B 86 -23.54 15.78 20.12
CA ALA B 86 -22.84 14.60 19.64
C ALA B 86 -21.35 14.86 19.48
N VAL B 87 -20.98 16.03 18.98
CA VAL B 87 -19.56 16.37 18.81
C VAL B 87 -18.85 16.26 20.16
N SER B 88 -19.48 16.75 21.24
CA SER B 88 -18.85 16.69 22.57
C SER B 88 -18.63 15.23 23.04
N TYR B 89 -19.63 14.39 22.79
CA TYR B 89 -19.49 12.95 23.11
C TYR B 89 -18.31 12.37 22.32
N GLY B 90 -18.25 12.71 21.04
CA GLY B 90 -17.09 12.32 20.22
C GLY B 90 -15.75 12.73 20.81
N LEU B 91 -15.63 14.00 21.17
CA LEU B 91 -14.39 14.47 21.74
C LEU B 91 -14.05 13.72 23.03
N ALA B 92 -15.04 13.50 23.89
CA ALA B 92 -14.78 12.72 25.11
C ALA B 92 -14.25 11.32 24.78
N CYS B 93 -14.88 10.65 23.82
CA CYS B 93 -14.40 9.33 23.38
C CYS B 93 -12.98 9.40 22.85
N MET B 94 -12.67 10.42 22.04
CA MET B 94 -11.30 10.62 21.53
C MET B 94 -10.29 10.69 22.67
N GLU B 95 -10.61 11.49 23.69
CA GLU B 95 -9.68 11.66 24.80
C GLU B 95 -9.57 10.38 25.63
N LEU B 96 -10.68 9.70 25.87
CA LEU B 96 -10.63 8.43 26.64
C LEU B 96 -9.75 7.39 25.92
N GLU B 97 -9.90 7.30 24.59
CA GLU B 97 -9.16 6.29 23.81
C GLU B 97 -7.70 6.65 23.65
N ALA B 98 -7.36 7.96 23.65
CA ALA B 98 -5.98 8.39 23.71
C ALA B 98 -5.31 7.84 24.95
N GLY B 99 -6.08 7.67 26.04
CA GLY B 99 -5.58 6.95 27.20
C GLY B 99 -5.44 5.45 26.87
N ASP B 100 -6.57 4.82 26.58
CA ASP B 100 -6.61 3.40 26.18
C ASP B 100 -7.97 3.11 25.62
N SER B 101 -8.04 2.29 24.58
CA SER B 101 -9.33 1.85 24.05
C SER B 101 -10.23 1.16 25.05
N GLY B 102 -9.67 0.54 26.09
CA GLY B 102 -10.49 -0.07 27.12
C GLY B 102 -11.31 0.92 27.89
N PHE B 103 -10.81 2.14 28.04
CA PHE B 103 -11.52 3.20 28.73
C PHE B 103 -12.68 3.63 27.86
N ARG B 104 -12.43 3.86 26.58
CA ARG B 104 -13.49 4.30 25.68
C ARG B 104 -14.51 3.18 25.50
N SER B 105 -14.07 1.94 25.44
CA SER B 105 -15.01 0.78 25.29
C SER B 105 -15.97 0.71 26.46
N PHE B 106 -15.48 0.95 27.69
CA PHE B 106 -16.35 0.90 28.85
C PHE B 106 -17.49 1.90 28.63
N VAL B 107 -17.12 3.10 28.23
CA VAL B 107 -18.09 4.18 28.07
C VAL B 107 -19.00 3.94 26.86
N SER B 108 -18.50 3.43 25.76
CA SER B 108 -19.35 3.06 24.60
C SER B 108 -20.45 2.10 25.02
N VAL B 109 -20.05 1.07 25.78
CA VAL B 109 -21.01 0.07 26.20
C VAL B 109 -22.01 0.69 27.16
N GLN B 110 -21.51 1.41 28.17
CA GLN B 110 -22.43 1.94 29.19
C GLN B 110 -23.48 2.85 28.59
N GLY B 111 -23.04 3.79 27.76
CA GLY B 111 -23.94 4.83 27.28
C GLY B 111 -24.67 4.45 25.99
N SER B 112 -23.90 4.35 24.92
CA SER B 112 -24.46 4.12 23.59
C SER B 112 -25.08 2.77 23.34
N LEU B 113 -24.69 1.75 24.12
CA LEU B 113 -25.29 0.43 23.98
C LEU B 113 -26.34 0.16 25.08
N SER B 114 -25.90 0.06 26.34
CA SER B 114 -26.80 -0.29 27.44
C SER B 114 -27.81 0.81 27.68
N MET B 115 -27.36 2.00 28.02
CA MET B 115 -28.32 3.08 28.36
C MET B 115 -29.19 3.42 27.15
N PHE B 116 -28.60 3.52 25.98
CA PHE B 116 -29.41 3.87 24.80
C PHE B 116 -30.49 2.81 24.50
N SER B 117 -30.16 1.52 24.65
CA SER B 117 -31.14 0.49 24.48
C SER B 117 -32.37 0.73 25.36
N ILE B 118 -32.15 1.11 26.60
CA ILE B 118 -33.24 1.31 27.56
C ILE B 118 -33.95 2.65 27.28
N TYR B 119 -33.17 3.71 27.04
CA TYR B 119 -33.70 5.04 26.70
C TYR B 119 -34.61 5.01 25.49
N ARG B 120 -34.16 4.36 24.44
CA ARG B 120 -34.91 4.34 23.18
CA ARG B 120 -34.91 4.34 23.18
C ARG B 120 -36.04 3.29 23.16
N TYR B 121 -35.82 2.10 23.73
CA TYR B 121 -36.75 0.97 23.57
C TYR B 121 -37.43 0.49 24.85
N GLY B 122 -37.06 1.07 25.98
CA GLY B 122 -37.57 0.66 27.27
C GLY B 122 -38.91 1.24 27.69
N SER B 123 -39.54 0.57 28.65
CA SER B 123 -40.72 1.11 29.29
C SER B 123 -40.31 2.27 30.19
N GLU B 124 -41.30 3.05 30.64
CA GLU B 124 -41.01 4.08 31.63
C GLU B 124 -40.40 3.52 32.90
N GLU B 125 -40.90 2.36 33.33
CA GLU B 125 -40.40 1.70 34.53
C GLU B 125 -38.93 1.34 34.40
N GLN B 126 -38.56 0.77 33.25
CA GLN B 126 -37.16 0.40 32.97
C GLN B 126 -36.25 1.62 32.95
N LYS B 127 -36.70 2.70 32.32
CA LYS B 127 -35.89 3.93 32.27
C LYS B 127 -35.65 4.50 33.68
N ASN B 128 -36.73 4.60 34.45
CA ASN B 128 -36.62 5.16 35.79
C ASN B 128 -35.79 4.28 36.73
N GLU B 129 -35.87 2.97 36.55
CA GLU B 129 -35.12 2.01 37.36
C GLU B 129 -33.61 2.10 37.09
N TRP B 130 -33.23 2.13 35.81
CA TRP B 130 -31.84 1.93 35.43
C TRP B 130 -31.05 3.16 35.01
N LEU B 131 -31.68 4.10 34.32
CA LEU B 131 -30.89 5.15 33.67
C LEU B 131 -30.13 6.06 34.67
N PRO B 132 -30.77 6.48 35.77
CA PRO B 132 -30.01 7.27 36.73
C PRO B 132 -28.79 6.57 37.34
N ARG B 133 -28.93 5.29 37.67
CA ARG B 133 -27.83 4.53 38.23
C ARG B 133 -26.73 4.31 37.22
N LEU B 134 -27.11 4.04 35.97
CA LEU B 134 -26.09 3.83 34.92
C LEU B 134 -25.35 5.15 34.63
N ALA B 135 -26.07 6.26 34.59
CA ALA B 135 -25.45 7.57 34.33
C ALA B 135 -24.45 7.91 35.41
N ALA B 136 -24.77 7.53 36.65
CA ALA B 136 -23.89 7.82 37.78
C ALA B 136 -22.71 6.86 37.91
N GLY B 137 -22.77 5.75 37.19
CA GLY B 137 -21.80 4.67 37.36
C GLY B 137 -22.00 3.86 38.62
N ASP B 138 -23.20 3.96 39.21
CA ASP B 138 -23.56 3.13 40.36
C ASP B 138 -24.03 1.72 39.97
N ALA B 139 -24.43 1.55 38.70
CA ALA B 139 -24.69 0.27 38.09
C ALA B 139 -23.90 0.21 36.80
N ILE B 140 -23.66 -1.00 36.34
CA ILE B 140 -22.97 -1.25 35.07
C ILE B 140 -23.86 -2.09 34.16
N GLY B 141 -23.87 -1.70 32.88
CA GLY B 141 -24.67 -2.42 31.87
C GLY B 141 -23.79 -3.16 30.86
N CYS B 142 -24.38 -4.12 30.15
CA CYS B 142 -23.70 -4.72 29.01
C CYS B 142 -24.74 -4.99 27.92
N PHE B 143 -24.24 -5.34 26.73
CA PHE B 143 -25.05 -5.48 25.54
C PHE B 143 -24.66 -6.77 24.81
N GLY B 144 -25.59 -7.74 24.87
CA GLY B 144 -25.34 -9.07 24.36
C GLY B 144 -25.99 -9.30 23.01
N LEU B 145 -25.24 -9.00 21.95
CA LEU B 145 -25.74 -9.24 20.59
C LEU B 145 -25.01 -10.43 19.96
N THR B 146 -23.69 -10.31 19.90
CA THR B 146 -22.81 -11.31 19.26
C THR B 146 -22.88 -12.68 19.94
N GLU B 147 -22.83 -13.73 19.13
CA GLU B 147 -22.80 -15.11 19.57
C GLU B 147 -21.52 -15.75 19.06
N PRO B 148 -21.11 -16.91 19.62
CA PRO B 148 -19.93 -17.59 19.10
C PRO B 148 -20.02 -17.80 17.60
N ASP B 149 -21.19 -18.12 17.10
CA ASP B 149 -21.36 -18.44 15.67
C ASP B 149 -21.81 -17.27 14.78
N PHE B 150 -22.14 -16.11 15.37
CA PHE B 150 -22.74 -14.99 14.61
C PHE B 150 -22.28 -13.65 15.17
N GLY B 151 -21.46 -12.92 14.41
CA GLY B 151 -20.95 -11.61 14.80
C GLY B 151 -21.26 -10.61 13.72
N SER B 152 -20.63 -10.77 12.55
CA SER B 152 -20.94 -9.91 11.41
C SER B 152 -22.36 -10.08 10.91
N ASN B 153 -22.96 -11.23 11.14
CA ASN B 153 -24.31 -11.54 10.70
C ASN B 153 -25.25 -11.81 11.90
N PRO B 154 -25.59 -10.75 12.65
CA PRO B 154 -26.51 -10.94 13.78
C PRO B 154 -27.92 -11.35 13.36
N ALA B 155 -28.30 -11.13 12.10
CA ALA B 155 -29.59 -11.65 11.64
C ALA B 155 -29.73 -13.17 11.83
N GLY B 156 -28.61 -13.88 11.81
CA GLY B 156 -28.56 -15.32 11.96
C GLY B 156 -28.57 -15.83 13.39
N MET B 157 -28.69 -14.93 14.35
CA MET B 157 -28.54 -15.30 15.78
C MET B 157 -29.49 -16.44 16.18
N ARG B 158 -29.02 -17.27 17.09
CA ARG B 158 -29.83 -18.42 17.51
C ARG B 158 -30.23 -18.40 18.97
N THR B 159 -29.77 -17.42 19.76
CA THR B 159 -30.38 -17.24 21.08
C THR B 159 -31.87 -17.03 20.88
N ARG B 160 -32.66 -17.74 21.69
CA ARG B 160 -34.10 -17.78 21.52
C ARG B 160 -34.84 -17.45 22.81
N ALA B 161 -35.89 -16.65 22.68
CA ALA B 161 -36.82 -16.36 23.74
C ALA B 161 -38.17 -16.96 23.36
N ARG B 162 -38.66 -17.85 24.22
CA ARG B 162 -39.95 -18.50 24.01
C ARG B 162 -40.93 -18.06 25.12
N ARG B 163 -42.21 -17.99 24.78
CA ARG B 163 -43.20 -17.60 25.77
C ARG B 163 -43.55 -18.81 26.64
N ASP B 164 -43.74 -18.56 27.93
CA ASP B 164 -44.37 -19.52 28.84
C ASP B 164 -45.42 -18.74 29.61
N GLY B 165 -46.66 -18.82 29.14
CA GLY B 165 -47.70 -17.97 29.68
C GLY B 165 -47.32 -16.55 29.34
N SER B 166 -47.29 -15.69 30.36
CA SER B 166 -46.88 -14.31 30.19
C SER B 166 -45.36 -14.12 30.37
N ASP B 167 -44.68 -15.12 30.95
CA ASP B 167 -43.20 -15.12 31.11
C ASP B 167 -42.48 -15.42 29.78
N TRP B 168 -41.16 -15.24 29.82
CA TRP B 168 -40.24 -15.62 28.74
C TRP B 168 -39.19 -16.55 29.29
N ILE B 169 -38.72 -17.49 28.46
CA ILE B 169 -37.57 -18.33 28.78
C ILE B 169 -36.54 -18.14 27.66
N LEU B 170 -35.34 -17.71 28.05
CA LEU B 170 -34.24 -17.42 27.10
C LEU B 170 -33.19 -18.52 27.14
N ASN B 171 -32.74 -18.96 25.95
CA ASN B 171 -31.68 -19.94 25.85
C ASN B 171 -30.73 -19.55 24.76
N GLY B 172 -29.44 -19.46 25.09
CA GLY B 172 -28.43 -19.15 24.09
C GLY B 172 -27.13 -18.76 24.73
N THR B 173 -26.14 -18.48 23.89
CA THR B 173 -24.84 -18.01 24.35
C THR B 173 -24.47 -16.77 23.58
N LYS B 174 -24.05 -15.74 24.31
CA LYS B 174 -23.48 -14.53 23.72
C LYS B 174 -21.97 -14.54 23.99
N MET B 175 -21.18 -13.95 23.07
CA MET B 175 -19.75 -14.01 23.16
C MET B 175 -19.13 -12.65 22.84
N TRP B 176 -17.99 -12.38 23.50
CA TRP B 176 -17.21 -11.15 23.34
C TRP B 176 -17.95 -9.97 23.93
N ILE B 177 -18.63 -10.18 25.04
CA ILE B 177 -19.50 -9.14 25.60
C ILE B 177 -18.75 -8.28 26.60
N THR B 178 -18.50 -7.03 26.22
CA THR B 178 -17.78 -6.09 27.08
C THR B 178 -18.58 -5.82 28.34
N ASN B 179 -17.89 -5.87 29.47
CA ASN B 179 -18.46 -5.65 30.82
C ASN B 179 -19.36 -6.77 31.26
N GLY B 180 -19.39 -7.91 30.57
CA GLY B 180 -20.33 -8.96 30.97
C GLY B 180 -20.23 -9.38 32.43
N ASN B 181 -19.02 -9.60 32.90
CA ASN B 181 -18.78 -10.08 34.28
C ASN B 181 -18.92 -8.99 35.33
N LEU B 182 -19.02 -7.74 34.91
CA LEU B 182 -19.20 -6.59 35.85
C LEU B 182 -20.62 -6.09 35.90
N ALA B 183 -21.43 -6.45 34.91
CA ALA B 183 -22.71 -5.82 34.72
C ALA B 183 -23.73 -6.24 35.78
N ASP B 184 -24.58 -5.31 36.13
CA ASP B 184 -25.81 -5.54 36.90
C ASP B 184 -26.99 -5.93 36.01
N VAL B 185 -27.00 -5.45 34.77
CA VAL B 185 -28.06 -5.70 33.85
C VAL B 185 -27.46 -5.93 32.47
N ALA B 186 -28.00 -6.88 31.72
CA ALA B 186 -27.59 -7.16 30.34
C ALA B 186 -28.78 -6.92 29.42
N THR B 187 -28.56 -6.17 28.35
CA THR B 187 -29.50 -6.10 27.26
C THR B 187 -29.18 -7.28 26.35
N VAL B 188 -30.10 -8.24 26.27
CA VAL B 188 -29.90 -9.47 25.50
C VAL B 188 -30.88 -9.51 24.33
N TRP B 189 -30.33 -9.68 23.13
CA TRP B 189 -31.10 -9.79 21.91
C TRP B 189 -31.32 -11.26 21.58
N ALA B 190 -32.56 -11.61 21.22
CA ALA B 190 -32.93 -12.99 20.95
C ALA B 190 -33.94 -13.07 19.82
N GLN B 191 -33.93 -14.21 19.12
CA GLN B 191 -34.96 -14.54 18.16
C GLN B 191 -36.22 -14.97 18.90
N THR B 192 -37.38 -14.67 18.32
CA THR B 192 -38.67 -15.16 18.81
C THR B 192 -39.50 -15.60 17.62
N ASP B 193 -40.70 -16.14 17.91
CA ASP B 193 -41.62 -16.50 16.82
C ASP B 193 -42.01 -15.32 15.92
N ASP B 194 -41.89 -14.10 16.44
CA ASP B 194 -42.34 -12.90 15.76
C ASP B 194 -41.18 -12.01 15.33
N GLY B 195 -39.95 -12.53 15.45
CA GLY B 195 -38.75 -11.78 15.09
C GLY B 195 -37.89 -11.40 16.28
N ILE B 196 -36.83 -10.63 16.02
CA ILE B 196 -35.85 -10.34 17.05
C ILE B 196 -36.42 -9.38 18.07
N ARG B 197 -36.15 -9.66 19.35
CA ARG B 197 -36.64 -8.88 20.48
C ARG B 197 -35.48 -8.69 21.46
N GLY B 198 -35.63 -7.70 22.34
CA GLY B 198 -34.63 -7.39 23.37
C GLY B 198 -35.21 -7.51 24.76
N PHE B 199 -34.34 -7.91 25.69
CA PHE B 199 -34.72 -8.17 27.09
C PHE B 199 -33.69 -7.63 28.04
N LEU B 200 -34.15 -7.09 29.16
CA LEU B 200 -33.26 -6.71 30.24
C LEU B 200 -33.15 -7.86 31.22
N VAL B 201 -31.94 -8.36 31.37
CA VAL B 201 -31.68 -9.53 32.19
C VAL B 201 -30.86 -9.12 33.39
N PRO B 202 -31.46 -9.13 34.59
CA PRO B 202 -30.61 -8.92 35.77
C PRO B 202 -29.58 -10.04 35.85
N THR B 203 -28.33 -9.71 36.14
CA THR B 203 -27.27 -10.68 35.95
C THR B 203 -27.17 -11.73 37.07
N ASP B 204 -27.96 -11.59 38.12
CA ASP B 204 -28.10 -12.68 39.11
C ASP B 204 -29.34 -13.54 38.87
N THR B 205 -29.99 -13.41 37.73
CA THR B 205 -31.09 -14.31 37.40
C THR B 205 -30.57 -15.74 37.27
N PRO B 206 -31.25 -16.72 37.91
CA PRO B 206 -30.82 -18.12 37.72
C PRO B 206 -30.73 -18.49 36.26
N GLY B 207 -29.66 -19.21 35.91
CA GLY B 207 -29.44 -19.65 34.56
C GLY B 207 -28.56 -18.72 33.74
N PHE B 208 -28.28 -17.52 34.27
CA PHE B 208 -27.43 -16.53 33.58
C PHE B 208 -26.03 -16.58 34.17
N THR B 209 -25.06 -16.93 33.35
CA THR B 209 -23.67 -17.02 33.80
C THR B 209 -22.77 -16.19 32.88
N ALA B 210 -21.93 -15.37 33.48
CA ALA B 210 -20.88 -14.63 32.76
C ALA B 210 -19.53 -15.25 33.03
N ASN B 211 -18.79 -15.63 31.99
CA ASN B 211 -17.47 -16.24 32.12
C ASN B 211 -16.46 -15.32 31.47
N GLU B 212 -15.50 -14.83 32.23
CA GLU B 212 -14.56 -13.88 31.69
C GLU B 212 -13.57 -14.54 30.73
N ILE B 213 -13.27 -13.82 29.64
CA ILE B 213 -12.32 -14.25 28.63
C ILE B 213 -10.94 -13.76 29.03
N HIS B 214 -9.99 -14.67 29.02
CA HIS B 214 -8.61 -14.41 29.38
C HIS B 214 -7.70 -14.63 28.14
N ARG B 215 -6.41 -14.41 28.32
CA ARG B 215 -5.38 -14.62 27.29
C ARG B 215 -5.66 -13.79 26.04
N LYS B 216 -6.19 -12.58 26.25
CA LYS B 216 -6.30 -11.59 25.17
C LYS B 216 -4.95 -10.92 24.97
N LEU B 217 -4.63 -10.58 23.72
CA LEU B 217 -3.50 -9.70 23.40
C LEU B 217 -3.98 -8.29 23.10
N SER B 218 -5.27 -8.10 22.94
CA SER B 218 -5.91 -6.82 22.61
C SER B 218 -6.96 -6.55 23.69
N LEU B 219 -7.12 -5.29 24.09
CA LEU B 219 -8.15 -4.91 25.04
C LEU B 219 -8.01 -5.67 26.37
N ARG B 220 -6.76 -5.84 26.78
CA ARG B 220 -6.51 -6.42 28.09
C ARG B 220 -7.01 -5.55 29.21
N ALA B 221 -6.99 -4.23 29.07
CA ALA B 221 -7.52 -3.33 30.10
C ALA B 221 -9.01 -3.08 29.84
N SER B 222 -9.77 -4.18 29.88
CA SER B 222 -11.20 -4.21 29.58
C SER B 222 -11.74 -5.57 30.00
N VAL B 223 -12.96 -5.65 30.49
CA VAL B 223 -13.60 -6.95 30.80
C VAL B 223 -14.43 -7.40 29.58
N THR B 224 -14.16 -8.60 29.09
CA THR B 224 -14.91 -9.17 27.96
C THR B 224 -15.32 -10.56 28.39
N SER B 225 -16.56 -10.94 28.08
CA SER B 225 -17.19 -12.14 28.62
C SER B 225 -17.97 -13.01 27.62
N GLU B 226 -18.07 -14.28 27.96
CA GLU B 226 -19.10 -15.18 27.42
C GLU B 226 -20.30 -15.05 28.35
N LEU B 227 -21.49 -14.93 27.78
CA LEU B 227 -22.74 -15.03 28.56
C LEU B 227 -23.47 -16.30 28.17
N VAL B 228 -23.68 -17.17 29.15
CA VAL B 228 -24.45 -18.39 28.90
C VAL B 228 -25.83 -18.22 29.53
N LEU B 229 -26.88 -18.34 28.71
CA LEU B 229 -28.27 -18.30 29.17
C LEU B 229 -28.88 -19.70 29.05
N ASP B 230 -29.08 -20.33 30.19
CA ASP B 230 -29.59 -21.72 30.29
C ASP B 230 -30.96 -21.62 30.94
N ASN B 231 -32.00 -21.63 30.10
CA ASN B 231 -33.41 -21.55 30.53
C ASN B 231 -33.63 -20.40 31.53
N VAL B 232 -33.22 -19.20 31.12
CA VAL B 232 -33.37 -18.00 31.95
C VAL B 232 -34.79 -17.54 31.90
N ARG B 233 -35.50 -17.58 33.03
CA ARG B 233 -36.91 -17.22 33.07
C ARG B 233 -37.07 -15.74 33.47
N LEU B 234 -37.85 -14.99 32.69
CA LEU B 234 -38.07 -13.55 32.91
C LEU B 234 -39.56 -13.25 32.86
N PRO B 235 -39.99 -12.23 33.59
CA PRO B 235 -41.37 -11.78 33.48
C PRO B 235 -41.61 -11.03 32.18
N ALA B 236 -42.88 -10.87 31.82
CA ALA B 236 -43.26 -10.08 30.66
C ALA B 236 -42.61 -8.70 30.66
N SER B 237 -42.50 -8.10 31.85
CA SER B 237 -42.01 -6.74 31.99
C SER B 237 -40.51 -6.58 31.68
N ALA B 238 -39.77 -7.68 31.57
CA ALA B 238 -38.35 -7.62 31.24
C ALA B 238 -38.09 -7.32 29.78
N GLN B 239 -39.06 -7.56 28.90
CA GLN B 239 -38.88 -7.23 27.49
C GLN B 239 -38.77 -5.73 27.31
N LEU B 240 -37.91 -5.28 26.40
CA LEU B 240 -37.89 -3.89 25.95
C LEU B 240 -39.08 -3.74 25.01
N PRO B 241 -40.15 -3.03 25.43
CA PRO B 241 -41.38 -3.15 24.68
C PRO B 241 -41.35 -2.60 23.27
N LEU B 242 -40.52 -1.59 23.00
CA LEU B 242 -40.52 -0.93 21.69
C LEU B 242 -39.54 -1.53 20.68
N ALA B 243 -38.71 -2.48 21.10
CA ALA B 243 -37.71 -3.05 20.22
C ALA B 243 -38.29 -4.19 19.39
N GLU B 244 -38.31 -4.01 18.06
CA GLU B 244 -38.73 -5.06 17.13
C GLU B 244 -37.78 -5.14 15.93
N GLY B 245 -37.20 -6.31 15.70
CA GLY B 245 -36.35 -6.55 14.54
C GLY B 245 -34.90 -6.18 14.80
N LEU B 246 -34.07 -6.48 13.82
CA LEU B 246 -32.64 -6.15 13.90
C LEU B 246 -32.41 -4.64 13.96
N SER B 247 -33.35 -3.84 13.45
CA SER B 247 -33.17 -2.38 13.50
C SER B 247 -32.91 -1.88 14.92
N ALA B 248 -33.46 -2.56 15.94
CA ALA B 248 -33.28 -2.04 17.32
C ALA B 248 -31.83 -2.16 17.79
N PRO B 249 -31.26 -3.38 17.80
CA PRO B 249 -29.85 -3.40 18.17
C PRO B 249 -28.95 -2.58 17.27
N LEU B 250 -29.23 -2.57 15.96
CA LEU B 250 -28.39 -1.78 15.05
C LEU B 250 -28.47 -0.29 15.35
N SER B 251 -29.59 0.20 15.82
CA SER B 251 -29.67 1.63 16.16
C SER B 251 -28.73 1.96 17.33
N CYS B 252 -28.58 1.01 18.27
CA CYS B 252 -27.67 1.20 19.38
C CYS B 252 -26.22 1.17 18.86
N LEU B 253 -25.93 0.19 18.03
CA LEU B 253 -24.60 0.12 17.40
C LEU B 253 -24.25 1.39 16.66
N ASN B 254 -25.20 2.01 15.95
CA ASN B 254 -24.87 3.24 15.25
C ASN B 254 -24.54 4.39 16.21
N GLU B 255 -25.12 4.41 17.41
CA GLU B 255 -24.71 5.39 18.42
C GLU B 255 -23.28 5.13 18.85
N ALA B 256 -22.96 3.85 19.14
CA ALA B 256 -21.62 3.51 19.61
C ALA B 256 -20.55 3.72 18.54
N ARG B 257 -20.88 3.34 17.30
CA ARG B 257 -19.96 3.47 16.18
C ARG B 257 -19.55 4.92 15.99
N PHE B 258 -20.51 5.82 16.14
CA PHE B 258 -20.23 7.24 16.08
C PHE B 258 -19.14 7.64 17.08
N GLY B 259 -19.23 7.19 18.32
CA GLY B 259 -18.19 7.45 19.27
C GLY B 259 -16.82 6.89 18.86
N ILE B 260 -16.80 5.70 18.28
CA ILE B 260 -15.57 5.06 17.81
C ILE B 260 -14.91 5.87 16.68
N VAL B 261 -15.70 6.50 15.81
CA VAL B 261 -15.16 7.34 14.74
C VAL B 261 -14.21 8.38 15.31
N PHE B 262 -14.56 9.00 16.45
CA PHE B 262 -13.69 9.91 17.15
C PHE B 262 -12.66 9.15 17.99
N GLY B 263 -13.08 8.12 18.73
CA GLY B 263 -12.18 7.39 19.63
C GLY B 263 -10.90 6.92 19.00
N ALA B 264 -11.01 6.31 17.82
CA ALA B 264 -9.86 5.75 17.15
C ALA B 264 -8.79 6.82 16.91
N LEU B 265 -9.24 8.04 16.66
CA LEU B 265 -8.32 9.16 16.42
C LEU B 265 -7.50 9.52 17.66
N GLY B 266 -8.07 9.31 18.85
CA GLY B 266 -7.36 9.53 20.08
C GLY B 266 -6.15 8.61 20.24
N ALA B 267 -6.36 7.32 19.96
CA ALA B 267 -5.28 6.37 20.02
C ALA B 267 -4.21 6.73 18.98
N ALA B 268 -4.65 7.15 17.79
CA ALA B 268 -3.72 7.59 16.78
C ALA B 268 -2.93 8.85 17.19
N ARG B 269 -3.64 9.87 17.70
CA ARG B 269 -2.97 11.08 18.12
C ARG B 269 -1.97 10.83 19.24
N ASP B 270 -2.38 10.06 20.24
CA ASP B 270 -1.50 9.77 21.38
C ASP B 270 -0.24 9.03 20.91
N SER B 271 -0.41 8.05 20.01
CA SER B 271 0.73 7.34 19.43
C SER B 271 1.64 8.33 18.73
N LEU B 272 1.04 9.19 17.90
CA LEU B 272 1.83 10.06 17.03
C LEU B 272 2.55 11.15 17.82
N GLU B 273 1.85 11.80 18.75
CA GLU B 273 2.50 12.84 19.54
C GLU B 273 3.61 12.25 20.41
N THR B 274 3.37 11.10 21.01
CA THR B 274 4.42 10.42 21.79
C THR B 274 5.66 10.14 20.92
N THR B 275 5.42 9.66 19.72
CA THR B 275 6.48 9.29 18.81
C THR B 275 7.24 10.51 18.28
N ILE B 276 6.55 11.58 17.93
CA ILE B 276 7.23 12.80 17.51
C ILE B 276 8.18 13.24 18.63
N ALA B 277 7.71 13.24 19.88
CA ALA B 277 8.59 13.63 21.01
C ALA B 277 9.80 12.70 21.12
N TYR B 278 9.59 11.40 20.90
CA TYR B 278 10.71 10.47 20.95
C TYR B 278 11.71 10.78 19.85
N THR B 279 11.25 11.08 18.64
CA THR B 279 12.19 11.35 17.54
C THR B 279 13.00 12.63 17.75
N GLN B 280 12.48 13.56 18.55
CA GLN B 280 13.20 14.78 18.86
C GLN B 280 14.30 14.54 19.88
N SER B 281 14.10 13.57 20.77
CA SER B 281 15.02 13.26 21.86
C SER B 281 16.08 12.20 21.50
N ARG B 282 15.71 11.26 20.64
CA ARG B 282 16.59 10.15 20.29
C ARG B 282 17.60 10.54 19.23
N GLU B 283 18.87 10.43 19.52
CA GLU B 283 19.88 10.72 18.53
CA GLU B 283 19.94 10.72 18.58
C GLU B 283 20.33 9.42 17.89
N VAL B 284 20.44 9.45 16.56
CA VAL B 284 20.98 8.34 15.77
C VAL B 284 21.97 8.95 14.80
N PHE B 285 23.16 8.36 14.74
CA PHE B 285 24.22 8.84 13.83
C PHE B 285 24.46 10.37 13.99
N ASP B 286 24.50 10.82 15.25
CA ASP B 286 24.89 12.18 15.66
C ASP B 286 23.89 13.30 15.42
N LYS B 287 22.64 12.96 15.10
CA LYS B 287 21.58 13.96 14.94
C LYS B 287 20.29 13.39 15.50
N PRO B 288 19.33 14.25 15.90
CA PRO B 288 18.02 13.75 16.30
C PRO B 288 17.35 13.00 15.16
N LEU B 289 16.69 11.91 15.52
CA LEU B 289 15.97 11.05 14.58
C LEU B 289 14.98 11.86 13.73
N SER B 290 14.41 12.90 14.32
CA SER B 290 13.48 13.79 13.61
C SER B 290 14.08 14.53 12.40
N ASN B 291 15.41 14.57 12.30
CA ASN B 291 16.09 15.27 11.25
C ASN B 291 16.16 14.54 9.90
N TYR B 292 15.88 13.24 9.92
CA TYR B 292 16.11 12.41 8.74
C TYR B 292 14.89 12.38 7.83
N GLN B 293 15.15 12.30 6.53
CA GLN B 293 14.04 12.23 5.57
C GLN B 293 13.11 11.06 5.80
N LEU B 294 13.65 9.87 6.09
CA LEU B 294 12.74 8.74 6.29
C LEU B 294 11.82 8.95 7.47
N THR B 295 12.32 9.60 8.52
CA THR B 295 11.49 9.90 9.70
C THR B 295 10.39 10.88 9.33
N GLN B 296 10.80 11.97 8.66
CA GLN B 296 9.83 13.02 8.32
C GLN B 296 8.74 12.52 7.36
N GLU B 297 9.12 11.63 6.46
CA GLU B 297 8.14 11.00 5.58
C GLU B 297 7.04 10.33 6.40
N LYS B 298 7.44 9.49 7.37
CA LYS B 298 6.48 8.78 8.21
C LYS B 298 5.61 9.77 9.01
N LEU B 299 6.26 10.74 9.65
CA LEU B 299 5.54 11.71 10.47
C LEU B 299 4.53 12.51 9.66
N ALA B 300 4.92 12.91 8.45
CA ALA B 300 4.03 13.67 7.58
C ALA B 300 2.88 12.80 7.08
N ASN B 301 3.15 11.59 6.61
CA ASN B 301 2.08 10.74 6.11
C ASN B 301 1.08 10.41 7.20
N MET B 302 1.56 10.15 8.41
CA MET B 302 0.68 9.84 9.52
C MET B 302 -0.18 11.06 9.90
N THR B 303 0.46 12.22 9.95
CA THR B 303 -0.25 13.48 10.22
C THR B 303 -1.37 13.71 9.21
N VAL B 304 -1.08 13.47 7.93
CA VAL B 304 -2.06 13.66 6.89
C VAL B 304 -3.31 12.80 7.15
N GLU B 305 -3.13 11.53 7.51
CA GLU B 305 -4.28 10.66 7.80
C GLU B 305 -5.01 11.08 9.08
N LEU B 306 -4.27 11.43 10.13
CA LEU B 306 -4.90 11.85 11.38
C LEU B 306 -5.79 13.08 11.15
N GLY B 307 -5.29 14.10 10.46
CA GLY B 307 -6.09 15.29 10.20
C GLY B 307 -7.28 15.05 9.33
N LYS B 308 -7.10 14.26 8.28
CA LYS B 308 -8.25 13.89 7.45
C LYS B 308 -9.31 13.18 8.26
N GLY B 309 -8.88 12.28 9.13
CA GLY B 309 -9.83 11.58 9.99
C GLY B 309 -10.57 12.49 10.96
N MET B 310 -9.85 13.45 11.52
CA MET B 310 -10.46 14.44 12.40
C MET B 310 -11.50 15.31 11.67
N LEU B 311 -11.19 15.73 10.46
CA LEU B 311 -12.16 16.47 9.65
C LEU B 311 -13.39 15.63 9.41
N LEU B 312 -13.20 14.35 9.08
CA LEU B 312 -14.32 13.46 8.84
C LEU B 312 -15.18 13.23 10.10
N ALA B 313 -14.52 13.05 11.25
CA ALA B 313 -15.24 12.87 12.52
C ALA B 313 -16.11 14.10 12.82
N ILE B 314 -15.52 15.29 12.74
CA ILE B 314 -16.26 16.52 13.05
C ILE B 314 -17.40 16.69 12.07
N HIS B 315 -17.15 16.41 10.79
CA HIS B 315 -18.17 16.49 9.75
C HIS B 315 -19.38 15.60 10.07
N LEU B 316 -19.10 14.35 10.41
CA LEU B 316 -20.16 13.43 10.80
C LEU B 316 -20.91 13.86 12.06
N GLY B 317 -20.19 14.38 13.04
CA GLY B 317 -20.83 14.87 14.25
C GLY B 317 -21.74 16.07 14.00
N ARG B 318 -21.32 16.98 13.12
CA ARG B 318 -22.17 18.11 12.81
C ARG B 318 -23.44 17.66 12.10
N ILE B 319 -23.31 16.70 11.19
CA ILE B 319 -24.47 16.11 10.53
C ILE B 319 -25.40 15.45 11.59
N LYS B 320 -24.83 14.65 12.48
CA LYS B 320 -25.60 13.97 13.49
C LYS B 320 -26.42 14.97 14.32
N ASP B 321 -25.77 16.03 14.81
CA ASP B 321 -26.48 17.03 15.63
C ASP B 321 -27.53 17.78 14.83
N ALA B 322 -27.23 18.06 13.57
CA ALA B 322 -28.11 18.96 12.81
C ALA B 322 -29.35 18.25 12.32
N GLU B 323 -29.19 16.99 11.94
CA GLU B 323 -30.27 16.27 11.26
C GLU B 323 -30.25 14.73 11.39
N GLY B 324 -29.37 14.17 12.22
CA GLY B 324 -29.18 12.73 12.28
C GLY B 324 -28.25 12.29 11.19
N VAL B 325 -27.47 11.25 11.45
CA VAL B 325 -26.52 10.74 10.49
C VAL B 325 -26.92 9.33 10.06
N ARG B 326 -26.81 9.01 8.77
CA ARG B 326 -27.23 7.71 8.27
C ARG B 326 -26.17 6.64 8.56
N PRO B 327 -26.59 5.37 8.66
CA PRO B 327 -25.62 4.31 8.94
C PRO B 327 -24.47 4.27 7.95
N GLU B 328 -24.76 4.45 6.67
CA GLU B 328 -23.72 4.37 5.63
C GLU B 328 -22.76 5.55 5.70
N GLN B 329 -23.21 6.67 6.29
CA GLN B 329 -22.31 7.80 6.55
C GLN B 329 -21.37 7.49 7.72
N ILE B 330 -21.92 6.93 8.80
CA ILE B 330 -21.09 6.45 9.91
C ILE B 330 -20.04 5.46 9.38
N SER B 331 -20.43 4.61 8.46
CA SER B 331 -19.51 3.60 7.92
C SER B 331 -18.26 4.26 7.31
N LEU B 332 -18.42 5.41 6.66
CA LEU B 332 -17.25 6.13 6.13
C LEU B 332 -16.24 6.37 7.24
N GLY B 333 -16.73 6.89 8.37
CA GLY B 333 -15.89 7.17 9.52
C GLY B 333 -15.33 5.96 10.21
N LYS B 334 -16.16 4.93 10.41
CA LYS B 334 -15.71 3.76 11.14
C LYS B 334 -14.70 3.00 10.32
N LEU B 335 -14.98 2.77 9.04
CA LEU B 335 -14.00 2.16 8.16
C LEU B 335 -12.69 2.95 8.15
N ASN B 336 -12.77 4.24 7.87
CA ASN B 336 -11.56 4.98 7.63
C ASN B 336 -10.76 5.16 8.91
N ASN B 337 -11.43 5.63 9.96
CA ASN B 337 -10.66 6.15 11.08
C ASN B 337 -10.00 5.03 11.88
N VAL B 338 -10.66 3.90 11.96
CA VAL B 338 -10.05 2.78 12.68
C VAL B 338 -8.86 2.20 11.89
N ARG B 339 -9.04 1.95 10.60
CA ARG B 339 -7.94 1.34 9.83
C ARG B 339 -6.77 2.30 9.70
N GLU B 340 -7.03 3.58 9.56
CA GLU B 340 -5.90 4.50 9.51
C GLU B 340 -5.25 4.67 10.88
N ALA B 341 -6.04 4.61 11.96
CA ALA B 341 -5.45 4.70 13.30
C ALA B 341 -4.52 3.53 13.60
N ILE B 342 -4.91 2.32 13.24
CA ILE B 342 -4.04 1.16 13.52
C ILE B 342 -2.77 1.21 12.69
N ALA B 343 -2.88 1.72 11.46
CA ALA B 343 -1.67 1.95 10.63
C ALA B 343 -0.72 2.95 11.28
N ILE B 344 -1.27 4.04 11.83
CA ILE B 344 -0.45 5.05 12.52
C ILE B 344 0.24 4.43 13.73
N ALA B 345 -0.50 3.68 14.57
CA ALA B 345 0.12 3.10 15.77
C ALA B 345 1.25 2.16 15.39
N ARG B 346 1.04 1.34 14.38
CA ARG B 346 2.05 0.38 13.92
C ARG B 346 3.29 1.11 13.41
N GLU B 347 3.10 2.13 12.58
CA GLU B 347 4.22 2.82 11.99
CA GLU B 347 4.20 2.84 11.98
C GLU B 347 4.99 3.59 13.08
N CYS B 348 4.28 4.20 14.01
CA CYS B 348 4.93 4.83 15.16
C CYS B 348 5.88 3.88 15.87
N ARG B 349 5.43 2.65 16.08
CA ARG B 349 6.24 1.69 16.82
C ARG B 349 7.59 1.50 16.13
N THR B 350 7.61 1.49 14.78
CA THR B 350 8.87 1.28 14.08
C THR B 350 9.89 2.35 14.40
N LEU B 351 9.43 3.58 14.60
CA LEU B 351 10.31 4.71 14.92
C LEU B 351 10.89 4.65 16.33
N LEU B 352 10.20 3.94 17.22
CA LEU B 352 10.70 3.76 18.56
C LEU B 352 11.80 2.71 18.71
N GLY B 353 11.96 1.85 17.72
CA GLY B 353 12.91 0.77 17.85
C GLY B 353 12.60 -0.15 19.01
N GLY B 354 13.64 -0.68 19.64
CA GLY B 354 13.47 -1.67 20.69
C GLY B 354 12.62 -1.17 21.84
N SER B 355 12.81 0.10 22.21
CA SER B 355 12.01 0.67 23.30
CA SER B 355 12.01 0.66 23.31
C SER B 355 10.50 0.60 23.06
N GLY B 356 10.11 0.50 21.77
CA GLY B 356 8.71 0.43 21.46
C GLY B 356 8.06 -0.91 21.69
N ILE B 357 8.82 -1.93 22.07
CA ILE B 357 8.19 -3.29 22.21
C ILE B 357 7.57 -3.54 23.57
N THR B 358 7.77 -2.64 24.53
CA THR B 358 7.22 -2.77 25.86
C THR B 358 5.98 -1.89 26.04
N LEU B 359 5.47 -1.84 27.27
CA LEU B 359 4.40 -0.92 27.66
C LEU B 359 4.84 0.51 27.95
N GLU B 360 6.13 0.81 27.81
CA GLU B 360 6.65 2.14 28.16
C GLU B 360 6.04 3.29 27.34
N TYR B 361 5.98 3.06 26.03
CA TYR B 361 5.44 4.03 25.06
C TYR B 361 4.20 3.45 24.46
N SER B 362 3.15 4.25 24.32
CA SER B 362 1.83 3.77 23.98
C SER B 362 1.61 3.07 22.61
N PRO B 363 2.40 3.35 21.56
CA PRO B 363 2.00 2.77 20.24
C PRO B 363 1.68 1.28 20.14
N LEU B 364 2.51 0.39 20.68
CA LEU B 364 2.23 -1.04 20.51
C LEU B 364 0.96 -1.46 21.24
N ARG B 365 0.72 -0.91 22.43
CA ARG B 365 -0.53 -1.13 23.13
C ARG B 365 -1.70 -0.62 22.31
N HIS B 366 -1.63 0.60 21.78
CA HIS B 366 -2.72 1.11 20.99
C HIS B 366 -2.97 0.24 19.75
N ALA B 367 -1.90 -0.16 19.06
CA ALA B 367 -2.04 -1.04 17.89
C ALA B 367 -2.78 -2.30 18.24
N ASN B 368 -2.35 -2.97 19.32
CA ASN B 368 -3.03 -4.18 19.76
C ASN B 368 -4.50 -3.94 20.08
N ASN B 369 -4.76 -2.87 20.82
CA ASN B 369 -6.14 -2.55 21.15
C ASN B 369 -7.01 -2.33 19.91
N LEU B 370 -6.45 -1.62 18.94
CA LEU B 370 -7.17 -1.29 17.73
C LEU B 370 -7.50 -2.51 16.88
N GLU B 371 -6.83 -3.64 17.10
CA GLU B 371 -7.26 -4.88 16.45
C GLU B 371 -8.73 -5.17 16.80
N SER B 372 -9.09 -5.03 18.08
CA SER B 372 -10.50 -5.26 18.49
C SER B 372 -11.41 -4.21 17.89
N VAL B 373 -10.98 -2.95 17.90
CA VAL B 373 -11.80 -1.83 17.40
C VAL B 373 -12.07 -2.00 15.90
N LEU B 374 -11.08 -2.53 15.16
CA LEU B 374 -11.20 -2.78 13.73
C LEU B 374 -12.30 -3.80 13.46
N THR B 375 -12.43 -4.77 14.36
CA THR B 375 -13.33 -5.90 14.18
C THR B 375 -14.74 -5.64 14.73
N TYR B 376 -14.84 -5.04 15.92
CA TYR B 376 -16.13 -4.90 16.58
C TYR B 376 -16.96 -3.75 16.03
N GLU B 377 -18.25 -3.74 16.35
CA GLU B 377 -19.20 -2.74 15.85
CA GLU B 377 -19.15 -2.70 15.87
C GLU B 377 -19.16 -2.67 14.33
N GLY B 378 -18.98 -3.84 13.73
CA GLY B 378 -18.96 -4.02 12.29
C GLY B 378 -17.53 -4.01 11.84
N THR B 379 -17.06 -5.12 11.27
CA THR B 379 -15.70 -5.16 10.78
C THR B 379 -15.48 -4.15 9.65
N SER B 380 -14.20 -3.91 9.33
CA SER B 380 -13.90 -3.09 8.18
C SER B 380 -14.66 -3.56 6.97
N GLU B 381 -14.68 -4.86 6.71
CA GLU B 381 -15.31 -5.38 5.50
C GLU B 381 -16.83 -5.12 5.49
N MET B 382 -17.48 -5.19 6.66
CA MET B 382 -18.89 -4.88 6.73
C MET B 382 -19.16 -3.44 6.36
N HIS B 383 -18.34 -2.52 6.88
CA HIS B 383 -18.53 -1.11 6.55
C HIS B 383 -18.16 -0.83 5.10
N LEU B 384 -17.12 -1.45 4.58
CA LEU B 384 -16.76 -1.39 3.15
C LEU B 384 -17.94 -1.78 2.27
N LEU B 385 -18.58 -2.91 2.56
CA LEU B 385 -19.72 -3.37 1.76
C LEU B 385 -20.98 -2.54 1.96
N SER B 386 -21.14 -1.94 3.12
CA SER B 386 -22.25 -1.02 3.30
CA SER B 386 -22.25 -1.01 3.34
C SER B 386 -22.10 0.22 2.43
N ILE B 387 -20.89 0.74 2.36
CA ILE B 387 -20.60 1.85 1.48
C ILE B 387 -20.81 1.41 0.02
N GLY B 388 -20.34 0.22 -0.35
CA GLY B 388 -20.53 -0.32 -1.71
C GLY B 388 -22.01 -0.38 -2.09
N LYS B 389 -22.85 -0.82 -1.16
CA LYS B 389 -24.29 -0.89 -1.40
CA LYS B 389 -24.29 -0.89 -1.40
C LYS B 389 -24.87 0.51 -1.62
N ALA B 390 -24.44 1.48 -0.81
CA ALA B 390 -24.93 2.87 -0.95
C ALA B 390 -24.57 3.44 -2.31
N LEU B 391 -23.40 3.06 -2.86
CA LEU B 391 -22.95 3.58 -4.15
C LEU B 391 -23.60 2.92 -5.37
N THR B 392 -23.92 1.63 -5.21
CA THR B 392 -24.38 0.83 -6.34
C THR B 392 -25.85 0.41 -6.31
N GLY B 393 -26.45 0.41 -5.14
CA GLY B 393 -27.79 -0.13 -4.92
C GLY B 393 -27.84 -1.64 -4.80
N LYS B 394 -26.70 -2.30 -4.82
CA LYS B 394 -26.64 -3.77 -4.76
C LYS B 394 -25.93 -4.22 -3.52
N ALA B 395 -26.58 -5.08 -2.76
CA ALA B 395 -25.93 -5.67 -1.57
C ALA B 395 -25.06 -6.82 -2.02
N ALA B 396 -23.82 -6.82 -1.53
CA ALA B 396 -22.82 -7.84 -1.84
C ALA B 396 -22.31 -8.58 -0.62
N PHE B 397 -23.10 -8.63 0.44
CA PHE B 397 -22.74 -9.42 1.63
C PHE B 397 -22.88 -10.88 1.33
N ARG B 398 -23.95 -11.25 0.62
CA ARG B 398 -24.19 -12.64 0.21
CA ARG B 398 -24.16 -12.63 0.22
C ARG B 398 -23.76 -12.82 -1.25
N THR C 13 -6.70 -29.20 -3.36
CA THR C 13 -6.19 -27.86 -2.82
C THR C 13 -4.70 -27.92 -2.55
N TYR C 14 -4.07 -26.75 -2.50
CA TYR C 14 -2.64 -26.60 -2.24
C TYR C 14 -2.39 -25.72 -1.04
N ALA C 15 -1.46 -26.11 -0.18
CA ALA C 15 -0.89 -25.17 0.79
C ALA C 15 -0.18 -24.05 0.03
N PRO C 16 -0.01 -22.88 0.65
CA PRO C 16 0.61 -21.76 -0.07
C PRO C 16 1.94 -22.07 -0.73
N LEU C 17 2.88 -22.69 -0.01
CA LEU C 17 4.19 -23.00 -0.61
C LEU C 17 4.14 -24.18 -1.53
N GLU C 18 3.17 -25.09 -1.35
N GLU C 18 3.17 -25.08 -1.33
CA GLU C 18 2.95 -26.17 -2.32
CA GLU C 18 2.90 -26.18 -2.27
C GLU C 18 2.51 -25.61 -3.68
C GLU C 18 2.49 -25.64 -3.64
N LEU C 19 1.72 -24.55 -3.68
CA LEU C 19 1.32 -23.93 -4.94
C LEU C 19 2.56 -23.40 -5.68
N PHE C 20 3.48 -22.74 -4.97
CA PHE C 20 4.77 -22.34 -5.53
C PHE C 20 5.68 -23.53 -5.84
N ASP C 21 5.51 -24.65 -5.14
CA ASP C 21 6.41 -25.80 -5.22
C ASP C 21 7.83 -25.44 -4.89
N THR C 22 8.03 -24.94 -3.69
CA THR C 22 9.38 -24.66 -3.23
C THR C 22 10.13 -25.93 -2.82
N ASP C 23 9.38 -26.98 -2.51
CA ASP C 23 10.04 -28.25 -2.11
C ASP C 23 10.93 -28.77 -3.23
N ARG C 24 10.59 -28.52 -4.50
CA ARG C 24 11.41 -29.01 -5.62
C ARG C 24 12.83 -28.45 -5.59
N LEU C 25 13.01 -27.35 -4.89
CA LEU C 25 14.30 -26.69 -4.78
C LEU C 25 15.17 -27.27 -3.66
N LEU C 26 14.65 -28.24 -2.92
CA LEU C 26 15.32 -28.77 -1.72
C LEU C 26 15.61 -30.22 -1.95
N ASP C 27 16.71 -30.72 -1.42
CA ASP C 27 16.94 -32.15 -1.56
C ASP C 27 16.27 -32.91 -0.42
N GLN C 28 16.36 -34.24 -0.44
CA GLN C 28 15.63 -35.04 0.53
C GLN C 28 16.14 -34.79 1.95
N ASP C 29 17.44 -34.64 2.10
CA ASP C 29 18.01 -34.41 3.44
C ASP C 29 17.52 -33.08 4.02
N GLU C 30 17.45 -32.05 3.19
CA GLU C 30 16.92 -30.76 3.60
C GLU C 30 15.45 -30.87 3.99
N ARG C 31 14.66 -31.54 3.17
CA ARG C 31 13.25 -31.72 3.47
CA ARG C 31 13.24 -31.72 3.46
C ARG C 31 13.06 -32.52 4.75
N ASP C 32 13.94 -33.49 4.98
CA ASP C 32 13.87 -34.27 6.20
C ASP C 32 14.16 -33.42 7.43
N ILE C 33 15.14 -32.52 7.34
CA ILE C 33 15.44 -31.60 8.46
C ILE C 33 14.21 -30.76 8.78
N ALA C 34 13.59 -30.19 7.75
CA ALA C 34 12.40 -29.36 7.99
C ALA C 34 11.31 -30.15 8.68
N ALA C 35 11.05 -31.37 8.17
CA ALA C 35 10.02 -32.19 8.78
C ALA C 35 10.34 -32.57 10.23
N THR C 36 11.59 -32.87 10.50
CA THR C 36 12.00 -33.23 11.84
C THR C 36 11.78 -32.06 12.83
N VAL C 37 12.19 -30.86 12.43
CA VAL C 37 12.05 -29.71 13.32
C VAL C 37 10.58 -29.36 13.48
N ARG C 38 9.81 -29.46 12.39
CA ARG C 38 8.37 -29.22 12.48
C ARG C 38 7.69 -30.19 13.46
N GLN C 39 8.07 -31.44 13.42
CA GLN C 39 7.52 -32.41 14.35
C GLN C 39 7.87 -32.09 15.82
N PHE C 40 9.12 -31.70 16.04
CA PHE C 40 9.58 -31.28 17.36
C PHE C 40 8.75 -30.10 17.85
N VAL C 41 8.61 -29.10 16.99
CA VAL C 41 7.84 -27.93 17.37
C VAL C 41 6.40 -28.32 17.71
N ASP C 42 5.77 -29.12 16.85
CA ASP C 42 4.38 -29.51 17.07
C ASP C 42 4.17 -30.29 18.36
N THR C 43 5.10 -31.16 18.68
CA THR C 43 4.96 -32.06 19.83
C THR C 43 5.49 -31.48 21.15
N ARG C 44 6.61 -30.78 21.10
CA ARG C 44 7.28 -30.33 22.33
C ARG C 44 6.99 -28.87 22.69
N LEU C 45 6.68 -28.03 21.70
CA LEU C 45 6.59 -26.59 21.94
C LEU C 45 5.20 -26.03 21.81
N LYS C 46 4.53 -26.36 20.72
CA LYS C 46 3.17 -25.86 20.48
CA LYS C 46 3.19 -25.83 20.50
C LYS C 46 2.17 -26.07 21.63
N PRO C 47 2.22 -27.22 22.32
CA PRO C 47 1.24 -27.39 23.41
C PRO C 47 1.41 -26.41 24.58
N ASN C 48 2.57 -25.78 24.68
CA ASN C 48 2.95 -24.96 25.83
C ASN C 48 3.03 -23.48 25.49
N VAL C 49 3.05 -23.16 24.20
CA VAL C 49 3.42 -21.80 23.80
C VAL C 49 2.45 -20.70 24.29
N GLU C 50 1.15 -20.98 24.36
CA GLU C 50 0.20 -19.96 24.79
CA GLU C 50 0.19 -19.99 24.80
C GLU C 50 0.51 -19.59 26.25
N GLY C 51 0.72 -20.59 27.10
CA GLY C 51 1.07 -20.32 28.48
C GLY C 51 2.41 -19.65 28.67
N TRP C 52 3.43 -20.03 27.90
CA TRP C 52 4.72 -19.41 27.94
C TRP C 52 4.65 -17.94 27.56
N PHE C 53 3.85 -17.63 26.52
CA PHE C 53 3.72 -16.23 26.10
C PHE C 53 2.97 -15.42 27.17
N GLU C 54 1.85 -15.92 27.65
CA GLU C 54 1.05 -15.18 28.65
C GLU C 54 1.84 -14.91 29.92
N SER C 55 2.55 -15.94 30.39
CA SER C 55 3.35 -15.83 31.60
C SER C 55 4.70 -15.18 31.38
N ALA C 56 5.09 -14.95 30.12
CA ALA C 56 6.38 -14.34 29.78
C ALA C 56 7.57 -15.13 30.27
N THR C 57 7.54 -16.41 29.95
CA THR C 57 8.61 -17.30 30.30
CA THR C 57 8.62 -17.32 30.29
C THR C 57 9.04 -18.11 29.07
N LEU C 58 10.31 -18.52 29.03
CA LEU C 58 10.79 -19.52 28.08
C LEU C 58 11.77 -20.31 28.93
N PRO C 59 11.38 -21.53 29.36
CA PRO C 59 12.21 -22.24 30.34
C PRO C 59 13.63 -22.57 29.88
N SER C 60 14.57 -22.45 30.82
CA SER C 60 15.98 -22.74 30.55
CA SER C 60 15.99 -22.75 30.59
C SER C 60 16.22 -24.19 30.09
N GLU C 61 15.41 -25.13 30.61
CA GLU C 61 15.33 -26.53 30.20
C GLU C 61 15.21 -26.81 28.68
N LEU C 62 14.56 -25.91 27.96
CA LEU C 62 14.49 -26.03 26.49
C LEU C 62 15.88 -26.00 25.86
N ALA C 63 16.90 -25.41 26.49
CA ALA C 63 18.25 -25.37 25.90
C ALA C 63 18.72 -26.80 25.59
N LYS C 64 18.53 -27.71 26.54
CA LYS C 64 18.90 -29.12 26.33
C LYS C 64 18.08 -29.83 25.27
N GLU C 65 16.78 -29.50 25.19
CA GLU C 65 15.94 -30.09 24.16
C GLU C 65 16.41 -29.63 22.77
N PHE C 66 16.68 -28.32 22.62
CA PHE C 66 17.22 -27.84 21.36
C PHE C 66 18.58 -28.44 21.08
N GLY C 67 19.40 -28.59 22.12
CA GLY C 67 20.72 -29.20 21.95
C GLY C 67 20.61 -30.62 21.42
N ASN C 68 19.74 -31.40 22.05
CA ASN C 68 19.54 -32.79 21.63
C ASN C 68 18.94 -32.92 20.23
N LEU C 69 18.05 -31.98 19.88
CA LEU C 69 17.49 -31.92 18.52
C LEU C 69 18.57 -31.75 17.46
N GLY C 70 19.60 -30.99 17.79
CA GLY C 70 20.73 -30.76 16.89
C GLY C 70 20.85 -29.39 16.28
N VAL C 71 19.97 -28.47 16.69
CA VAL C 71 19.89 -27.16 16.02
C VAL C 71 20.88 -26.13 16.53
N LEU C 72 21.51 -26.36 17.68
CA LEU C 72 22.42 -25.35 18.26
C LEU C 72 23.80 -25.39 17.60
N GLY C 73 24.14 -24.35 16.87
CA GLY C 73 25.34 -24.33 16.06
C GLY C 73 25.31 -25.29 14.90
N MET C 74 24.13 -25.60 14.37
CA MET C 74 24.01 -26.67 13.37
C MET C 74 24.77 -26.44 12.09
N HIS C 75 25.01 -25.20 11.71
CA HIS C 75 25.77 -24.90 10.48
C HIS C 75 27.27 -24.93 10.70
N LEU C 76 27.70 -24.97 11.95
CA LEU C 76 29.14 -25.04 12.30
C LEU C 76 29.65 -26.50 12.17
N GLN C 77 30.93 -26.61 11.84
CA GLN C 77 31.58 -27.90 11.69
C GLN C 77 32.44 -28.24 12.90
N GLY C 78 32.17 -29.41 13.50
CA GLY C 78 32.94 -29.93 14.62
C GLY C 78 32.30 -29.68 15.98
N TYR C 79 32.96 -30.14 17.03
CA TYR C 79 32.56 -29.86 18.41
C TYR C 79 31.21 -30.43 18.80
N GLY C 80 30.73 -31.42 18.07
CA GLY C 80 29.42 -31.96 18.24
C GLY C 80 28.34 -31.26 17.48
N CYS C 81 28.67 -30.23 16.73
CA CYS C 81 27.71 -29.55 15.88
C CYS C 81 27.28 -30.43 14.71
N ALA C 82 26.07 -30.18 14.20
CA ALA C 82 25.50 -30.98 13.14
C ALA C 82 26.28 -30.90 11.82
N GLY C 83 26.90 -29.75 11.54
CA GLY C 83 27.66 -29.53 10.31
C GLY C 83 26.83 -29.54 9.06
N THR C 84 25.61 -29.00 9.16
CA THR C 84 24.75 -28.91 7.98
C THR C 84 25.16 -27.75 7.08
N ASN C 85 24.58 -27.73 5.88
CA ASN C 85 24.68 -26.57 5.03
C ASN C 85 23.79 -25.42 5.56
N ALA C 86 23.93 -24.27 4.91
CA ALA C 86 23.22 -23.07 5.29
C ALA C 86 21.73 -23.19 5.03
N VAL C 87 21.34 -23.78 3.91
CA VAL C 87 19.93 -23.96 3.61
C VAL C 87 19.24 -24.73 4.73
N SER C 88 19.88 -25.81 5.22
CA SER C 88 19.31 -26.60 6.28
C SER C 88 19.12 -25.82 7.58
N TYR C 89 20.09 -24.99 7.95
CA TYR C 89 19.96 -24.07 9.11
C TYR C 89 18.76 -23.15 8.89
N GLY C 90 18.64 -22.61 7.68
CA GLY C 90 17.50 -21.74 7.37
C GLY C 90 16.17 -22.46 7.58
N LEU C 91 16.05 -23.68 7.06
CA LEU C 91 14.81 -24.39 7.21
C LEU C 91 14.50 -24.66 8.66
N ALA C 92 15.52 -25.05 9.45
CA ALA C 92 15.30 -25.22 10.89
C ALA C 92 14.81 -23.93 11.57
N CYS C 93 15.42 -22.80 11.22
CA CYS C 93 14.95 -21.53 11.74
C CYS C 93 13.50 -21.25 11.36
N MET C 94 13.15 -21.52 10.11
CA MET C 94 11.78 -21.33 9.64
C MET C 94 10.82 -22.16 10.50
N GLU C 95 11.14 -23.44 10.72
CA GLU C 95 10.24 -24.27 11.52
C GLU C 95 10.17 -23.84 12.98
N LEU C 96 11.29 -23.43 13.57
CA LEU C 96 11.25 -22.93 14.96
C LEU C 96 10.35 -21.71 15.10
N GLU C 97 10.46 -20.78 14.15
CA GLU C 97 9.73 -19.51 14.21
C GLU C 97 8.25 -19.72 13.91
N ALA C 98 7.94 -20.71 13.06
CA ALA C 98 6.53 -21.11 12.87
C ALA C 98 5.90 -21.47 14.20
N GLY C 99 6.69 -22.07 15.09
CA GLY C 99 6.28 -22.24 16.47
C GLY C 99 6.11 -20.92 17.21
N ASP C 100 7.22 -20.20 17.32
CA ASP C 100 7.26 -18.88 17.95
C ASP C 100 8.60 -18.29 17.68
N SER C 101 8.64 -16.98 17.39
CA SER C 101 9.92 -16.26 17.23
C SER C 101 10.87 -16.36 18.43
N GLY C 102 10.33 -16.58 19.62
CA GLY C 102 11.17 -16.77 20.82
C GLY C 102 12.04 -18.01 20.68
N PHE C 103 11.49 -19.06 20.09
CA PHE C 103 12.25 -20.31 19.89
C PHE C 103 13.39 -20.06 18.90
N ARG C 104 13.08 -19.41 17.78
CA ARG C 104 14.12 -19.14 16.79
C ARG C 104 15.16 -18.17 17.36
N SER C 105 14.73 -17.16 18.10
CA SER C 105 15.63 -16.20 18.74
C SER C 105 16.62 -16.89 19.66
N PHE C 106 16.17 -17.85 20.45
CA PHE C 106 17.09 -18.57 21.33
C PHE C 106 18.20 -19.19 20.50
N VAL C 107 17.82 -19.87 19.43
CA VAL C 107 18.75 -20.58 18.56
C VAL C 107 19.67 -19.63 17.79
N SER C 108 19.14 -18.51 17.27
CA SER C 108 19.94 -17.48 16.61
C SER C 108 21.06 -17.03 17.50
N VAL C 109 20.71 -16.74 18.75
CA VAL C 109 21.70 -16.25 19.70
C VAL C 109 22.70 -17.35 20.04
N GLN C 110 22.25 -18.56 20.33
CA GLN C 110 23.16 -19.62 20.75
C GLN C 110 24.19 -19.91 19.65
N GLY C 111 23.70 -20.12 18.43
CA GLY C 111 24.55 -20.57 17.32
C GLY C 111 25.25 -19.48 16.56
N SER C 112 24.47 -18.68 15.87
CA SER C 112 25.01 -17.70 14.94
C SER C 112 25.66 -16.50 15.64
N LEU C 113 25.30 -16.21 16.89
CA LEU C 113 25.91 -15.10 17.62
C LEU C 113 26.98 -15.61 18.61
N SER C 114 26.57 -16.33 19.66
CA SER C 114 27.50 -16.83 20.69
C SER C 114 28.52 -17.83 20.14
N MET C 115 28.04 -18.97 19.66
CA MET C 115 28.98 -20.02 19.19
C MET C 115 29.82 -19.50 18.04
N PHE C 116 29.22 -18.80 17.08
CA PHE C 116 29.99 -18.30 15.91
C PHE C 116 31.07 -17.31 16.35
N SER C 117 30.76 -16.42 17.30
CA SER C 117 31.77 -15.48 17.78
C SER C 117 33.02 -16.21 18.27
N ILE C 118 32.82 -17.34 18.97
CA ILE C 118 33.90 -18.14 19.54
C ILE C 118 34.58 -18.96 18.43
N TYR C 119 33.77 -19.59 17.58
CA TYR C 119 34.28 -20.40 16.48
C TYR C 119 35.20 -19.58 15.56
N ARG C 120 34.71 -18.40 15.18
CA ARG C 120 35.43 -17.61 14.19
C ARG C 120 36.60 -16.80 14.82
N TYR C 121 36.38 -16.22 16.01
CA TYR C 121 37.33 -15.27 16.58
C TYR C 121 38.05 -15.73 17.82
N GLY C 122 37.72 -16.90 18.34
CA GLY C 122 38.24 -17.39 19.60
C GLY C 122 39.57 -18.10 19.47
N SER C 123 40.24 -18.22 20.60
CA SER C 123 41.39 -19.11 20.75
C SER C 123 40.95 -20.54 20.75
N GLU C 124 41.93 -21.42 20.54
CA GLU C 124 41.67 -22.85 20.68
C GLU C 124 41.14 -23.18 22.07
N GLU C 125 41.70 -22.59 23.12
CA GLU C 125 41.20 -22.82 24.46
C GLU C 125 39.74 -22.44 24.63
N GLN C 126 39.34 -21.31 24.06
CA GLN C 126 37.95 -20.88 24.16
C GLN C 126 37.00 -21.83 23.41
N LYS C 127 37.41 -22.24 22.22
CA LYS C 127 36.63 -23.19 21.42
C LYS C 127 36.46 -24.50 22.16
N ASN C 128 37.57 -25.02 22.70
CA ASN C 128 37.50 -26.28 23.43
C ASN C 128 36.74 -26.18 24.77
N GLU C 129 36.81 -25.04 25.44
CA GLU C 129 36.08 -24.83 26.69
C GLU C 129 34.56 -24.80 26.44
N TRP C 130 34.12 -24.03 25.43
CA TRP C 130 32.69 -23.68 25.29
C TRP C 130 31.88 -24.34 24.18
N LEU C 131 32.50 -24.63 23.04
CA LEU C 131 31.69 -25.04 21.89
C LEU C 131 30.94 -26.37 22.11
N PRO C 132 31.59 -27.43 22.67
CA PRO C 132 30.79 -28.66 22.87
C PRO C 132 29.60 -28.47 23.81
N ARG C 133 29.80 -27.71 24.88
CA ARG C 133 28.72 -27.47 25.83
C ARG C 133 27.61 -26.62 25.24
N LEU C 134 27.99 -25.62 24.47
CA LEU C 134 26.97 -24.77 23.83
C LEU C 134 26.19 -25.58 22.77
N ALA C 135 26.88 -26.45 22.03
CA ALA C 135 26.23 -27.29 21.01
C ALA C 135 25.21 -28.20 21.65
N ALA C 136 25.55 -28.72 22.83
CA ALA C 136 24.66 -29.64 23.53
C ALA C 136 23.54 -28.97 24.29
N GLY C 137 23.59 -27.66 24.42
CA GLY C 137 22.66 -26.92 25.28
C GLY C 137 22.89 -27.09 26.77
N ASP C 138 24.07 -27.57 27.13
CA ASP C 138 24.49 -27.68 28.54
C ASP C 138 25.00 -26.33 29.09
N ALA C 139 25.42 -25.44 28.22
CA ALA C 139 25.69 -24.05 28.54
C ALA C 139 24.89 -23.20 27.62
N ILE C 140 24.69 -21.96 28.04
CA ILE C 140 23.91 -20.99 27.26
C ILE C 140 24.77 -19.74 27.06
N GLY C 141 24.77 -19.21 25.83
CA GLY C 141 25.50 -18.01 25.48
C GLY C 141 24.60 -16.80 25.22
N CYS C 142 25.16 -15.61 25.30
CA CYS C 142 24.48 -14.41 24.83
C CYS C 142 25.49 -13.48 24.16
N PHE C 143 24.96 -12.45 23.50
CA PHE C 143 25.75 -11.58 22.63
C PHE C 143 25.38 -10.14 22.94
N GLY C 144 26.28 -9.47 23.63
CA GLY C 144 26.07 -8.10 24.07
C GLY C 144 26.69 -7.06 23.16
N LEU C 145 25.89 -6.56 22.21
CA LEU C 145 26.34 -5.51 21.31
C LEU C 145 25.62 -4.18 21.62
N THR C 146 24.30 -4.21 21.52
CA THR C 146 23.43 -3.04 21.70
C THR C 146 23.55 -2.48 23.10
N GLU C 147 23.45 -1.15 23.17
CA GLU C 147 23.46 -0.38 24.41
C GLU C 147 22.22 0.50 24.45
N PRO C 148 21.84 0.99 25.63
CA PRO C 148 20.67 1.89 25.67
C PRO C 148 20.68 3.02 24.63
N ASP C 149 21.84 3.59 24.36
CA ASP C 149 21.95 4.77 23.49
C ASP C 149 22.35 4.46 22.06
N PHE C 150 22.71 3.20 21.77
CA PHE C 150 23.26 2.81 20.45
C PHE C 150 22.79 1.40 20.05
N GLY C 151 21.98 1.34 19.01
CA GLY C 151 21.46 0.08 18.46
C GLY C 151 21.76 -0.03 16.97
N SER C 152 21.12 0.85 16.18
CA SER C 152 21.40 0.93 14.76
C SER C 152 22.82 1.38 14.45
N ASN C 153 23.42 2.15 15.37
CA ASN C 153 24.78 2.67 15.21
C ASN C 153 25.73 2.11 16.29
N PRO C 154 26.07 0.81 16.25
CA PRO C 154 26.96 0.22 17.23
C PRO C 154 28.35 0.80 17.22
N ALA C 155 28.76 1.45 16.12
CA ALA C 155 30.05 2.13 16.12
C ALA C 155 30.19 3.13 17.26
N GLY C 156 29.06 3.66 17.74
CA GLY C 156 29.04 4.62 18.83
C GLY C 156 29.10 4.05 20.24
N MET C 157 29.21 2.73 20.37
CA MET C 157 29.09 2.07 21.67
C MET C 157 30.05 2.68 22.70
N ARG C 158 29.60 2.70 23.95
CA ARG C 158 30.33 3.29 25.08
C ARG C 158 30.92 2.31 26.06
N THR C 159 30.50 1.06 26.05
CA THR C 159 31.14 0.07 26.89
C THR C 159 32.64 0.06 26.60
N ARG C 160 33.45 0.03 27.65
CA ARG C 160 34.88 0.30 27.52
C ARG C 160 35.68 -0.76 28.26
N ALA C 161 36.69 -1.30 27.59
CA ALA C 161 37.65 -2.22 28.21
C ALA C 161 39.00 -1.50 28.29
N ARG C 162 39.56 -1.47 29.50
CA ARG C 162 40.87 -0.88 29.77
C ARG C 162 41.79 -1.94 30.37
N ARG C 163 43.07 -1.86 30.04
CA ARG C 163 44.03 -2.80 30.59
CA ARG C 163 44.08 -2.78 30.58
C ARG C 163 44.47 -2.41 32.02
N ASP C 164 44.67 -3.42 32.87
CA ASP C 164 45.25 -3.21 34.20
C ASP C 164 46.29 -4.33 34.28
N GLY C 165 47.54 -4.00 33.97
CA GLY C 165 48.57 -5.02 33.79
C GLY C 165 48.16 -5.91 32.63
N SER C 166 48.15 -7.23 32.82
CA SER C 166 47.70 -8.14 31.75
C SER C 166 46.19 -8.33 31.78
N ASP C 167 45.53 -7.88 32.85
CA ASP C 167 44.08 -8.01 32.95
C ASP C 167 43.36 -6.95 32.11
N TRP C 168 42.06 -7.17 31.93
CA TRP C 168 41.14 -6.16 31.37
C TRP C 168 40.10 -5.78 32.41
N ILE C 169 39.66 -4.51 32.38
CA ILE C 169 38.57 -4.02 33.24
C ILE C 169 37.48 -3.48 32.32
N LEU C 170 36.27 -4.05 32.40
CA LEU C 170 35.17 -3.62 31.55
C LEU C 170 34.12 -2.82 32.35
N ASN C 171 33.65 -1.74 31.74
CA ASN C 171 32.59 -0.89 32.28
C ASN C 171 31.61 -0.49 31.18
N GLY C 172 30.34 -0.74 31.41
CA GLY C 172 29.33 -0.30 30.49
C GLY C 172 28.03 -1.02 30.74
N THR C 173 27.03 -0.66 29.92
CA THR C 173 25.72 -1.31 29.95
C THR C 173 25.35 -1.78 28.53
N LYS C 174 24.86 -3.01 28.41
CA LYS C 174 24.24 -3.51 27.18
C LYS C 174 22.76 -3.66 27.45
N MET C 175 21.97 -3.51 26.39
CA MET C 175 20.51 -3.53 26.54
C MET C 175 19.86 -4.37 25.43
N TRP C 176 18.73 -4.99 25.78
CA TRP C 176 17.95 -5.83 24.88
C TRP C 176 18.69 -7.11 24.52
N ILE C 177 19.39 -7.71 25.49
CA ILE C 177 20.29 -8.83 25.22
C ILE C 177 19.52 -10.14 25.46
N THR C 178 19.22 -10.84 24.38
CA THR C 178 18.50 -12.12 24.44
C THR C 178 19.35 -13.12 25.20
N ASN C 179 18.69 -13.83 26.12
CA ASN C 179 19.33 -14.84 26.96
C ASN C 179 20.26 -14.30 28.01
N GLY C 180 20.31 -12.98 28.24
CA GLY C 180 21.29 -12.42 29.18
C GLY C 180 21.23 -13.02 30.57
N ASN C 181 20.01 -13.17 31.10
CA ASN C 181 19.82 -13.73 32.44
C ASN C 181 19.94 -15.24 32.54
N LEU C 182 19.96 -15.92 31.40
CA LEU C 182 20.17 -17.39 31.35
C LEU C 182 21.61 -17.79 31.06
N ALA C 183 22.38 -16.87 30.52
CA ALA C 183 23.68 -17.25 29.94
C ALA C 183 24.70 -17.62 30.99
N ASP C 184 25.57 -18.53 30.62
CA ASP C 184 26.81 -18.85 31.34
C ASP C 184 27.97 -18.00 30.86
N VAL C 185 27.90 -17.56 29.61
CA VAL C 185 28.97 -16.79 28.98
C VAL C 185 28.36 -15.74 28.09
N ALA C 186 28.90 -14.54 28.15
CA ALA C 186 28.46 -13.44 27.34
C ALA C 186 29.58 -13.00 26.44
N THR C 187 29.32 -12.87 25.15
CA THR C 187 30.27 -12.24 24.23
C THR C 187 29.96 -10.76 24.26
N VAL C 188 30.86 -9.99 24.84
CA VAL C 188 30.62 -8.56 25.06
C VAL C 188 31.57 -7.75 24.20
N TRP C 189 31.00 -6.83 23.44
CA TRP C 189 31.77 -5.95 22.57
C TRP C 189 32.01 -4.60 23.24
N ALA C 190 33.25 -4.14 23.17
CA ALA C 190 33.67 -2.96 23.91
C ALA C 190 34.70 -2.20 23.13
N GLN C 191 34.72 -0.89 23.37
CA GLN C 191 35.77 -0.04 22.86
C GLN C 191 37.04 -0.27 23.67
N THR C 192 38.17 -0.13 23.01
CA THR C 192 39.48 -0.20 23.65
C THR C 192 40.37 0.92 23.06
N ASP C 193 41.57 1.05 23.59
CA ASP C 193 42.51 2.06 23.06
C ASP C 193 42.84 1.82 21.60
N ASP C 194 42.63 0.59 21.10
CA ASP C 194 43.01 0.23 19.74
C ASP C 194 41.80 -0.11 18.87
N GLY C 195 40.60 0.21 19.33
CA GLY C 195 39.40 -0.09 18.56
C GLY C 195 38.52 -1.14 19.22
N ILE C 196 37.42 -1.48 18.55
CA ILE C 196 36.44 -2.38 19.11
C ILE C 196 37.05 -3.79 19.23
N ARG C 197 36.81 -4.39 20.38
CA ARG C 197 37.27 -5.76 20.68
C ARG C 197 36.13 -6.55 21.31
N GLY C 198 36.26 -7.88 21.31
CA GLY C 198 35.27 -8.73 21.96
C GLY C 198 35.86 -9.54 23.07
N PHE C 199 35.05 -9.79 24.10
CA PHE C 199 35.49 -10.51 25.29
C PHE C 199 34.47 -11.57 25.66
N LEU C 200 34.96 -12.72 26.10
CA LEU C 200 34.08 -13.70 26.72
C LEU C 200 34.02 -13.44 28.21
N VAL C 201 32.83 -13.13 28.71
CA VAL C 201 32.62 -12.78 30.11
C VAL C 201 31.80 -13.88 30.80
N PRO C 202 32.44 -14.70 31.66
CA PRO C 202 31.65 -15.61 32.49
C PRO C 202 30.63 -14.81 33.29
N THR C 203 29.37 -15.26 33.33
CA THR C 203 28.33 -14.40 33.87
C THR C 203 28.31 -14.36 35.42
N ASP C 204 29.10 -15.21 36.02
CA ASP C 204 29.35 -15.19 37.47
C ASP C 204 30.55 -14.32 37.86
N THR C 205 31.14 -13.61 36.90
CA THR C 205 32.25 -12.71 37.24
C THR C 205 31.74 -11.57 38.11
N PRO C 206 32.42 -11.26 39.25
CA PRO C 206 31.99 -10.10 40.05
C PRO C 206 31.90 -8.81 39.21
N GLY C 207 30.85 -8.04 39.43
CA GLY C 207 30.60 -6.80 38.71
C GLY C 207 29.67 -6.97 37.51
N PHE C 208 29.38 -8.22 37.14
CA PHE C 208 28.50 -8.52 36.00
C PHE C 208 27.11 -8.85 36.52
N THR C 209 26.12 -8.06 36.11
CA THR C 209 24.74 -8.31 36.54
C THR C 209 23.85 -8.31 35.30
N ALA C 210 22.96 -9.29 35.23
CA ALA C 210 21.88 -9.34 34.23
C ALA C 210 20.52 -9.07 34.90
N ASN C 211 19.79 -8.09 34.38
CA ASN C 211 18.46 -7.73 34.91
C ASN C 211 17.43 -8.05 33.82
N GLU C 212 16.43 -8.88 34.13
CA GLU C 212 15.45 -9.29 33.11
C GLU C 212 14.48 -8.16 32.81
N ILE C 213 14.16 -8.00 31.52
CA ILE C 213 13.19 -7.02 31.04
C ILE C 213 11.81 -7.66 31.05
N HIS C 214 10.86 -7.00 31.70
CA HIS C 214 9.47 -7.44 31.78
C HIS C 214 8.57 -6.42 31.05
N ARG C 215 7.29 -6.75 31.01
CA ARG C 215 6.24 -5.95 30.38
C ARG C 215 6.51 -5.70 28.91
N LYS C 216 7.04 -6.72 28.27
CA LYS C 216 7.10 -6.75 26.81
C LYS C 216 5.75 -7.18 26.24
N LEU C 217 5.38 -6.58 25.09
CA LEU C 217 4.25 -7.04 24.29
C LEU C 217 4.68 -7.97 23.16
N SER C 218 5.98 -7.99 22.89
CA SER C 218 6.62 -8.78 21.81
C SER C 218 7.67 -9.63 22.43
N LEU C 219 7.81 -10.87 21.94
CA LEU C 219 8.86 -11.78 22.36
C LEU C 219 8.75 -12.03 23.87
N ARG C 220 7.52 -12.22 24.33
CA ARG C 220 7.31 -12.60 25.73
C ARG C 220 7.84 -14.00 26.05
N ALA C 221 7.80 -14.91 25.06
CA ALA C 221 8.32 -16.29 25.23
C ALA C 221 9.80 -16.28 24.84
N SER C 222 10.57 -15.45 25.56
CA SER C 222 11.98 -15.22 25.33
C SER C 222 12.51 -14.47 26.53
N VAL C 223 13.77 -14.69 26.87
CA VAL C 223 14.44 -13.91 27.91
C VAL C 223 15.24 -12.78 27.28
N THR C 224 14.95 -11.55 27.68
CA THR C 224 15.66 -10.38 27.21
C THR C 224 16.13 -9.56 28.40
N SER C 225 17.37 -9.06 28.34
CA SER C 225 18.01 -8.53 29.55
C SER C 225 18.81 -7.26 29.35
N GLU C 226 18.98 -6.54 30.45
CA GLU C 226 19.98 -5.50 30.58
C GLU C 226 21.20 -6.15 31.21
N LEU C 227 22.38 -5.86 30.67
CA LEU C 227 23.65 -6.31 31.27
C LEU C 227 24.40 -5.10 31.78
N VAL C 228 24.74 -5.13 33.05
CA VAL C 228 25.52 -4.03 33.67
C VAL C 228 26.89 -4.58 34.05
N LEU C 229 27.93 -3.95 33.52
CA LEU C 229 29.31 -4.32 33.83
C LEU C 229 29.92 -3.17 34.62
N ASP C 230 30.18 -3.43 35.91
CA ASP C 230 30.76 -2.47 36.86
C ASP C 230 32.11 -3.01 37.32
N ASN C 231 33.15 -2.47 36.71
CA ASN C 231 34.53 -2.86 36.97
C ASN C 231 34.74 -4.37 36.92
N VAL C 232 34.28 -4.95 35.82
CA VAL C 232 34.42 -6.38 35.60
C VAL C 232 35.86 -6.67 35.19
N ARG C 233 36.56 -7.46 36.02
CA ARG C 233 37.97 -7.83 35.80
C ARG C 233 38.11 -9.20 35.15
N LEU C 234 38.81 -9.23 34.03
CA LEU C 234 39.03 -10.46 33.25
C LEU C 234 40.51 -10.65 32.98
N PRO C 235 40.94 -11.90 32.82
CA PRO C 235 42.31 -12.09 32.34
C PRO C 235 42.51 -11.79 30.87
N ALA C 236 43.78 -11.65 30.47
CA ALA C 236 44.13 -11.45 29.06
C ALA C 236 43.49 -12.50 28.13
N SER C 237 43.36 -13.73 28.62
CA SER C 237 42.87 -14.84 27.85
C SER C 237 41.37 -14.72 27.52
N ALA C 238 40.67 -13.79 28.19
CA ALA C 238 39.23 -13.62 27.94
C ALA C 238 38.93 -12.94 26.64
N GLN C 239 39.89 -12.18 26.10
CA GLN C 239 39.69 -11.51 24.80
C GLN C 239 39.55 -12.56 23.70
N LEU C 240 38.66 -12.33 22.73
CA LEU C 240 38.60 -13.13 21.51
C LEU C 240 39.74 -12.62 20.65
N PRO C 241 40.78 -13.44 20.46
CA PRO C 241 42.01 -12.86 19.92
C PRO C 241 41.98 -12.34 18.50
N LEU C 242 41.09 -12.89 17.67
CA LEU C 242 41.06 -12.54 16.26
C LEU C 242 40.07 -11.43 15.89
N ALA C 243 39.24 -10.97 16.85
CA ALA C 243 38.21 -9.98 16.58
C ALA C 243 38.79 -8.58 16.71
N GLU C 244 38.75 -7.85 15.60
CA GLU C 244 39.18 -6.45 15.57
C GLU C 244 38.21 -5.59 14.75
N GLY C 245 37.69 -4.56 15.39
CA GLY C 245 36.82 -3.59 14.76
C GLY C 245 35.37 -4.05 14.70
N LEU C 246 34.51 -3.16 14.23
CA LEU C 246 33.10 -3.45 14.09
C LEU C 246 32.82 -4.60 13.16
N SER C 247 33.74 -4.89 12.23
CA SER C 247 33.52 -6.01 11.30
C SER C 247 33.29 -7.33 12.03
N ALA C 248 33.88 -7.52 13.20
CA ALA C 248 33.74 -8.78 13.90
C ALA C 248 32.30 -9.02 14.41
N PRO C 249 31.72 -8.09 15.22
CA PRO C 249 30.33 -8.34 15.60
C PRO C 249 29.39 -8.37 14.38
N LEU C 250 29.66 -7.53 13.36
CA LEU C 250 28.79 -7.51 12.18
C LEU C 250 28.81 -8.83 11.42
N SER C 251 29.96 -9.51 11.42
CA SER C 251 30.03 -10.84 10.78
C SER C 251 29.11 -11.85 11.47
N CYS C 252 29.05 -11.76 12.79
CA CYS C 252 28.16 -12.62 13.57
C CYS C 252 26.70 -12.28 13.24
N LEU C 253 26.39 -10.98 13.21
CA LEU C 253 25.04 -10.55 12.85
C LEU C 253 24.66 -11.06 11.47
N ASN C 254 25.59 -11.05 10.51
CA ASN C 254 25.23 -11.54 9.19
C ASN C 254 24.90 -13.03 9.18
N GLU C 255 25.53 -13.84 10.06
CA GLU C 255 25.11 -15.23 10.20
C GLU C 255 23.70 -15.33 10.76
N ALA C 256 23.41 -14.57 11.81
CA ALA C 256 22.07 -14.63 12.43
C ALA C 256 20.98 -14.09 11.51
N ARG C 257 21.30 -13.03 10.79
CA ARG C 257 20.37 -12.40 9.87
C ARG C 257 19.96 -13.39 8.80
N PHE C 258 20.91 -14.19 8.31
CA PHE C 258 20.59 -15.22 7.33
C PHE C 258 19.49 -16.15 7.90
N GLY C 259 19.63 -16.58 9.14
CA GLY C 259 18.60 -17.43 9.73
C GLY C 259 17.25 -16.77 9.80
N ILE C 260 17.23 -15.48 10.10
CA ILE C 260 15.99 -14.70 10.19
C ILE C 260 15.30 -14.58 8.83
N VAL C 261 16.06 -14.52 7.73
CA VAL C 261 15.49 -14.47 6.38
C VAL C 261 14.53 -15.63 6.20
N PHE C 262 14.92 -16.82 6.67
CA PHE C 262 14.06 -17.99 6.65
C PHE C 262 13.04 -17.96 7.80
N GLY C 263 13.51 -17.65 9.01
CA GLY C 263 12.65 -17.68 10.19
C GLY C 263 11.37 -16.91 10.04
N ALA C 264 11.43 -15.67 9.54
CA ALA C 264 10.23 -14.84 9.47
C ALA C 264 9.19 -15.52 8.59
N LEU C 265 9.61 -16.27 7.57
CA LEU C 265 8.68 -17.00 6.70
C LEU C 265 7.90 -18.06 7.44
N GLY C 266 8.51 -18.64 8.48
CA GLY C 266 7.79 -19.62 9.29
C GLY C 266 6.63 -19.04 10.07
N ALA C 267 6.86 -17.88 10.70
CA ALA C 267 5.79 -17.14 11.33
C ALA C 267 4.68 -16.81 10.34
N ALA C 268 5.07 -16.37 9.15
CA ALA C 268 4.12 -16.07 8.11
C ALA C 268 3.33 -17.30 7.67
N ARG C 269 4.03 -18.41 7.40
CA ARG C 269 3.37 -19.63 6.94
C ARG C 269 2.40 -20.17 7.98
N ASP C 270 2.84 -20.18 9.23
CA ASP C 270 2.00 -20.70 10.32
C ASP C 270 0.74 -19.86 10.47
N SER C 271 0.91 -18.53 10.40
CA SER C 271 -0.24 -17.63 10.41
C SER C 271 -1.20 -17.94 9.27
N LEU C 272 -0.65 -18.01 8.06
CA LEU C 272 -1.45 -18.17 6.87
C LEU C 272 -2.14 -19.52 6.80
N GLU C 273 -1.45 -20.63 7.11
CA GLU C 273 -2.10 -21.93 7.08
C GLU C 273 -3.19 -22.05 8.17
N THR C 274 -2.92 -21.51 9.35
CA THR C 274 -3.92 -21.49 10.41
C THR C 274 -5.14 -20.73 9.97
N THR C 275 -4.93 -19.62 9.27
CA THR C 275 -6.04 -18.76 8.88
C THR C 275 -6.81 -19.36 7.71
N ILE C 276 -6.12 -19.96 6.73
CA ILE C 276 -6.86 -20.65 5.67
C ILE C 276 -7.78 -21.72 6.26
N ALA C 277 -7.26 -22.51 7.20
CA ALA C 277 -8.10 -23.50 7.86
C ALA C 277 -9.29 -22.89 8.56
N TYR C 278 -9.08 -21.75 9.23
CA TYR C 278 -10.19 -21.07 9.89
C TYR C 278 -11.27 -20.64 8.89
N THR C 279 -10.84 -20.10 7.75
CA THR C 279 -11.79 -19.65 6.75
C THR C 279 -12.64 -20.80 6.18
N GLN C 280 -12.11 -22.02 6.22
CA GLN C 280 -12.89 -23.16 5.76
C GLN C 280 -13.92 -23.62 6.78
N SER C 281 -13.58 -23.41 8.05
CA SER C 281 -14.37 -23.85 9.21
CA SER C 281 -14.37 -23.85 9.22
C SER C 281 -15.46 -22.86 9.60
N ARG C 282 -15.23 -21.58 9.30
CA ARG C 282 -16.13 -20.51 9.74
C ARG C 282 -17.16 -20.19 8.65
N GLU C 283 -18.44 -20.24 8.97
CA GLU C 283 -19.51 -19.86 8.08
C GLU C 283 -19.89 -18.41 8.41
N VAL C 284 -20.07 -17.57 7.39
CA VAL C 284 -20.58 -16.23 7.54
C VAL C 284 -21.66 -16.06 6.45
N PHE C 285 -22.84 -15.60 6.82
CA PHE C 285 -23.96 -15.44 5.89
C PHE C 285 -24.20 -16.71 5.09
N ASP C 286 -24.16 -17.83 5.79
CA ASP C 286 -24.57 -19.13 5.26
C ASP C 286 -23.61 -19.75 4.23
N LYS C 287 -22.38 -19.26 4.14
CA LYS C 287 -21.36 -19.88 3.27
C LYS C 287 -20.04 -19.87 4.05
N PRO C 288 -19.12 -20.81 3.76
CA PRO C 288 -17.79 -20.71 4.35
C PRO C 288 -17.13 -19.36 4.00
N LEU C 289 -16.40 -18.82 4.95
CA LEU C 289 -15.70 -17.57 4.75
C LEU C 289 -14.73 -17.64 3.55
N SER C 290 -14.17 -18.82 3.29
CA SER C 290 -13.25 -19.03 2.17
C SER C 290 -13.92 -18.88 0.82
N ASN C 291 -15.24 -18.85 0.77
CA ASN C 291 -15.99 -18.69 -0.48
C ASN C 291 -16.09 -17.27 -1.00
N TYR C 292 -15.78 -16.26 -0.19
CA TYR C 292 -16.02 -14.87 -0.56
C TYR C 292 -14.82 -14.27 -1.25
N GLN C 293 -15.09 -13.40 -2.24
CA GLN C 293 -14.00 -12.75 -2.95
C GLN C 293 -13.08 -11.97 -2.04
N LEU C 294 -13.60 -11.26 -1.03
CA LEU C 294 -12.69 -10.50 -0.19
C LEU C 294 -11.69 -11.39 0.55
N THR C 295 -12.15 -12.58 0.95
CA THR C 295 -11.29 -13.52 1.66
C THR C 295 -10.22 -14.05 0.71
N GLN C 296 -10.66 -14.48 -0.47
CA GLN C 296 -9.73 -15.03 -1.43
C GLN C 296 -8.69 -14.03 -1.91
N GLU C 297 -9.07 -12.77 -2.04
CA GLU C 297 -8.08 -11.75 -2.32
C GLU C 297 -6.94 -11.72 -1.29
N LYS C 298 -7.32 -11.70 -0.02
CA LYS C 298 -6.33 -11.66 1.06
C LYS C 298 -5.46 -12.93 1.03
N LEU C 299 -6.09 -14.11 0.94
CA LEU C 299 -5.34 -15.36 0.96
C LEU C 299 -4.36 -15.41 -0.22
N ALA C 300 -4.81 -15.01 -1.40
CA ALA C 300 -3.95 -15.00 -2.58
C ALA C 300 -2.78 -14.02 -2.46
N ASN C 301 -3.08 -12.79 -2.04
CA ASN C 301 -2.01 -11.80 -1.93
C ASN C 301 -0.99 -12.23 -0.90
N MET C 302 -1.42 -12.77 0.22
CA MET C 302 -0.51 -13.25 1.24
C MET C 302 0.34 -14.42 0.75
N THR C 303 -0.30 -15.34 0.03
CA THR C 303 0.42 -16.47 -0.54
C THR C 303 1.50 -16.01 -1.49
N VAL C 304 1.17 -15.01 -2.31
CA VAL C 304 2.16 -14.49 -3.27
C VAL C 304 3.39 -13.95 -2.56
N GLU C 305 3.22 -13.19 -1.47
CA GLU C 305 4.38 -12.70 -0.74
C GLU C 305 5.15 -13.83 -0.05
N LEU C 306 4.45 -14.79 0.53
CA LEU C 306 5.15 -15.87 1.21
C LEU C 306 6.02 -16.67 0.24
N GLY C 307 5.49 -17.01 -0.93
CA GLY C 307 6.26 -17.78 -1.89
C GLY C 307 7.43 -17.01 -2.46
N LYS C 308 7.24 -15.72 -2.77
CA LYS C 308 8.36 -14.93 -3.22
C LYS C 308 9.45 -14.87 -2.16
N GLY C 309 9.07 -14.72 -0.89
CA GLY C 309 10.03 -14.69 0.19
C GLY C 309 10.78 -16.03 0.34
N MET C 310 10.09 -17.15 0.14
CA MET C 310 10.75 -18.44 0.22
CA MET C 310 10.73 -18.46 0.21
C MET C 310 11.74 -18.62 -0.94
N LEU C 311 11.35 -18.20 -2.14
CA LEU C 311 12.29 -18.28 -3.28
C LEU C 311 13.54 -17.46 -2.97
N LEU C 312 13.35 -16.27 -2.42
CA LEU C 312 14.48 -15.41 -2.05
C LEU C 312 15.37 -16.03 -0.99
N ALA C 313 14.78 -16.61 0.06
CA ALA C 313 15.56 -17.28 1.12
C ALA C 313 16.40 -18.40 0.57
N ILE C 314 15.78 -19.26 -0.23
CA ILE C 314 16.52 -20.41 -0.77
C ILE C 314 17.66 -19.92 -1.70
N HIS C 315 17.37 -18.91 -2.52
CA HIS C 315 18.36 -18.32 -3.41
C HIS C 315 19.55 -17.83 -2.60
N LEU C 316 19.29 -17.05 -1.55
CA LEU C 316 20.38 -16.56 -0.69
C LEU C 316 21.14 -17.70 0.00
N GLY C 317 20.42 -18.73 0.43
CA GLY C 317 21.07 -19.92 1.02
C GLY C 317 22.00 -20.62 0.05
N ARG C 318 21.57 -20.77 -1.20
CA ARG C 318 22.45 -21.40 -2.21
C ARG C 318 23.70 -20.56 -2.48
N ILE C 319 23.56 -19.25 -2.52
CA ILE C 319 24.74 -18.37 -2.68
C ILE C 319 25.65 -18.54 -1.46
N LYS C 320 25.05 -18.54 -0.27
CA LYS C 320 25.83 -18.66 0.96
C LYS C 320 26.68 -19.94 1.01
N ASP C 321 26.09 -21.05 0.60
CA ASP C 321 26.78 -22.34 0.61
C ASP C 321 27.80 -22.46 -0.52
N ALA C 322 27.72 -21.61 -1.53
CA ALA C 322 28.71 -21.61 -2.64
C ALA C 322 29.86 -20.66 -2.25
N GLU C 323 29.90 -19.46 -2.81
CA GLU C 323 31.01 -18.54 -2.52
C GLU C 323 30.82 -17.64 -1.28
N GLY C 324 29.67 -17.71 -0.64
CA GLY C 324 29.30 -16.82 0.43
C GLY C 324 28.39 -15.70 -0.09
N VAL C 325 27.58 -15.20 0.83
CA VAL C 325 26.62 -14.15 0.55
C VAL C 325 27.10 -12.83 1.14
N ARG C 326 26.95 -11.73 0.39
CA ARG C 326 27.40 -10.42 0.84
C ARG C 326 26.35 -9.78 1.74
N PRO C 327 26.75 -8.86 2.61
CA PRO C 327 25.78 -8.30 3.56
C PRO C 327 24.60 -7.64 2.87
N GLU C 328 24.83 -6.96 1.76
CA GLU C 328 23.75 -6.25 1.08
C GLU C 328 22.78 -7.24 0.40
N GLN C 329 23.24 -8.45 0.08
CA GLN C 329 22.36 -9.49 -0.42
C GLN C 329 21.47 -10.02 0.71
N ILE C 330 22.07 -10.27 1.89
CA ILE C 330 21.29 -10.62 3.07
CA ILE C 330 21.31 -10.61 3.08
C ILE C 330 20.23 -9.56 3.35
N SER C 331 20.61 -8.27 3.21
CA SER C 331 19.66 -7.17 3.41
C SER C 331 18.41 -7.29 2.54
N LEU C 332 18.54 -7.74 1.29
CA LEU C 332 17.33 -8.02 0.47
C LEU C 332 16.34 -8.90 1.21
N GLY C 333 16.86 -10.01 1.75
CA GLY C 333 16.03 -10.97 2.42
C GLY C 333 15.56 -10.53 3.79
N LYS C 334 16.41 -9.85 4.56
CA LYS C 334 15.99 -9.38 5.90
C LYS C 334 14.92 -8.29 5.79
N LEU C 335 15.17 -7.30 4.94
CA LEU C 335 14.17 -6.28 4.68
C LEU C 335 12.86 -6.90 4.21
N ASN C 336 12.93 -7.67 3.12
CA ASN C 336 11.69 -8.16 2.53
C ASN C 336 10.93 -9.12 3.40
N ASN C 337 11.62 -10.16 3.88
CA ASN C 337 10.87 -11.28 4.43
C ASN C 337 10.28 -10.91 5.79
N VAL C 338 10.96 -10.06 6.58
CA VAL C 338 10.37 -9.69 7.87
C VAL C 338 9.18 -8.73 7.67
N ARG C 339 9.32 -7.72 6.80
CA ARG C 339 8.21 -6.78 6.65
C ARG C 339 7.02 -7.44 5.97
N GLU C 340 7.27 -8.39 5.03
CA GLU C 340 6.14 -9.06 4.42
C GLU C 340 5.52 -10.07 5.43
N ALA C 341 6.32 -10.68 6.29
CA ALA C 341 5.79 -11.61 7.29
C ALA C 341 4.88 -10.90 8.28
N ILE C 342 5.29 -9.70 8.74
CA ILE C 342 4.45 -9.02 9.72
C ILE C 342 3.13 -8.56 9.08
N ALA C 343 3.19 -8.16 7.82
CA ALA C 343 1.97 -7.84 7.07
C ALA C 343 1.03 -9.02 6.94
N ILE C 344 1.59 -10.19 6.66
CA ILE C 344 0.76 -11.42 6.55
C ILE C 344 0.11 -11.74 7.90
N ALA C 345 0.89 -11.69 8.98
CA ALA C 345 0.31 -12.03 10.30
C ALA C 345 -0.85 -11.08 10.62
N ARG C 346 -0.63 -9.78 10.40
CA ARG C 346 -1.66 -8.76 10.70
C ARG C 346 -2.91 -8.96 9.85
N GLU C 347 -2.72 -9.24 8.55
CA GLU C 347 -3.87 -9.43 7.66
CA GLU C 347 -3.88 -9.41 7.68
C GLU C 347 -4.64 -10.70 8.02
N CYS C 348 -3.92 -11.77 8.34
CA CYS C 348 -4.56 -12.98 8.81
C CYS C 348 -5.48 -12.70 10.01
N ARG C 349 -4.97 -11.91 10.97
CA ARG C 349 -5.77 -11.62 12.18
C ARG C 349 -7.13 -11.04 11.80
N THR C 350 -7.20 -10.20 10.75
CA THR C 350 -8.48 -9.60 10.39
C THR C 350 -9.50 -10.66 9.98
N LEU C 351 -9.04 -11.75 9.36
CA LEU C 351 -9.93 -12.81 8.89
C LEU C 351 -10.48 -13.65 10.02
N LEU C 352 -9.76 -13.69 11.13
CA LEU C 352 -10.22 -14.45 12.31
C LEU C 352 -11.27 -13.73 13.11
N GLY C 353 -11.44 -12.44 12.91
CA GLY C 353 -12.42 -11.71 13.69
C GLY C 353 -12.06 -11.68 15.16
N GLY C 354 -13.10 -11.69 15.99
CA GLY C 354 -12.89 -11.65 17.46
C GLY C 354 -12.01 -12.77 17.97
N SER C 355 -12.17 -13.95 17.40
CA SER C 355 -11.40 -15.11 17.83
CA SER C 355 -11.40 -15.12 17.84
C SER C 355 -9.90 -14.88 17.68
N GLY C 356 -9.52 -13.97 16.78
CA GLY C 356 -8.13 -13.67 16.57
C GLY C 356 -7.45 -12.79 17.61
N ILE C 357 -8.20 -12.25 18.60
CA ILE C 357 -7.57 -11.31 19.56
C ILE C 357 -6.89 -11.99 20.73
N THR C 358 -7.05 -13.30 20.85
CA THR C 358 -6.51 -14.08 21.96
C THR C 358 -5.29 -14.85 21.50
N LEU C 359 -4.74 -15.66 22.40
CA LEU C 359 -3.66 -16.56 22.06
C LEU C 359 -4.11 -17.85 21.36
N GLU C 360 -5.40 -18.07 21.14
CA GLU C 360 -5.90 -19.33 20.57
C GLU C 360 -5.32 -19.62 19.19
N TYR C 361 -5.32 -18.62 18.33
CA TYR C 361 -4.81 -18.76 16.97
C TYR C 361 -3.54 -17.90 16.84
N SER C 362 -2.53 -18.44 16.20
CA SER C 362 -1.22 -17.79 16.20
C SER C 362 -1.04 -16.38 15.61
N PRO C 363 -1.86 -15.91 14.65
CA PRO C 363 -1.45 -14.66 13.99
C PRO C 363 -1.13 -13.45 14.85
N LEU C 364 -1.95 -13.11 15.85
CA LEU C 364 -1.63 -11.91 16.63
C LEU C 364 -0.35 -12.05 17.44
N ARG C 365 -0.11 -13.21 18.02
CA ARG C 365 1.16 -13.47 18.66
C ARG C 365 2.33 -13.32 17.69
N HIS C 366 2.19 -13.92 16.52
CA HIS C 366 3.25 -13.79 15.50
C HIS C 366 3.49 -12.31 15.13
N ALA C 367 2.42 -11.55 14.91
CA ALA C 367 2.57 -10.16 14.53
C ALA C 367 3.32 -9.39 15.61
N ASN C 368 2.93 -9.59 16.87
CA ASN C 368 3.64 -8.94 17.98
C ASN C 368 5.10 -9.33 18.03
N ASN C 369 5.39 -10.62 17.93
CA ASN C 369 6.76 -11.07 17.96
C ASN C 369 7.56 -10.45 16.82
N LEU C 370 6.97 -10.36 15.65
CA LEU C 370 7.65 -9.85 14.46
C LEU C 370 7.97 -8.34 14.57
N GLU C 371 7.38 -7.64 15.53
CA GLU C 371 7.78 -6.26 15.81
C GLU C 371 9.26 -6.24 16.20
N SER C 372 9.64 -7.15 17.07
CA SER C 372 11.05 -7.23 17.48
C SER C 372 11.97 -7.64 16.31
N VAL C 373 11.49 -8.63 15.54
CA VAL C 373 12.29 -9.18 14.41
C VAL C 373 12.50 -8.09 13.33
N LEU C 374 11.51 -7.20 13.15
CA LEU C 374 11.62 -6.06 12.21
C LEU C 374 12.71 -5.08 12.61
N THR C 375 12.90 -4.94 13.91
CA THR C 375 13.80 -3.95 14.52
C THR C 375 15.21 -4.49 14.73
N TYR C 376 15.34 -5.73 15.24
CA TYR C 376 16.63 -6.22 15.64
C TYR C 376 17.42 -6.76 14.45
N GLU C 377 18.72 -6.99 14.66
CA GLU C 377 19.60 -7.45 13.58
CA GLU C 377 19.63 -7.41 13.59
C GLU C 377 19.54 -6.50 12.38
N GLY C 378 19.44 -5.20 12.68
CA GLY C 378 19.34 -4.17 11.64
C GLY C 378 17.88 -3.89 11.34
N THR C 379 17.45 -2.66 11.59
CA THR C 379 16.07 -2.30 11.32
C THR C 379 15.77 -2.36 9.82
N SER C 380 14.50 -2.37 9.46
CA SER C 380 14.13 -2.26 8.03
C SER C 380 14.87 -1.11 7.38
N GLU C 381 14.92 0.06 8.02
CA GLU C 381 15.53 1.23 7.42
C GLU C 381 17.02 1.04 7.22
N MET C 382 17.70 0.35 8.14
CA MET C 382 19.13 0.10 7.95
C MET C 382 19.37 -0.78 6.74
N HIS C 383 18.54 -1.82 6.58
CA HIS C 383 18.67 -2.69 5.41
C HIS C 383 18.30 -2.01 4.11
N LEU C 384 17.27 -1.18 4.14
CA LEU C 384 16.85 -0.38 3.02
C LEU C 384 18.02 0.47 2.53
N LEU C 385 18.64 1.18 3.48
CA LEU C 385 19.73 2.08 3.14
C LEU C 385 20.99 1.34 2.70
N SER C 386 21.22 0.13 3.20
CA SER C 386 22.31 -0.71 2.73
CA SER C 386 22.32 -0.67 2.71
C SER C 386 22.11 -1.09 1.25
N ILE C 387 20.90 -1.45 0.91
CA ILE C 387 20.56 -1.73 -0.48
C ILE C 387 20.75 -0.47 -1.36
N GLY C 388 20.27 0.66 -0.87
CA GLY C 388 20.43 1.93 -1.56
C GLY C 388 21.88 2.29 -1.84
N LYS C 389 22.76 2.02 -0.88
CA LYS C 389 24.20 2.26 -1.09
C LYS C 389 24.74 1.33 -2.16
N ALA C 390 24.32 0.08 -2.16
CA ALA C 390 24.80 -0.90 -3.16
C ALA C 390 24.37 -0.53 -4.56
N LEU C 391 23.22 0.12 -4.70
CA LEU C 391 22.70 0.52 -6.02
C LEU C 391 23.33 1.80 -6.55
N THR C 392 23.70 2.70 -5.64
CA THR C 392 24.10 4.04 -6.02
C THR C 392 25.58 4.38 -5.80
N GLY C 393 26.21 3.67 -4.88
CA GLY C 393 27.57 3.97 -4.45
C GLY C 393 27.66 5.04 -3.40
N LYS C 394 26.52 5.53 -2.92
CA LYS C 394 26.46 6.66 -1.97
C LYS C 394 25.79 6.20 -0.69
N ALA C 395 26.46 6.32 0.45
CA ALA C 395 25.89 6.05 1.75
C ALA C 395 25.02 7.22 2.16
N ALA C 396 23.80 6.91 2.62
CA ALA C 396 22.84 7.92 3.02
C ALA C 396 22.33 7.69 4.45
N PHE C 397 23.13 7.04 5.27
CA PHE C 397 22.82 6.88 6.70
C PHE C 397 22.98 8.21 7.43
N ARG C 398 24.03 8.95 7.08
CA ARG C 398 24.26 10.28 7.65
C ARG C 398 23.79 11.37 6.68
N THR D 13 -29.52 5.14 -4.45
CA THR D 13 -28.00 5.22 -4.61
C THR D 13 -27.54 6.66 -4.41
N TYR D 14 -26.26 6.80 -4.04
CA TYR D 14 -25.60 8.07 -3.79
C TYR D 14 -24.39 8.19 -4.66
N ALA D 15 -24.16 9.37 -5.24
CA ALA D 15 -22.86 9.66 -5.80
C ALA D 15 -21.83 9.71 -4.65
N PRO D 16 -20.54 9.53 -4.96
CA PRO D 16 -19.55 9.47 -3.89
C PRO D 16 -19.58 10.65 -2.92
N LEU D 17 -19.61 11.89 -3.42
CA LEU D 17 -19.60 13.05 -2.55
C LEU D 17 -20.98 13.32 -1.97
N GLU D 18 -22.03 12.85 -2.62
CA GLU D 18 -23.36 12.91 -2.02
CA GLU D 18 -23.37 12.91 -2.05
C GLU D 18 -23.44 12.06 -0.77
N LEU D 19 -22.75 10.92 -0.74
CA LEU D 19 -22.74 10.06 0.45
C LEU D 19 -22.10 10.81 1.62
N PHE D 20 -20.99 11.49 1.38
CA PHE D 20 -20.35 12.39 2.35
C PHE D 20 -21.24 13.60 2.73
N ASP D 21 -22.05 14.05 1.79
CA ASP D 21 -22.81 15.31 1.89
C ASP D 21 -21.87 16.48 2.12
N THR D 22 -20.93 16.62 1.19
CA THR D 22 -20.08 17.82 1.18
C THR D 22 -20.84 19.07 0.76
N ASP D 23 -21.94 18.92 0.03
CA ASP D 23 -22.72 20.12 -0.34
C ASP D 23 -23.19 20.90 0.87
N ARG D 24 -23.41 20.25 2.01
CA ARG D 24 -23.86 20.96 3.21
C ARG D 24 -22.87 22.01 3.72
N LEU D 25 -21.61 21.87 3.30
CA LEU D 25 -20.53 22.76 3.70
C LEU D 25 -20.39 24.01 2.83
N LEU D 26 -21.23 24.08 1.80
CA LEU D 26 -21.24 25.16 0.83
C LEU D 26 -22.49 25.95 0.98
N ASP D 27 -22.46 27.18 0.49
CA ASP D 27 -23.70 27.96 0.36
C ASP D 27 -24.23 27.87 -1.08
N GLN D 28 -25.41 28.41 -1.31
CA GLN D 28 -26.03 28.23 -2.60
C GLN D 28 -25.25 28.92 -3.72
N ASP D 29 -24.68 30.10 -3.45
CA ASP D 29 -23.90 30.79 -4.47
C ASP D 29 -22.70 29.92 -4.92
N GLU D 30 -22.08 29.26 -3.96
CA GLU D 30 -20.94 28.37 -4.24
C GLU D 30 -21.42 27.19 -5.04
N ARG D 31 -22.53 26.58 -4.65
CA ARG D 31 -23.03 25.44 -5.41
C ARG D 31 -23.44 25.82 -6.82
N ASP D 32 -24.00 27.02 -6.96
CA ASP D 32 -24.36 27.51 -8.28
C ASP D 32 -23.14 27.70 -9.18
N ILE D 33 -22.02 28.17 -8.61
CA ILE D 33 -20.80 28.31 -9.41
C ILE D 33 -20.34 26.95 -9.91
N ALA D 34 -20.32 25.96 -9.03
CA ALA D 34 -19.91 24.62 -9.43
C ALA D 34 -20.81 24.10 -10.56
N ALA D 35 -22.13 24.28 -10.43
CA ALA D 35 -23.03 23.80 -11.45
C ALA D 35 -22.84 24.51 -12.78
N THR D 36 -22.61 25.80 -12.74
CA THR D 36 -22.40 26.58 -13.95
C THR D 36 -21.13 26.13 -14.68
N VAL D 37 -20.03 25.96 -13.94
CA VAL D 37 -18.82 25.51 -14.59
C VAL D 37 -18.96 24.08 -15.11
N ARG D 38 -19.59 23.20 -14.35
CA ARG D 38 -19.83 21.84 -14.82
C ARG D 38 -20.61 21.79 -16.13
N GLN D 39 -21.65 22.62 -16.22
CA GLN D 39 -22.45 22.69 -17.47
C GLN D 39 -21.64 23.21 -18.66
N PHE D 40 -20.82 24.22 -18.42
CA PHE D 40 -19.89 24.72 -19.43
C PHE D 40 -18.95 23.60 -19.89
N VAL D 41 -18.37 22.87 -18.93
CA VAL D 41 -17.41 21.80 -19.28
C VAL D 41 -18.14 20.73 -20.12
N ASP D 42 -19.31 20.33 -19.67
CA ASP D 42 -20.03 19.28 -20.36
C ASP D 42 -20.44 19.67 -21.78
N THR D 43 -20.82 20.91 -21.98
CA THR D 43 -21.33 21.35 -23.29
C THR D 43 -20.24 21.85 -24.22
N ARG D 44 -19.28 22.58 -23.72
CA ARG D 44 -18.26 23.25 -24.56
C ARG D 44 -16.95 22.51 -24.70
N LEU D 45 -16.61 21.68 -23.73
CA LEU D 45 -15.27 21.08 -23.68
C LEU D 45 -15.27 19.60 -23.87
N LYS D 46 -16.11 18.91 -23.12
CA LYS D 46 -16.18 17.46 -23.23
C LYS D 46 -16.37 16.85 -24.61
N PRO D 47 -17.20 17.45 -25.47
CA PRO D 47 -17.37 16.83 -26.81
C PRO D 47 -16.09 16.83 -27.65
N ASN D 48 -15.11 17.62 -27.24
CA ASN D 48 -13.90 17.88 -28.02
C ASN D 48 -12.64 17.31 -27.39
N VAL D 49 -12.69 16.90 -26.12
CA VAL D 49 -11.45 16.62 -25.36
C VAL D 49 -10.66 15.44 -25.88
N GLU D 50 -11.33 14.42 -26.38
CA GLU D 50 -10.61 13.24 -26.89
CA GLU D 50 -10.65 13.24 -26.92
C GLU D 50 -9.76 13.65 -28.10
N GLY D 51 -10.33 14.40 -29.03
CA GLY D 51 -9.57 14.88 -30.16
C GLY D 51 -8.42 15.81 -29.79
N TRP D 52 -8.68 16.71 -28.85
CA TRP D 52 -7.63 17.61 -28.34
C TRP D 52 -6.47 16.88 -27.73
N PHE D 53 -6.76 15.85 -26.94
CA PHE D 53 -5.68 15.04 -26.33
C PHE D 53 -4.90 14.28 -27.36
N GLU D 54 -5.60 13.62 -28.27
CA GLU D 54 -4.94 12.82 -29.30
C GLU D 54 -4.02 13.68 -30.18
N SER D 55 -4.54 14.83 -30.59
CA SER D 55 -3.82 15.76 -31.47
C SER D 55 -2.83 16.65 -30.73
N ALA D 56 -2.85 16.59 -29.40
CA ALA D 56 -2.00 17.42 -28.55
C ALA D 56 -2.19 18.91 -28.84
N THR D 57 -3.45 19.34 -28.75
CA THR D 57 -3.83 20.74 -28.99
CA THR D 57 -3.77 20.76 -28.92
C THR D 57 -4.81 21.22 -27.90
N LEU D 58 -4.80 22.52 -27.63
CA LEU D 58 -5.81 23.13 -26.79
C LEU D 58 -6.00 24.47 -27.45
N PRO D 59 -7.09 24.62 -28.26
CA PRO D 59 -7.25 25.87 -29.05
C PRO D 59 -7.14 27.17 -28.24
N SER D 60 -6.32 28.13 -28.75
CA SER D 60 -6.13 29.45 -28.10
CA SER D 60 -6.15 29.48 -28.15
C SER D 60 -7.48 30.20 -27.88
N GLU D 61 -8.44 30.00 -28.78
CA GLU D 61 -9.83 30.55 -28.65
C GLU D 61 -10.56 30.18 -27.37
N LEU D 62 -10.16 29.07 -26.76
CA LEU D 62 -10.73 28.73 -25.48
C LEU D 62 -10.45 29.81 -24.44
N ALA D 63 -9.36 30.58 -24.59
CA ALA D 63 -9.12 31.68 -23.64
C ALA D 63 -10.32 32.62 -23.50
N LYS D 64 -10.91 32.98 -24.65
CA LYS D 64 -12.07 33.83 -24.64
C LYS D 64 -13.32 33.15 -24.02
N GLU D 65 -13.50 31.83 -24.25
CA GLU D 65 -14.60 31.12 -23.64
C GLU D 65 -14.46 31.09 -22.11
N PHE D 66 -13.25 30.80 -21.63
CA PHE D 66 -12.97 30.83 -20.19
C PHE D 66 -13.18 32.26 -19.65
N GLY D 67 -12.75 33.24 -20.43
CA GLY D 67 -12.89 34.65 -20.05
C GLY D 67 -14.35 35.04 -19.88
N ASN D 68 -15.15 34.71 -20.89
CA ASN D 68 -16.58 34.99 -20.85
C ASN D 68 -17.30 34.27 -19.73
N LEU D 69 -16.83 33.06 -19.42
CA LEU D 69 -17.41 32.31 -18.31
C LEU D 69 -17.20 33.01 -16.97
N GLY D 70 -16.06 33.66 -16.85
CA GLY D 70 -15.68 34.43 -15.67
C GLY D 70 -14.63 33.84 -14.78
N VAL D 71 -14.01 32.75 -15.18
CA VAL D 71 -13.08 32.03 -14.33
C VAL D 71 -11.64 32.58 -14.33
N LEU D 72 -11.28 33.46 -15.27
CA LEU D 72 -9.90 33.96 -15.34
C LEU D 72 -9.71 35.10 -14.34
N GLY D 73 -8.88 34.87 -13.35
CA GLY D 73 -8.70 35.83 -12.27
C GLY D 73 -9.93 35.97 -11.38
N MET D 74 -10.72 34.91 -11.29
CA MET D 74 -11.99 35.02 -10.57
C MET D 74 -11.88 35.41 -9.11
N HIS D 75 -10.77 35.06 -8.44
CA HIS D 75 -10.60 35.39 -7.02
C HIS D 75 -10.01 36.80 -6.80
N LEU D 76 -9.62 37.46 -7.88
CA LEU D 76 -9.14 38.83 -7.79
C LEU D 76 -10.29 39.83 -7.82
N GLN D 77 -10.05 41.03 -7.30
CA GLN D 77 -11.06 42.09 -7.29
C GLN D 77 -10.69 43.20 -8.26
N GLY D 78 -11.67 43.71 -9.00
CA GLY D 78 -11.43 44.78 -9.93
C GLY D 78 -10.99 44.30 -11.28
N TYR D 79 -10.70 45.21 -12.20
CA TYR D 79 -10.20 44.88 -13.53
C TYR D 79 -11.05 43.95 -14.36
N GLY D 80 -12.35 43.91 -14.10
CA GLY D 80 -13.26 43.00 -14.78
C GLY D 80 -13.25 41.59 -14.24
N CYS D 81 -12.54 41.35 -13.15
CA CYS D 81 -12.50 40.03 -12.50
C CYS D 81 -13.75 39.79 -11.66
N ALA D 82 -14.10 38.51 -11.50
CA ALA D 82 -15.36 38.15 -10.84
C ALA D 82 -15.39 38.53 -9.36
N GLY D 83 -14.25 38.56 -8.69
CA GLY D 83 -14.20 38.89 -7.25
C GLY D 83 -14.91 37.90 -6.31
N THR D 84 -14.79 36.61 -6.63
CA THR D 84 -15.35 35.57 -5.77
C THR D 84 -14.44 35.25 -4.59
N ASN D 85 -14.99 34.51 -3.62
CA ASN D 85 -14.16 33.96 -2.55
C ASN D 85 -13.28 32.83 -3.07
N ALA D 86 -12.43 32.36 -2.21
CA ALA D 86 -11.47 31.30 -2.54
C ALA D 86 -12.18 29.96 -2.75
N VAL D 87 -13.17 29.62 -1.91
CA VAL D 87 -13.88 28.36 -2.07
C VAL D 87 -14.51 28.26 -3.46
N SER D 88 -15.06 29.37 -3.95
CA SER D 88 -15.66 29.38 -5.28
C SER D 88 -14.64 29.13 -6.38
N TYR D 89 -13.47 29.76 -6.28
CA TYR D 89 -12.38 29.53 -7.23
C TYR D 89 -11.98 28.04 -7.21
N GLY D 90 -11.89 27.46 -5.99
CA GLY D 90 -11.59 26.05 -5.86
C GLY D 90 -12.62 25.19 -6.58
N LEU D 91 -13.91 25.48 -6.38
CA LEU D 91 -14.94 24.69 -7.02
C LEU D 91 -14.85 24.79 -8.55
N ALA D 92 -14.58 25.98 -9.07
CA ALA D 92 -14.42 26.15 -10.51
C ALA D 92 -13.24 25.30 -11.03
N CYS D 93 -12.12 25.33 -10.30
CA CYS D 93 -10.97 24.51 -10.67
C CYS D 93 -11.33 23.02 -10.68
N MET D 94 -12.05 22.58 -9.65
CA MET D 94 -12.50 21.20 -9.56
C MET D 94 -13.30 20.81 -10.82
N GLU D 95 -14.24 21.63 -11.21
CA GLU D 95 -15.05 21.35 -12.37
C GLU D 95 -14.26 21.39 -13.67
N LEU D 96 -13.34 22.36 -13.80
CA LEU D 96 -12.51 22.43 -15.01
C LEU D 96 -11.68 21.13 -15.17
N GLU D 97 -11.09 20.67 -14.07
CA GLU D 97 -10.20 19.51 -14.09
C GLU D 97 -10.98 18.22 -14.30
N ALA D 98 -12.21 18.14 -13.79
CA ALA D 98 -13.13 17.05 -14.11
C ALA D 98 -13.25 16.88 -15.62
N GLY D 99 -13.26 18.00 -16.36
CA GLY D 99 -13.13 17.96 -17.81
C GLY D 99 -11.77 17.45 -18.25
N ASP D 100 -10.71 18.16 -17.88
CA ASP D 100 -9.34 17.77 -18.19
C ASP D 100 -8.41 18.68 -17.42
N SER D 101 -7.30 18.16 -16.92
CA SER D 101 -6.31 18.98 -16.25
C SER D 101 -5.73 20.07 -17.12
N GLY D 102 -5.74 19.90 -18.43
CA GLY D 102 -5.27 20.96 -19.32
C GLY D 102 -6.16 22.21 -19.24
N PHE D 103 -7.45 22.03 -19.02
CA PHE D 103 -8.37 23.17 -18.85
C PHE D 103 -8.05 23.90 -17.54
N ARG D 104 -7.94 23.14 -16.46
CA ARG D 104 -7.62 23.76 -15.18
C ARG D 104 -6.23 24.40 -15.21
N SER D 105 -5.25 23.75 -15.82
CA SER D 105 -3.91 24.31 -15.93
C SER D 105 -3.93 25.65 -16.66
N PHE D 106 -4.70 25.77 -17.73
CA PHE D 106 -4.80 27.06 -18.43
C PHE D 106 -5.25 28.15 -17.47
N VAL D 107 -6.30 27.85 -16.72
CA VAL D 107 -6.89 28.80 -15.80
C VAL D 107 -5.96 29.09 -14.61
N SER D 108 -5.30 28.08 -14.04
CA SER D 108 -4.30 28.27 -12.96
C SER D 108 -3.23 29.25 -13.39
N VAL D 109 -2.70 29.04 -14.58
CA VAL D 109 -1.62 29.88 -15.09
C VAL D 109 -2.14 31.30 -15.32
N GLN D 110 -3.27 31.42 -16.01
CA GLN D 110 -3.76 32.73 -16.37
C GLN D 110 -4.04 33.54 -15.11
N GLY D 111 -4.73 32.95 -14.15
CA GLY D 111 -5.19 33.70 -12.99
C GLY D 111 -4.23 33.74 -11.83
N SER D 112 -3.98 32.60 -11.24
CA SER D 112 -3.17 32.52 -10.02
C SER D 112 -1.69 32.72 -10.20
N LEU D 113 -1.17 32.58 -11.41
CA LEU D 113 0.25 32.79 -11.67
C LEU D 113 0.45 34.15 -12.39
N SER D 114 0.00 34.23 -13.63
CA SER D 114 0.17 35.47 -14.42
C SER D 114 -0.57 36.68 -13.82
N MET D 115 -1.90 36.62 -13.77
CA MET D 115 -2.63 37.77 -13.30
C MET D 115 -2.27 38.07 -11.85
N PHE D 116 -2.16 37.07 -10.97
CA PHE D 116 -1.84 37.35 -9.58
C PHE D 116 -0.46 37.99 -9.45
N SER D 117 0.51 37.56 -10.25
CA SER D 117 1.83 38.18 -10.17
C SER D 117 1.73 39.69 -10.41
N ILE D 118 0.91 40.09 -11.38
CA ILE D 118 0.75 41.49 -11.77
C ILE D 118 -0.10 42.23 -10.73
N TYR D 119 -1.20 41.59 -10.32
CA TYR D 119 -2.09 42.15 -9.30
C TYR D 119 -1.37 42.42 -7.98
N ARG D 120 -0.56 41.46 -7.56
CA ARG D 120 0.09 41.55 -6.24
C ARG D 120 1.40 42.36 -6.29
N TYR D 121 2.21 42.21 -7.33
CA TYR D 121 3.54 42.79 -7.36
C TYR D 121 3.76 43.85 -8.44
N GLY D 122 2.78 44.02 -9.31
CA GLY D 122 2.89 44.92 -10.43
C GLY D 122 2.55 46.37 -10.13
N SER D 123 2.93 47.23 -11.04
CA SER D 123 2.62 48.66 -10.95
C SER D 123 1.22 48.97 -11.39
N GLU D 124 0.76 50.17 -11.07
CA GLU D 124 -0.54 50.63 -11.53
C GLU D 124 -0.64 50.50 -13.06
N GLU D 125 0.40 50.95 -13.78
CA GLU D 125 0.33 50.91 -15.25
C GLU D 125 0.29 49.46 -15.74
N GLN D 126 1.04 48.56 -15.12
CA GLN D 126 1.03 47.15 -15.56
C GLN D 126 -0.32 46.52 -15.35
N LYS D 127 -0.92 46.79 -14.21
CA LYS D 127 -2.24 46.22 -13.89
C LYS D 127 -3.27 46.69 -14.92
N ASN D 128 -3.31 47.98 -15.20
CA ASN D 128 -4.26 48.51 -16.19
C ASN D 128 -3.93 48.08 -17.61
N GLU D 129 -2.68 47.87 -17.93
CA GLU D 129 -2.32 47.39 -19.27
C GLU D 129 -2.83 45.98 -19.50
N TRP D 130 -2.68 45.11 -18.51
CA TRP D 130 -2.86 43.69 -18.78
C TRP D 130 -4.04 43.04 -18.09
N LEU D 131 -4.40 43.44 -16.88
CA LEU D 131 -5.41 42.65 -16.15
C LEU D 131 -6.78 42.58 -16.83
N PRO D 132 -7.29 43.67 -17.39
CA PRO D 132 -8.62 43.54 -18.03
C PRO D 132 -8.61 42.59 -19.23
N ARG D 133 -7.58 42.67 -20.06
CA ARG D 133 -7.51 41.74 -21.21
C ARG D 133 -7.29 40.31 -20.74
N LEU D 134 -6.50 40.10 -19.70
CA LEU D 134 -6.26 38.72 -19.22
C LEU D 134 -7.52 38.15 -18.62
N ALA D 135 -8.27 38.96 -17.89
CA ALA D 135 -9.58 38.52 -17.32
C ALA D 135 -10.57 38.15 -18.43
N ALA D 136 -10.54 38.90 -19.52
CA ALA D 136 -11.47 38.64 -20.63
C ALA D 136 -11.00 37.51 -21.53
N GLY D 137 -9.75 37.07 -21.38
CA GLY D 137 -9.17 36.10 -22.29
C GLY D 137 -8.75 36.67 -23.64
N ASP D 138 -8.63 38.01 -23.73
CA ASP D 138 -8.16 38.66 -24.96
C ASP D 138 -6.63 38.73 -25.02
N ALA D 139 -5.97 38.53 -23.89
CA ALA D 139 -4.55 38.29 -23.81
C ALA D 139 -4.30 37.03 -23.02
N ILE D 140 -3.13 36.45 -23.18
CA ILE D 140 -2.75 35.23 -22.48
C ILE D 140 -1.41 35.50 -21.77
N GLY D 141 -1.30 35.03 -20.52
CA GLY D 141 -0.08 35.15 -19.74
C GLY D 141 0.62 33.84 -19.50
N CYS D 142 1.88 33.91 -19.13
CA CYS D 142 2.61 32.71 -18.64
C CYS D 142 3.55 33.12 -17.50
N PHE D 143 4.13 32.12 -16.84
CA PHE D 143 4.87 32.30 -15.60
C PHE D 143 6.13 31.48 -15.69
N GLY D 144 7.26 32.14 -15.91
CA GLY D 144 8.53 31.46 -16.14
C GLY D 144 9.39 31.46 -14.88
N LEU D 145 9.27 30.39 -14.09
CA LEU D 145 10.07 30.20 -12.91
C LEU D 145 11.10 29.08 -13.12
N THR D 146 10.60 27.89 -13.46
CA THR D 146 11.42 26.68 -13.64
C THR D 146 12.41 26.83 -14.76
N GLU D 147 13.59 26.25 -14.55
CA GLU D 147 14.65 26.19 -15.55
C GLU D 147 14.98 24.74 -15.78
N PRO D 148 15.66 24.42 -16.90
CA PRO D 148 16.04 23.02 -17.12
C PRO D 148 16.74 22.43 -15.93
N ASP D 149 17.63 23.18 -15.27
CA ASP D 149 18.44 22.64 -14.19
C ASP D 149 17.84 22.84 -12.80
N PHE D 150 16.74 23.59 -12.68
CA PHE D 150 16.18 23.98 -11.37
C PHE D 150 14.66 24.05 -11.40
N GLY D 151 14.02 23.10 -10.73
CA GLY D 151 12.57 23.00 -10.62
C GLY D 151 12.13 22.99 -9.16
N SER D 152 12.44 21.89 -8.46
CA SER D 152 12.17 21.83 -7.02
C SER D 152 12.96 22.85 -6.21
N ASN D 153 14.11 23.30 -6.71
CA ASN D 153 14.97 24.27 -6.04
C ASN D 153 15.09 25.56 -6.85
N PRO D 154 14.01 26.35 -6.93
CA PRO D 154 14.09 27.62 -7.67
C PRO D 154 15.04 28.65 -7.06
N ALA D 155 15.41 28.49 -5.78
CA ALA D 155 16.41 29.36 -5.18
C ALA D 155 17.74 29.31 -5.94
N GLY D 156 18.00 28.19 -6.63
CA GLY D 156 19.21 28.01 -7.42
C GLY D 156 19.18 28.55 -8.84
N MET D 157 18.08 29.21 -9.23
CA MET D 157 17.94 29.67 -10.61
C MET D 157 19.11 30.52 -11.11
N ARG D 158 19.40 30.39 -12.40
CA ARG D 158 20.52 31.09 -13.04
C ARG D 158 20.14 32.09 -14.10
N THR D 159 18.88 32.20 -14.52
CA THR D 159 18.51 33.32 -15.41
C THR D 159 18.88 34.60 -14.66
N ARG D 160 19.53 35.52 -15.37
CA ARG D 160 20.07 36.73 -14.73
CA ARG D 160 20.10 36.71 -14.75
C ARG D 160 19.55 37.97 -15.39
N ALA D 161 19.17 38.94 -14.56
CA ALA D 161 18.75 40.28 -14.99
C ALA D 161 19.84 41.25 -14.49
N ARG D 162 20.43 41.97 -15.43
CA ARG D 162 21.46 42.96 -15.14
C ARG D 162 20.99 44.31 -15.58
N ARG D 163 21.56 45.37 -14.99
CA ARG D 163 21.25 46.71 -15.45
C ARG D 163 22.18 47.20 -16.57
N ASP D 164 21.63 47.98 -17.47
CA ASP D 164 22.41 48.77 -18.44
C ASP D 164 21.79 50.15 -18.42
N GLY D 165 22.40 51.05 -17.65
CA GLY D 165 21.76 52.31 -17.34
C GLY D 165 20.48 52.01 -16.58
N SER D 166 19.37 52.54 -17.06
CA SER D 166 18.06 52.27 -16.43
C SER D 166 17.43 51.00 -17.00
N ASP D 167 17.90 50.52 -18.15
CA ASP D 167 17.33 49.27 -18.71
C ASP D 167 17.74 48.06 -17.87
N TRP D 168 16.97 46.99 -18.09
CA TRP D 168 17.28 45.65 -17.61
C TRP D 168 17.58 44.75 -18.80
N ILE D 169 18.55 43.85 -18.66
CA ILE D 169 18.82 42.85 -19.69
C ILE D 169 18.73 41.48 -19.05
N LEU D 170 17.87 40.64 -19.58
CA LEU D 170 17.64 39.29 -19.04
C LEU D 170 18.25 38.23 -19.94
N ASN D 171 18.89 37.25 -19.34
CA ASN D 171 19.55 36.18 -20.08
C ASN D 171 19.39 34.86 -19.31
N GLY D 172 18.80 33.86 -19.98
CA GLY D 172 18.66 32.52 -19.42
C GLY D 172 17.57 31.76 -20.15
N THR D 173 17.24 30.57 -19.63
CA THR D 173 16.31 29.67 -20.23
C THR D 173 15.33 29.18 -19.16
N LYS D 174 14.04 29.25 -19.46
CA LYS D 174 12.97 28.66 -18.62
C LYS D 174 12.43 27.44 -19.33
N MET D 175 11.93 26.46 -18.57
CA MET D 175 11.47 25.23 -19.16
C MET D 175 10.18 24.76 -18.47
N TRP D 176 9.37 24.03 -19.23
CA TRP D 176 8.07 23.47 -18.80
C TRP D 176 7.10 24.58 -18.52
N ILE D 177 7.10 25.62 -19.34
CA ILE D 177 6.29 26.80 -19.07
C ILE D 177 4.93 26.72 -19.79
N THR D 178 3.88 26.51 -19.00
CA THR D 178 2.56 26.39 -19.55
C THR D 178 2.16 27.70 -20.26
N ASN D 179 1.58 27.58 -21.45
CA ASN D 179 1.12 28.72 -22.26
C ASN D 179 2.26 29.54 -22.85
N GLY D 180 3.49 29.08 -22.75
CA GLY D 180 4.61 29.91 -23.23
C GLY D 180 4.49 30.39 -24.64
N ASN D 181 4.10 29.50 -25.55
CA ASN D 181 4.03 29.82 -26.99
C ASN D 181 2.78 30.62 -27.35
N LEU D 182 1.81 30.68 -26.44
CA LEU D 182 0.57 31.40 -26.64
C LEU D 182 0.57 32.80 -26.02
N ALA D 183 1.51 33.03 -25.09
CA ALA D 183 1.44 34.21 -24.22
C ALA D 183 1.79 35.48 -24.95
N ASP D 184 1.06 36.53 -24.60
CA ASP D 184 1.39 37.91 -24.94
C ASP D 184 2.40 38.51 -23.97
N VAL D 185 2.35 38.05 -22.72
CA VAL D 185 3.21 38.58 -21.67
C VAL D 185 3.66 37.41 -20.80
N ALA D 186 4.94 37.45 -20.42
CA ALA D 186 5.54 36.42 -19.55
C ALA D 186 6.03 37.09 -18.30
N THR D 187 5.65 36.58 -17.13
CA THR D 187 6.25 36.96 -15.88
C THR D 187 7.47 36.07 -15.74
N VAL D 188 8.65 36.66 -15.79
CA VAL D 188 9.92 35.93 -15.73
C VAL D 188 10.68 36.32 -14.46
N TRP D 189 11.07 35.30 -13.69
CA TRP D 189 11.82 35.44 -12.46
C TRP D 189 13.32 35.25 -12.76
N ALA D 190 14.14 36.12 -12.22
CA ALA D 190 15.57 36.13 -12.50
C ALA D 190 16.33 36.52 -11.26
N GLN D 191 17.57 36.01 -11.19
CA GLN D 191 18.50 36.45 -10.19
C GLN D 191 19.10 37.80 -10.57
N THR D 192 19.41 38.62 -9.57
CA THR D 192 20.09 39.91 -9.77
C THR D 192 21.14 40.08 -8.70
N ASP D 193 21.96 41.12 -8.84
CA ASP D 193 22.94 41.44 -7.82
C ASP D 193 22.32 41.64 -6.43
N ASP D 194 21.02 41.96 -6.37
CA ASP D 194 20.35 42.23 -5.09
C ASP D 194 19.31 41.18 -4.70
N GLY D 195 19.30 40.06 -5.42
CA GLY D 195 18.34 39.00 -5.18
C GLY D 195 17.33 38.80 -6.28
N ILE D 196 16.44 37.85 -6.07
CA ILE D 196 15.49 37.46 -7.12
C ILE D 196 14.50 38.59 -7.36
N ARG D 197 14.24 38.87 -8.62
CA ARG D 197 13.31 39.90 -9.05
C ARG D 197 12.44 39.35 -10.15
N GLY D 198 11.31 40.02 -10.44
CA GLY D 198 10.37 39.59 -11.44
C GLY D 198 10.15 40.65 -12.49
N PHE D 199 9.91 40.22 -13.71
CA PHE D 199 9.78 41.12 -14.86
C PHE D 199 8.61 40.72 -15.74
N LEU D 200 7.88 41.70 -16.28
CA LEU D 200 6.92 41.46 -17.33
C LEU D 200 7.59 41.60 -18.68
N VAL D 201 7.64 40.52 -19.42
CA VAL D 201 8.37 40.48 -20.69
C VAL D 201 7.36 40.32 -21.81
N PRO D 202 7.14 41.37 -22.59
CA PRO D 202 6.32 41.17 -23.77
C PRO D 202 6.97 40.14 -24.68
N THR D 203 6.18 39.21 -25.18
CA THR D 203 6.77 38.03 -25.85
C THR D 203 7.29 38.32 -27.27
N ASP D 204 7.02 39.52 -27.79
CA ASP D 204 7.63 39.99 -29.06
C ASP D 204 8.92 40.78 -28.84
N THR D 205 9.41 40.86 -27.61
CA THR D 205 10.69 41.55 -27.35
C THR D 205 11.85 40.84 -28.04
N PRO D 206 12.72 41.59 -28.74
CA PRO D 206 13.87 40.94 -29.33
C PRO D 206 14.66 40.10 -28.33
N GLY D 207 15.03 38.89 -28.75
CA GLY D 207 15.76 37.97 -27.94
C GLY D 207 14.92 36.96 -27.16
N PHE D 208 13.60 37.14 -27.16
CA PHE D 208 12.68 36.25 -26.45
C PHE D 208 12.10 35.25 -27.44
N THR D 209 12.35 33.97 -27.21
CA THR D 209 11.80 32.89 -28.05
C THR D 209 11.06 31.87 -27.19
N ALA D 210 9.92 31.41 -27.67
CA ALA D 210 9.19 30.28 -27.07
C ALA D 210 9.19 29.11 -28.03
N ASN D 211 9.58 27.93 -27.55
CA ASN D 211 9.62 26.69 -28.33
C ASN D 211 8.68 25.69 -27.69
N GLU D 212 7.74 25.19 -28.47
CA GLU D 212 6.74 24.28 -27.93
C GLU D 212 7.30 22.89 -27.70
N ILE D 213 6.89 22.30 -26.59
CA ILE D 213 7.27 20.90 -26.21
C ILE D 213 6.23 19.95 -26.77
N HIS D 214 6.71 18.94 -27.50
CA HIS D 214 5.88 17.88 -28.09
C HIS D 214 6.23 16.54 -27.48
N ARG D 215 5.49 15.52 -27.92
CA ARG D 215 5.68 14.14 -27.47
C ARG D 215 5.55 13.99 -25.95
N LYS D 216 4.63 14.75 -25.40
CA LYS D 216 4.17 14.52 -24.04
C LYS D 216 3.15 13.38 -23.99
N LEU D 217 3.18 12.60 -22.91
CA LEU D 217 2.14 11.62 -22.64
C LEU D 217 1.14 12.14 -21.61
N SER D 218 1.47 13.27 -20.96
CA SER D 218 0.66 13.91 -19.93
C SER D 218 0.41 15.33 -20.35
N LEU D 219 -0.79 15.84 -20.16
CA LEU D 219 -1.10 17.25 -20.46
C LEU D 219 -0.88 17.54 -21.93
N ARG D 220 -1.29 16.58 -22.77
CA ARG D 220 -1.31 16.80 -24.20
C ARG D 220 -2.28 17.90 -24.62
N ALA D 221 -3.41 18.01 -23.92
CA ALA D 221 -4.36 19.10 -24.22
C ALA D 221 -3.99 20.36 -23.43
N SER D 222 -2.79 20.85 -23.72
CA SER D 222 -2.19 21.97 -23.01
C SER D 222 -0.97 22.38 -23.78
N VAL D 223 -0.62 23.66 -23.77
CA VAL D 223 0.59 24.13 -24.42
C VAL D 223 1.67 24.28 -23.35
N THR D 224 2.82 23.65 -23.53
CA THR D 224 3.95 23.74 -22.63
C THR D 224 5.19 24.07 -23.45
N SER D 225 6.06 24.97 -22.93
CA SER D 225 7.13 25.57 -23.73
C SER D 225 8.44 25.70 -23.00
N GLU D 226 9.51 25.76 -23.80
CA GLU D 226 10.79 26.32 -23.41
C GLU D 226 10.81 27.81 -23.74
N LEU D 227 11.30 28.64 -22.82
CA LEU D 227 11.52 30.07 -23.10
C LEU D 227 13.01 30.33 -23.11
N VAL D 228 13.49 30.89 -24.23
CA VAL D 228 14.90 31.27 -24.34
C VAL D 228 15.00 32.79 -24.36
N LEU D 229 15.73 33.31 -23.37
CA LEU D 229 15.94 34.75 -23.26
C LEU D 229 17.42 35.02 -23.58
N ASP D 230 17.63 35.56 -24.78
CA ASP D 230 18.98 35.89 -25.28
C ASP D 230 19.15 37.39 -25.10
N ASN D 231 19.72 37.78 -23.98
CA ASN D 231 19.98 39.20 -23.70
C ASN D 231 18.83 40.13 -24.05
N VAL D 232 17.67 39.81 -23.46
CA VAL D 232 16.43 40.51 -23.69
C VAL D 232 16.40 41.83 -22.97
N ARG D 233 16.37 42.92 -23.73
CA ARG D 233 16.47 44.27 -23.18
C ARG D 233 15.09 44.85 -22.92
N LEU D 234 14.89 45.32 -21.67
CA LEU D 234 13.62 45.87 -21.20
C LEU D 234 13.85 47.24 -20.55
N PRO D 235 12.83 48.10 -20.55
CA PRO D 235 12.90 49.32 -19.78
C PRO D 235 12.78 49.07 -18.27
N ALA D 236 13.29 50.01 -17.47
CA ALA D 236 13.14 49.98 -16.00
C ALA D 236 11.72 49.60 -15.58
N SER D 237 10.75 50.15 -16.31
CA SER D 237 9.33 49.96 -15.98
C SER D 237 8.81 48.54 -16.13
N ALA D 238 9.56 47.66 -16.80
CA ALA D 238 9.14 46.27 -16.96
C ALA D 238 9.27 45.45 -15.68
N GLN D 239 10.05 45.93 -14.70
CA GLN D 239 10.18 45.23 -13.44
C GLN D 239 8.83 45.27 -12.68
N LEU D 240 8.47 44.16 -12.04
CA LEU D 240 7.34 44.15 -11.10
C LEU D 240 7.89 44.84 -9.85
N PRO D 241 7.42 46.06 -9.53
CA PRO D 241 8.16 46.84 -8.55
C PRO D 241 8.17 46.30 -7.12
N LEU D 242 7.15 45.53 -6.78
CA LEU D 242 7.01 45.09 -5.38
C LEU D 242 7.58 43.70 -5.10
N ALA D 243 8.06 43.00 -6.12
CA ALA D 243 8.57 41.62 -5.96
C ALA D 243 10.05 41.62 -5.58
N GLU D 244 10.34 41.10 -4.39
CA GLU D 244 11.73 40.93 -3.94
C GLU D 244 11.91 39.56 -3.28
N GLY D 245 12.87 38.78 -3.77
CA GLY D 245 13.17 37.49 -3.20
C GLY D 245 12.27 36.37 -3.70
N LEU D 246 12.62 35.14 -3.31
CA LEU D 246 11.89 33.96 -3.70
C LEU D 246 10.46 33.99 -3.15
N SER D 247 10.22 34.75 -2.08
CA SER D 247 8.87 34.82 -1.54
C SER D 247 7.82 35.28 -2.57
N ALA D 248 8.24 36.12 -3.52
CA ALA D 248 7.29 36.61 -4.49
C ALA D 248 6.78 35.53 -5.44
N PRO D 249 7.65 34.80 -6.18
CA PRO D 249 7.09 33.72 -6.97
C PRO D 249 6.38 32.64 -6.14
N LEU D 250 6.90 32.36 -4.95
CA LEU D 250 6.26 31.33 -4.12
C LEU D 250 4.86 31.75 -3.70
N SER D 251 4.63 33.05 -3.48
CA SER D 251 3.29 33.51 -3.12
C SER D 251 2.33 33.21 -4.25
N CYS D 252 2.81 33.37 -5.49
CA CYS D 252 1.97 33.04 -6.65
C CYS D 252 1.70 31.54 -6.72
N LEU D 253 2.75 30.73 -6.53
CA LEU D 253 2.58 29.29 -6.47
C LEU D 253 1.56 28.90 -5.41
N ASN D 254 1.57 29.54 -4.24
CA ASN D 254 0.62 29.18 -3.24
C ASN D 254 -0.81 29.48 -3.62
N GLU D 255 -1.04 30.52 -4.43
CA GLU D 255 -2.37 30.74 -5.00
C GLU D 255 -2.79 29.63 -5.96
N ALA D 256 -1.90 29.24 -6.85
CA ALA D 256 -2.19 28.17 -7.82
C ALA D 256 -2.34 26.81 -7.16
N ARG D 257 -1.48 26.53 -6.18
CA ARG D 257 -1.52 25.26 -5.45
C ARG D 257 -2.90 25.09 -4.79
N PHE D 258 -3.45 26.19 -4.25
CA PHE D 258 -4.76 26.14 -3.66
C PHE D 258 -5.82 25.67 -4.67
N GLY D 259 -5.79 26.21 -5.88
CA GLY D 259 -6.72 25.73 -6.90
C GLY D 259 -6.53 24.26 -7.24
N ILE D 260 -5.28 23.80 -7.29
CA ILE D 260 -4.94 22.39 -7.55
C ILE D 260 -5.50 21.45 -6.45
N VAL D 261 -5.50 21.92 -5.19
CA VAL D 261 -6.06 21.14 -4.08
C VAL D 261 -7.47 20.67 -4.44
N PHE D 262 -8.27 21.60 -4.97
CA PHE D 262 -9.59 21.29 -5.48
C PHE D 262 -9.58 20.59 -6.83
N GLY D 263 -8.79 21.10 -7.76
CA GLY D 263 -8.78 20.60 -9.11
C GLY D 263 -8.55 19.11 -9.18
N ALA D 264 -7.56 18.58 -8.45
CA ALA D 264 -7.27 17.15 -8.54
C ALA D 264 -8.48 16.31 -8.19
N LEU D 265 -9.31 16.79 -7.25
CA LEU D 265 -10.52 16.09 -6.85
C LEU D 265 -11.53 15.99 -7.99
N GLY D 266 -11.51 16.94 -8.91
CA GLY D 266 -12.42 16.88 -10.07
C GLY D 266 -12.03 15.76 -11.03
N ALA D 267 -10.75 15.61 -11.31
CA ALA D 267 -10.25 14.47 -12.11
C ALA D 267 -10.63 13.16 -11.43
N ALA D 268 -10.45 13.11 -10.11
CA ALA D 268 -10.82 11.90 -9.37
C ALA D 268 -12.33 11.60 -9.43
N ARG D 269 -13.14 12.62 -9.21
CA ARG D 269 -14.59 12.45 -9.19
C ARG D 269 -15.08 12.01 -10.57
N ASP D 270 -14.59 12.66 -11.62
CA ASP D 270 -14.98 12.34 -12.98
C ASP D 270 -14.61 10.89 -13.32
N SER D 271 -13.41 10.49 -12.95
CA SER D 271 -12.98 9.11 -13.16
C SER D 271 -13.93 8.14 -12.44
N LEU D 272 -14.17 8.42 -11.16
CA LEU D 272 -14.97 7.54 -10.32
C LEU D 272 -16.42 7.45 -10.71
N GLU D 273 -17.06 8.57 -11.01
CA GLU D 273 -18.48 8.53 -11.41
C GLU D 273 -18.61 7.85 -12.77
N THR D 274 -17.70 8.12 -13.70
CA THR D 274 -17.74 7.45 -15.00
C THR D 274 -17.59 5.93 -14.82
N THR D 275 -16.74 5.52 -13.90
CA THR D 275 -16.44 4.10 -13.68
C THR D 275 -17.61 3.42 -12.95
N ILE D 276 -18.20 4.07 -11.94
CA ILE D 276 -19.40 3.51 -11.30
C ILE D 276 -20.46 3.21 -12.35
N ALA D 277 -20.70 4.16 -13.23
CA ALA D 277 -21.73 3.97 -14.28
C ALA D 277 -21.34 2.79 -15.15
N TYR D 278 -20.04 2.66 -15.48
CA TYR D 278 -19.61 1.53 -16.31
C TYR D 278 -19.88 0.21 -15.61
N THR D 279 -19.57 0.14 -14.31
CA THR D 279 -19.77 -1.11 -13.58
C THR D 279 -21.25 -1.48 -13.47
N GLN D 280 -22.15 -0.51 -13.53
CA GLN D 280 -23.58 -0.83 -13.48
C GLN D 280 -24.08 -1.40 -14.80
N SER D 281 -23.44 -1.02 -15.91
CA SER D 281 -23.86 -1.39 -17.26
CA SER D 281 -23.87 -1.39 -17.27
C SER D 281 -23.16 -2.63 -17.80
N ARG D 282 -21.97 -2.92 -17.31
CA ARG D 282 -21.18 -4.04 -17.79
C ARG D 282 -21.52 -5.29 -17.07
N GLU D 283 -21.93 -6.32 -17.81
CA GLU D 283 -22.23 -7.62 -17.24
CA GLU D 283 -22.23 -7.60 -17.23
C GLU D 283 -21.02 -8.50 -17.34
N VAL D 284 -20.65 -9.15 -16.24
CA VAL D 284 -19.61 -10.17 -16.24
C VAL D 284 -20.16 -11.37 -15.48
N PHE D 285 -20.05 -12.57 -16.07
CA PHE D 285 -20.53 -13.80 -15.46
C PHE D 285 -22.01 -13.66 -15.01
N ASP D 286 -22.80 -13.08 -15.91
CA ASP D 286 -24.27 -12.99 -15.78
C ASP D 286 -24.83 -12.02 -14.73
N LYS D 287 -23.98 -11.13 -14.20
CA LYS D 287 -24.43 -10.09 -13.28
C LYS D 287 -23.66 -8.79 -13.56
N PRO D 288 -24.26 -7.63 -13.25
CA PRO D 288 -23.48 -6.39 -13.38
C PRO D 288 -22.21 -6.44 -12.54
N LEU D 289 -21.16 -5.86 -13.08
CA LEU D 289 -19.86 -5.82 -12.45
C LEU D 289 -19.94 -5.16 -11.05
N SER D 290 -20.85 -4.19 -10.91
CA SER D 290 -21.06 -3.51 -9.60
C SER D 290 -21.54 -4.43 -8.50
N ASN D 291 -22.00 -5.64 -8.82
CA ASN D 291 -22.53 -6.57 -7.83
C ASN D 291 -21.44 -7.36 -7.09
N TYR D 292 -20.18 -7.32 -7.56
CA TYR D 292 -19.12 -8.20 -7.04
C TYR D 292 -18.37 -7.49 -5.90
N GLN D 293 -17.95 -8.28 -4.91
CA GLN D 293 -17.18 -7.74 -3.80
C GLN D 293 -15.94 -7.01 -4.21
N LEU D 294 -15.16 -7.57 -5.16
CA LEU D 294 -13.90 -6.90 -5.54
C LEU D 294 -14.18 -5.52 -6.12
N THR D 295 -15.27 -5.39 -6.86
CA THR D 295 -15.64 -4.11 -7.43
C THR D 295 -16.02 -3.13 -6.32
N GLN D 296 -16.91 -3.57 -5.45
CA GLN D 296 -17.41 -2.69 -4.40
C GLN D 296 -16.29 -2.23 -3.45
N GLU D 297 -15.31 -3.09 -3.21
CA GLU D 297 -14.13 -2.73 -2.40
C GLU D 297 -13.45 -1.52 -3.03
N LYS D 298 -13.18 -1.60 -4.33
CA LYS D 298 -12.52 -0.52 -5.02
C LYS D 298 -13.33 0.76 -5.00
N LEU D 299 -14.61 0.64 -5.33
CA LEU D 299 -15.48 1.82 -5.35
C LEU D 299 -15.56 2.48 -3.99
N ALA D 300 -15.69 1.68 -2.94
CA ALA D 300 -15.75 2.20 -1.57
C ALA D 300 -14.44 2.86 -1.14
N ASN D 301 -13.31 2.20 -1.39
CA ASN D 301 -12.04 2.80 -0.97
C ASN D 301 -11.78 4.10 -1.69
N MET D 302 -12.06 4.16 -2.99
CA MET D 302 -11.88 5.37 -3.76
C MET D 302 -12.81 6.49 -3.31
N THR D 303 -14.06 6.13 -2.99
CA THR D 303 -15.01 7.10 -2.45
C THR D 303 -14.49 7.71 -1.15
N VAL D 304 -13.97 6.86 -0.27
CA VAL D 304 -13.47 7.33 1.01
C VAL D 304 -12.37 8.35 0.81
N GLU D 305 -11.41 8.11 -0.08
CA GLU D 305 -10.36 9.11 -0.33
C GLU D 305 -10.89 10.37 -0.99
N LEU D 306 -11.81 10.22 -1.95
CA LEU D 306 -12.35 11.42 -2.61
C LEU D 306 -13.05 12.34 -1.60
N GLY D 307 -13.89 11.79 -0.74
CA GLY D 307 -14.59 12.59 0.24
C GLY D 307 -13.69 13.21 1.29
N LYS D 308 -12.70 12.47 1.75
CA LYS D 308 -11.74 13.05 2.69
C LYS D 308 -10.98 14.22 2.05
N GLY D 309 -10.63 14.08 0.77
CA GLY D 309 -9.96 15.13 0.07
C GLY D 309 -10.83 16.37 -0.10
N MET D 310 -12.13 16.16 -0.34
CA MET D 310 -13.07 17.27 -0.47
CA MET D 310 -13.05 17.30 -0.47
C MET D 310 -13.23 18.01 0.86
N LEU D 311 -13.36 17.28 1.95
CA LEU D 311 -13.39 17.92 3.26
C LEU D 311 -12.13 18.76 3.50
N LEU D 312 -10.97 18.22 3.16
CA LEU D 312 -9.72 18.97 3.34
C LEU D 312 -9.66 20.22 2.47
N ALA D 313 -10.10 20.10 1.21
CA ALA D 313 -10.09 21.26 0.31
C ALA D 313 -10.98 22.37 0.83
N ILE D 314 -12.20 22.04 1.22
CA ILE D 314 -13.14 23.05 1.72
C ILE D 314 -12.59 23.67 3.01
N HIS D 315 -12.06 22.86 3.91
CA HIS D 315 -11.42 23.37 5.13
C HIS D 315 -10.31 24.39 4.84
N LEU D 316 -9.39 24.05 3.92
CA LEU D 316 -8.34 24.96 3.53
C LEU D 316 -8.91 26.23 2.91
N GLY D 317 -9.97 26.10 2.13
CA GLY D 317 -10.61 27.27 1.52
C GLY D 317 -11.23 28.20 2.54
N ARG D 318 -11.87 27.65 3.57
CA ARG D 318 -12.45 28.50 4.61
C ARG D 318 -11.37 29.22 5.38
N ILE D 319 -10.25 28.55 5.66
CA ILE D 319 -9.10 29.21 6.32
C ILE D 319 -8.56 30.33 5.43
N LYS D 320 -8.42 30.06 4.13
CA LYS D 320 -7.89 31.02 3.17
C LYS D 320 -8.73 32.31 3.14
N ASP D 321 -10.06 32.12 3.11
CA ASP D 321 -10.99 33.26 3.04
C ASP D 321 -11.06 34.04 4.36
N ALA D 322 -10.67 33.43 5.47
CA ALA D 322 -10.67 34.11 6.79
C ALA D 322 -9.29 34.82 6.93
N GLU D 323 -8.37 34.29 7.72
CA GLU D 323 -7.10 34.94 7.98
C GLU D 323 -5.99 34.64 6.98
N GLY D 324 -6.26 33.75 6.02
CA GLY D 324 -5.22 33.31 5.08
C GLY D 324 -4.70 31.95 5.50
N VAL D 325 -4.26 31.20 4.50
CA VAL D 325 -3.78 29.82 4.69
C VAL D 325 -2.25 29.80 4.56
N ARG D 326 -1.59 29.07 5.44
CA ARG D 326 -0.13 29.04 5.42
C ARG D 326 0.37 28.04 4.38
N PRO D 327 1.62 28.21 3.88
CA PRO D 327 2.09 27.30 2.83
C PRO D 327 2.06 25.85 3.26
N GLU D 328 2.46 25.55 4.49
CA GLU D 328 2.50 24.19 5.00
C GLU D 328 1.10 23.58 5.15
N GLN D 329 0.07 24.42 5.33
CA GLN D 329 -1.31 23.96 5.31
C GLN D 329 -1.74 23.59 3.89
N ILE D 330 -1.44 24.45 2.92
CA ILE D 330 -1.66 24.12 1.53
C ILE D 330 -0.96 22.79 1.18
N SER D 331 0.28 22.58 1.65
CA SER D 331 0.99 21.34 1.40
C SER D 331 0.21 20.09 1.81
N LEU D 332 -0.57 20.17 2.89
CA LEU D 332 -1.40 19.03 3.26
C LEU D 332 -2.33 18.66 2.11
N GLY D 333 -2.99 19.67 1.56
CA GLY D 333 -3.93 19.44 0.49
C GLY D 333 -3.29 19.07 -0.85
N LYS D 334 -2.19 19.70 -1.21
CA LYS D 334 -1.54 19.43 -2.50
C LYS D 334 -0.92 18.02 -2.45
N LEU D 335 -0.23 17.69 -1.37
CA LEU D 335 0.33 16.33 -1.22
C LEU D 335 -0.82 15.30 -1.29
N ASN D 336 -1.82 15.48 -0.44
CA ASN D 336 -2.82 14.45 -0.33
C ASN D 336 -3.67 14.32 -1.58
N ASN D 337 -4.23 15.44 -2.02
CA ASN D 337 -5.32 15.34 -2.97
C ASN D 337 -4.81 14.89 -4.33
N VAL D 338 -3.62 15.34 -4.73
CA VAL D 338 -3.08 14.90 -6.03
C VAL D 338 -2.70 13.44 -5.97
N ARG D 339 -1.99 12.99 -4.95
CA ARG D 339 -1.55 11.58 -4.94
C ARG D 339 -2.76 10.63 -4.79
N GLU D 340 -3.77 11.02 -4.02
CA GLU D 340 -4.95 10.18 -3.92
C GLU D 340 -5.75 10.24 -5.24
N ALA D 341 -5.81 11.37 -5.93
CA ALA D 341 -6.53 11.46 -7.20
C ALA D 341 -5.90 10.56 -8.25
N ILE D 342 -4.56 10.52 -8.34
CA ILE D 342 -3.93 9.69 -9.38
C ILE D 342 -4.16 8.21 -9.06
N ALA D 343 -4.18 7.85 -7.78
CA ALA D 343 -4.47 6.48 -7.40
C ALA D 343 -5.90 6.09 -7.77
N ILE D 344 -6.86 7.00 -7.58
CA ILE D 344 -8.25 6.76 -8.01
C ILE D 344 -8.35 6.58 -9.52
N ALA D 345 -7.72 7.48 -10.29
CA ALA D 345 -7.79 7.34 -11.74
C ALA D 345 -7.23 6.00 -12.22
N ARG D 346 -6.08 5.60 -11.67
CA ARG D 346 -5.44 4.36 -12.05
C ARG D 346 -6.32 3.16 -11.68
N GLU D 347 -6.89 3.15 -10.48
CA GLU D 347 -7.71 2.03 -10.02
CA GLU D 347 -7.69 2.01 -10.04
C GLU D 347 -8.98 1.92 -10.85
N CYS D 348 -9.59 3.07 -11.15
CA CYS D 348 -10.76 3.10 -12.02
C CYS D 348 -10.47 2.41 -13.36
N ARG D 349 -9.33 2.73 -13.97
CA ARG D 349 -8.97 2.12 -15.24
C ARG D 349 -9.03 0.60 -15.19
N THR D 350 -8.61 0.01 -14.06
CA THR D 350 -8.61 -1.44 -13.98
C THR D 350 -10.00 -2.02 -14.11
N LEU D 351 -11.00 -1.29 -13.60
CA LEU D 351 -12.40 -1.75 -13.65
C LEU D 351 -13.01 -1.68 -15.05
N LEU D 352 -12.47 -0.81 -15.89
CA LEU D 352 -12.92 -0.69 -17.26
C LEU D 352 -12.41 -1.77 -18.17
N GLY D 353 -11.40 -2.53 -17.73
CA GLY D 353 -10.80 -3.51 -18.62
C GLY D 353 -10.25 -2.91 -19.91
N GLY D 354 -10.37 -3.66 -21.01
CA GLY D 354 -9.83 -3.22 -22.31
C GLY D 354 -10.34 -1.89 -22.73
N SER D 355 -11.63 -1.66 -22.54
CA SER D 355 -12.21 -0.41 -22.96
CA SER D 355 -12.23 -0.41 -22.95
C SER D 355 -11.56 0.79 -22.29
N GLY D 356 -10.91 0.59 -21.15
CA GLY D 356 -10.24 1.68 -20.45
C GLY D 356 -8.94 2.14 -21.02
N ILE D 357 -8.41 1.46 -22.06
CA ILE D 357 -7.08 1.83 -22.58
C ILE D 357 -7.09 2.95 -23.61
N THR D 358 -8.29 3.32 -24.05
CA THR D 358 -8.45 4.35 -25.09
C THR D 358 -8.88 5.68 -24.45
N LEU D 359 -9.15 6.66 -25.28
CA LEU D 359 -9.68 7.94 -24.84
C LEU D 359 -11.21 7.91 -24.60
N GLU D 360 -11.88 6.76 -24.78
CA GLU D 360 -13.34 6.72 -24.64
C GLU D 360 -13.85 7.11 -23.27
N TYR D 361 -13.23 6.55 -22.23
CA TYR D 361 -13.58 6.78 -20.85
C TYR D 361 -12.40 7.53 -20.18
N SER D 362 -12.72 8.56 -19.40
CA SER D 362 -11.71 9.45 -18.86
C SER D 362 -10.56 8.94 -17.95
N PRO D 363 -10.71 7.81 -17.21
CA PRO D 363 -9.65 7.48 -16.23
C PRO D 363 -8.21 7.50 -16.72
N LEU D 364 -7.89 6.86 -17.83
CA LEU D 364 -6.48 6.76 -18.22
C LEU D 364 -5.93 8.14 -18.57
N ARG D 365 -6.71 8.93 -19.30
CA ARG D 365 -6.35 10.31 -19.59
C ARG D 365 -6.11 11.12 -18.28
N HIS D 366 -7.05 11.02 -17.34
CA HIS D 366 -6.87 11.68 -16.06
C HIS D 366 -5.57 11.23 -15.35
N ALA D 367 -5.33 9.90 -15.32
CA ALA D 367 -4.15 9.39 -14.65
C ALA D 367 -2.89 9.96 -15.26
N ASN D 368 -2.84 9.97 -16.59
CA ASN D 368 -1.69 10.54 -17.28
C ASN D 368 -1.51 12.04 -16.97
N ASN D 369 -2.59 12.77 -17.08
CA ASN D 369 -2.52 14.21 -16.78
C ASN D 369 -2.05 14.46 -15.35
N LEU D 370 -2.56 13.67 -14.40
CA LEU D 370 -2.18 13.82 -13.00
C LEU D 370 -0.69 13.54 -12.74
N GLU D 371 0.02 12.88 -13.65
CA GLU D 371 1.48 12.76 -13.53
C GLU D 371 2.13 14.15 -13.43
N SER D 372 1.70 15.04 -14.32
CA SER D 372 2.22 16.41 -14.28
C SER D 372 1.81 17.15 -13.01
N VAL D 373 0.55 16.98 -12.61
CA VAL D 373 0.01 17.66 -11.44
C VAL D 373 0.72 17.24 -10.15
N LEU D 374 1.15 15.98 -10.10
CA LEU D 374 1.90 15.42 -8.98
C LEU D 374 3.26 16.09 -8.83
N THR D 375 3.86 16.44 -9.97
CA THR D 375 5.21 16.97 -10.05
C THR D 375 5.26 18.49 -9.97
N TYR D 376 4.40 19.18 -10.69
CA TYR D 376 4.48 20.64 -10.73
C TYR D 376 3.90 21.32 -9.49
N GLU D 377 4.18 22.62 -9.35
CA GLU D 377 3.72 23.39 -8.18
CA GLU D 377 3.79 23.41 -8.18
C GLU D 377 4.21 22.72 -6.88
N GLY D 378 5.40 22.16 -6.94
CA GLY D 378 6.01 21.45 -5.80
C GLY D 378 5.69 19.97 -5.87
N THR D 379 6.72 19.16 -6.01
CA THR D 379 6.49 17.71 -6.08
C THR D 379 5.90 17.19 -4.78
N SER D 380 5.37 15.97 -4.82
CA SER D 380 4.90 15.34 -3.58
C SER D 380 5.97 15.38 -2.51
N GLU D 381 7.23 15.09 -2.87
CA GLU D 381 8.31 15.02 -1.87
C GLU D 381 8.59 16.41 -1.26
N MET D 382 8.47 17.47 -2.06
CA MET D 382 8.64 18.82 -1.53
C MET D 382 7.58 19.16 -0.50
N HIS D 383 6.34 18.85 -0.79
CA HIS D 383 5.26 19.09 0.17
C HIS D 383 5.40 18.21 1.41
N LEU D 384 5.76 16.96 1.23
CA LEU D 384 6.03 16.02 2.30
C LEU D 384 7.05 16.60 3.28
N LEU D 385 8.18 17.07 2.76
CA LEU D 385 9.23 17.61 3.59
C LEU D 385 8.84 18.97 4.22
N SER D 386 8.01 19.72 3.53
CA SER D 386 7.46 20.98 4.09
CA SER D 386 7.49 20.97 4.13
C SER D 386 6.63 20.66 5.36
N ILE D 387 5.80 19.63 5.26
CA ILE D 387 5.02 19.15 6.41
C ILE D 387 5.94 18.64 7.51
N GLY D 388 6.96 17.85 7.15
CA GLY D 388 7.95 17.38 8.12
C GLY D 388 8.63 18.50 8.88
N LYS D 389 8.98 19.57 8.16
CA LYS D 389 9.62 20.72 8.82
CA LYS D 389 9.60 20.73 8.79
C LYS D 389 8.63 21.37 9.78
N ALA D 390 7.38 21.52 9.41
CA ALA D 390 6.36 22.09 10.29
C ALA D 390 6.20 21.30 11.57
N LEU D 391 6.28 19.98 11.50
CA LEU D 391 6.09 19.10 12.67
C LEU D 391 7.30 19.03 13.57
N THR D 392 8.49 19.22 13.00
CA THR D 392 9.72 18.94 13.74
C THR D 392 10.57 20.16 14.04
N GLY D 393 10.40 21.19 13.25
CA GLY D 393 11.25 22.39 13.31
C GLY D 393 12.56 22.25 12.57
N LYS D 394 12.79 21.08 11.93
CA LYS D 394 14.06 20.82 11.21
C LYS D 394 13.80 20.63 9.73
N ALA D 395 14.49 21.42 8.90
CA ALA D 395 14.42 21.27 7.45
C ALA D 395 15.30 20.10 7.03
N ALA D 396 14.75 19.23 6.18
CA ALA D 396 15.43 18.02 5.72
C ALA D 396 15.47 17.98 4.19
N PHE D 397 15.42 19.12 3.52
CA PHE D 397 15.58 19.17 2.05
C PHE D 397 17.04 18.90 1.69
N ARG D 398 17.99 19.47 2.44
CA ARG D 398 19.41 19.25 2.15
CA ARG D 398 19.41 19.25 2.15
C ARG D 398 19.97 18.12 3.01
PA FDA E . -14.17 -7.39 -18.45
O1A FDA E . -14.18 -8.88 -18.55
O2A FDA E . -15.39 -6.62 -18.79
O5B FDA E . -13.67 -7.03 -16.96
C5B FDA E . -13.81 -5.67 -16.47
C4B FDA E . -13.35 -5.63 -15.01
O4B FDA E . -14.19 -6.50 -14.24
C3B FDA E . -11.92 -6.09 -14.79
O3B FDA E . -11.31 -5.36 -13.70
C2B FDA E . -12.12 -7.53 -14.35
O2B FDA E . -11.02 -8.04 -13.57
C1B FDA E . -13.39 -7.40 -13.53
N9A FDA E . -14.11 -8.67 -13.39
C8A FDA E . -14.49 -9.50 -14.39
N7A FDA E . -15.15 -10.57 -13.89
C5A FDA E . -15.15 -10.41 -12.51
C6A FDA E . -15.68 -11.20 -11.48
N6A FDA E . -16.30 -12.37 -11.73
N1A FDA E . -15.52 -10.73 -10.22
C2A FDA E . -14.91 -9.54 -9.98
N3A FDA E . -14.39 -8.74 -10.97
C4A FDA E . -14.51 -9.21 -12.21
N1 FDA E . -8.02 -10.67 -26.74
C2 FDA E . -7.90 -11.60 -27.72
O2 FDA E . -8.75 -12.52 -27.88
N3 FDA E . -6.81 -11.52 -28.56
C4 FDA E . -5.86 -10.55 -28.46
O4 FDA E . -4.95 -10.51 -29.33
C4X FDA E . -5.96 -9.62 -27.43
N5 FDA E . -5.08 -8.59 -27.32
C5X FDA E . -5.42 -7.49 -26.56
C6 FDA E . -4.74 -6.30 -26.75
C7 FDA E . -5.04 -5.17 -26.01
C7M FDA E . -4.26 -3.87 -26.28
C8 FDA E . -6.06 -5.21 -25.08
C8M FDA E . -6.40 -4.00 -24.23
C9 FDA E . -6.76 -6.40 -24.88
C9A FDA E . -6.48 -7.54 -25.66
N10 FDA E . -7.21 -8.73 -25.56
C10 FDA E . -7.07 -9.70 -26.60
C1' FDA E . -8.48 -8.71 -24.78
C2' FDA E . -8.21 -9.00 -23.31
O2' FDA E . -7.94 -10.40 -23.11
C3' FDA E . -9.44 -8.60 -22.50
O3' FDA E . -9.37 -7.15 -22.44
C4' FDA E . -9.39 -9.15 -21.08
O4' FDA E . -9.69 -10.56 -21.09
C5' FDA E . -10.38 -8.51 -20.15
O5' FDA E . -11.71 -8.53 -20.69
P FDA E . -12.57 -7.22 -20.84
O1P FDA E . -11.76 -6.09 -21.36
O2P FDA E . -13.84 -7.62 -21.55
O3P FDA E . -12.91 -6.82 -19.29
C1 EDO F . 0.17 5.33 -16.08
O1 EDO F . -0.06 4.06 -15.43
C2 EDO F . -0.83 6.44 -15.69
O2 EDO F . -0.60 6.93 -14.36
C1 EDO G . -1.85 -10.88 -26.84
C1 EDO G . -2.44 -10.99 -26.85
O1 EDO G . -2.60 -11.04 -25.63
O1 EDO G . -2.93 -11.75 -25.72
C2 EDO G . -0.71 -9.89 -26.70
C2 EDO G . -1.54 -9.87 -26.36
O2 EDO G . 0.06 -10.23 -25.55
O2 EDO G . -1.51 -8.78 -27.31
C1 EDO H . -9.28 -15.06 -19.85
C1 EDO H . -9.26 -14.79 -20.34
O1 EDO H . -7.91 -14.67 -19.97
O1 EDO H . -7.83 -14.73 -20.40
C2 EDO H . -9.30 -16.57 -19.76
C2 EDO H . -9.72 -15.62 -19.15
O2 EDO H . -8.97 -16.95 -18.42
O2 EDO H . -10.02 -14.74 -18.07
PA FDA I . -16.97 -13.06 11.74
O1A FDA I . -18.34 -12.46 11.53
O2A FDA I . -16.75 -14.53 11.85
O5B FDA I . -16.05 -12.46 10.59
C5B FDA I . -14.72 -13.01 10.33
C4B FDA I . -14.13 -12.35 9.10
O4B FDA I . -14.98 -12.59 7.97
C3B FDA I . -14.01 -10.82 9.21
O3B FDA I . -12.81 -10.39 8.57
C2B FDA I . -15.21 -10.31 8.46
O2B FDA I . -15.04 -8.97 7.97
C1B FDA I . -15.28 -11.35 7.35
N9A FDA I . -16.63 -11.44 6.76
C8A FDA I . -17.80 -11.64 7.40
N7A FDA I . -18.83 -11.66 6.55
C5A FDA I . -18.30 -11.50 5.31
C6A FDA I . -18.86 -11.45 4.03
N6A FDA I . -20.20 -11.53 3.87
N1A FDA I . -18.02 -11.27 2.99
C2A FDA I . -16.69 -11.19 3.18
N3A FDA I . -16.09 -11.22 4.38
C4A FDA I . -16.91 -11.39 5.44
N1 FDA I . -20.27 -7.91 20.62
C2 FDA I . -21.34 -7.64 21.38
O2 FDA I . -22.52 -8.05 21.12
N3 FDA I . -21.19 -6.87 22.52
C4 FDA I . -19.99 -6.37 22.91
O4 FDA I . -19.90 -5.73 24.01
C4X FDA I . -18.86 -6.63 22.11
N5 FDA I . -17.61 -6.23 22.47
C5X FDA I . -16.52 -6.82 21.90
C6 FDA I . -15.25 -6.74 22.48
C7 FDA I . -14.14 -7.36 21.91
C7M FDA I . -12.80 -7.24 22.63
C8 FDA I . -14.28 -8.03 20.71
C8M FDA I . -13.09 -8.68 20.02
C9 FDA I . -15.54 -8.13 20.12
C9A FDA I . -16.69 -7.58 20.72
N10 FDA I . -17.96 -7.73 20.15
C10 FDA I . -19.06 -7.41 20.98
C1' FDA I . -18.15 -8.73 19.08
C2' FDA I . -17.88 -8.12 17.72
O2' FDA I . -18.96 -7.26 17.32
C3' FDA I . -17.65 -9.19 16.67
O3' FDA I . -16.33 -9.70 16.94
C4' FDA I . -17.71 -8.64 15.24
O4' FDA I . -19.09 -8.36 14.87
C5' FDA I . -17.15 -9.59 14.18
O5' FDA I . -17.81 -10.86 14.32
P FDA I . -16.97 -12.20 14.48
O1P FDA I . -15.84 -12.01 15.44
O2P FDA I . -17.97 -13.28 14.70
O3P FDA I . -16.29 -12.35 13.02
C1 EDO J . -0.17 -4.96 16.36
O1 EDO J . -1.11 -4.52 15.34
C2 EDO J . 0.66 -6.18 15.96
O2 EDO J . 1.59 -5.90 14.87
C1 EDO K . -18.29 -2.51 22.62
C1 EDO K . -18.68 -2.80 22.37
O1 EDO K . -18.39 -2.75 21.20
O1 EDO K . -19.09 -2.69 20.99
C2 EDO K . -17.00 -1.78 22.98
C2 EDO K . -17.34 -2.12 22.60
O2 EDO K . -16.78 -0.67 22.11
O2 EDO K . -16.58 -2.81 23.61
C1 EDO L . -22.25 -5.76 12.90
C1 EDO L . -22.84 -6.01 13.37
O1 EDO L . -21.85 -4.79 13.89
O1 EDO L . -21.98 -4.92 13.76
C2 EDO L . -23.75 -5.57 12.64
C2 EDO L . -23.00 -6.01 11.85
O2 EDO L . -23.95 -4.66 11.57
O2 EDO L . -21.74 -6.26 11.23
UNK UNX M . 17.04 -31.96 12.63
UNK UNX N . 18.62 -30.25 13.24
UNK UNX O . 19.61 -32.75 12.98
UNK UNX P . 17.59 -36.07 13.73
UNK UNX Q . 18.69 -35.94 16.65
UNK UNX R . 16.13 -36.01 15.84
UNK UNX S . 14.01 -35.22 17.01
PA FDA T . 17.46 3.10 17.11
O1A FDA T . 18.81 2.82 16.54
O2A FDA T . 17.30 4.16 18.15
O5B FDA T . 16.47 3.41 15.86
C5B FDA T . 15.17 4.01 16.05
C4B FDA T . 14.53 4.25 14.70
O4B FDA T . 15.37 5.15 13.96
C3B FDA T . 14.41 3.00 13.82
O3B FDA T . 13.18 3.07 13.08
C2B FDA T . 15.57 3.12 12.86
O2B FDA T . 15.39 2.39 11.62
C1B FDA T . 15.59 4.63 12.66
N9A FDA T . 16.93 5.06 12.19
C8A FDA T . 18.14 4.82 12.79
N7A FDA T . 19.15 5.40 12.10
C5A FDA T . 18.57 6.06 11.06
C6A FDA T . 19.09 6.82 10.01
N6A FDA T . 20.43 7.03 9.88
N1A FDA T . 18.23 7.34 9.12
C2A FDA T . 16.90 7.14 9.26
N3A FDA T . 16.33 6.42 10.24
C4A FDA T . 17.18 5.86 11.12
N1 FDA T . 20.91 -6.51 20.60
C2 FDA T . 21.97 -7.28 20.97
O2 FDA T . 23.12 -6.76 21.02
N3 FDA T . 21.81 -8.58 21.34
C4 FDA T . 20.60 -9.20 21.41
O4 FDA T . 20.55 -10.40 21.81
C4X FDA T . 19.51 -8.48 20.98
N5 FDA T . 18.26 -9.04 21.00
C5X FDA T . 17.16 -8.20 20.95
C6 FDA T . 15.93 -8.66 21.39
C7 FDA T . 14.80 -7.84 21.40
C7M FDA T . 13.47 -8.40 21.89
C8 FDA T . 14.91 -6.56 20.93
C8M FDA T . 13.69 -5.62 20.85
C9 FDA T . 16.15 -6.08 20.50
C9A FDA T . 17.29 -6.90 20.52
N10 FDA T . 18.57 -6.40 20.19
C10 FDA T . 19.70 -7.15 20.58
C1' FDA T . 18.73 -4.94 20.01
C2' FDA T . 18.41 -4.55 18.58
O2' FDA T . 19.49 -4.90 17.71
C3' FDA T . 18.18 -3.04 18.43
O3' FDA T . 16.90 -2.83 19.00
C4' FDA T . 18.25 -2.56 16.99
O4' FDA T . 19.63 -2.54 16.52
C5' FDA T . 17.66 -1.18 16.82
O5' FDA T . 18.33 -0.23 17.67
P FDA T . 17.49 0.68 18.68
O1P FDA T . 16.39 -0.10 19.32
O2P FDA T . 18.46 1.39 19.55
O3P FDA T . 16.77 1.74 17.71
C1 EDO U . 18.72 -11.75 18.72
C1 EDO U . 19.43 -11.59 18.65
O1 EDO U . 18.95 -10.96 17.55
O1 EDO U . 19.72 -10.71 17.56
C2 EDO U . 17.70 -12.86 18.50
C2 EDO U . 18.13 -12.37 18.45
O2 EDO U . 17.40 -13.05 17.13
O2 EDO U . 17.32 -12.27 19.64
C1 EDO V . 22.92 -3.08 13.56
O1 EDO V . 22.32 -4.38 13.45
C2 EDO V . 24.29 -3.06 12.93
O2 EDO V . 24.22 -3.11 11.49
UNK UNX W . -17.18 31.86 -12.46
UNK UNX X . -19.16 30.81 -12.97
UNK UNX Y . -19.30 33.35 -12.75
UNK UNX Z . -20.41 34.47 -10.96
UNK UNX AA . -20.62 35.91 -13.03
UNK UNX BA . -22.56 32.87 -14.62
UNK UNX CA . -21.03 32.92 -16.41
UNK UNX DA . -21.74 31.45 -18.43
PA FDA EA . 13.51 17.91 -9.99
O1A FDA EA . 13.54 19.14 -9.08
O2A FDA EA . 14.73 17.54 -10.78
O5B FDA EA . 13.09 16.70 -9.02
C5B FDA EA . 13.19 15.31 -9.50
C4B FDA EA . 12.81 14.37 -8.39
O4B FDA EA . 13.71 14.62 -7.28
C3B FDA EA . 11.40 14.58 -7.89
O3B FDA EA . 10.81 13.33 -7.51
C2B FDA EA . 11.62 15.39 -6.60
O2B FDA EA . 10.55 15.28 -5.62
C1B FDA EA . 12.92 14.79 -6.11
N9A FDA EA . 13.67 15.69 -5.19
C8A FDA EA . 14.02 17.00 -5.45
N7A FDA EA . 14.66 17.52 -4.40
C5A FDA EA . 14.75 16.52 -3.44
C6A FDA EA . 15.27 16.48 -2.16
N6A FDA EA . 15.89 17.59 -1.62
N1A FDA EA . 15.18 15.32 -1.48
C2A FDA EA . 14.57 14.25 -2.00
N3A FDA EA . 14.03 14.24 -3.22
C4A FDA EA . 14.10 15.39 -3.95
N1 FDA EA . 7.11 25.57 -14.10
C2 FDA EA . 6.93 26.91 -14.29
O2 FDA EA . 7.77 27.77 -13.88
N3 FDA EA . 5.84 27.35 -14.96
C4 FDA EA . 4.89 26.54 -15.50
O4 FDA EA . 3.93 27.03 -16.15
C4X FDA EA . 5.01 25.16 -15.27
N5 FDA EA . 4.09 24.30 -15.80
C5X FDA EA . 4.46 22.95 -15.91
C6 FDA EA . 3.78 22.14 -16.78
C7 FDA EA . 4.10 20.78 -16.95
C7M FDA EA . 3.36 19.95 -17.95
C8 FDA EA . 5.17 20.28 -16.19
C8M FDA EA . 5.60 18.82 -16.29
C9 FDA EA . 5.88 21.11 -15.34
C9A FDA EA . 5.55 22.48 -15.19
N10 FDA EA . 6.34 23.36 -14.36
C10 FDA EA . 6.15 24.73 -14.60
C1' FDA EA . 7.62 22.84 -13.87
C2' FDA EA . 7.43 22.14 -12.54
O2' FDA EA . 7.18 23.15 -11.52
C3' FDA EA . 8.64 21.30 -12.21
O3' FDA EA . 8.59 20.18 -13.10
C4' FDA EA . 8.65 20.86 -10.75
O4' FDA EA . 9.03 21.99 -9.90
C5' FDA EA . 9.68 19.79 -10.46
O5' FDA EA . 11.00 20.19 -10.90
P FDA EA . 11.84 19.26 -11.90
O1P FDA EA . 10.94 18.71 -12.98
O2P FDA EA . 13.10 20.02 -12.23
O3P FDA EA . 12.23 17.96 -10.97
C1 EDO FA . 0.94 25.60 -13.93
C1 EDO FA . 1.72 25.14 -13.77
O1 EDO FA . 1.63 24.98 -12.85
O1 EDO FA . 1.85 25.56 -12.40
C2 EDO FA . -0.22 24.71 -14.39
C2 EDO FA . 0.29 24.84 -14.14
O2 EDO FA . -0.95 24.29 -13.25
O2 EDO FA . 0.31 24.38 -15.51
C1 EDO GA . 8.71 24.86 -6.35
C1 EDO GA . 8.59 25.08 -6.56
O1 EDO GA . 7.41 24.32 -6.13
O1 EDO GA . 7.19 24.75 -6.72
C2 EDO GA . 9.29 25.41 -5.04
C2 EDO GA . 9.11 24.70 -5.19
O2 EDO GA . 8.37 25.37 -3.95
O2 EDO GA . 9.19 23.28 -5.04
#